data_7E9K
#
_entry.id   7E9K
#
_cell.length_a   86.150
_cell.length_b   104.401
_cell.length_c   148.639
_cell.angle_alpha   90.000
_cell.angle_beta   90.104
_cell.angle_gamma   90.000
#
_symmetry.space_group_name_H-M   'P 1 21 1'
#
loop_
_entity.id
_entity.type
_entity.pdbx_description
1 polymer 'Protein O-linked-mannose beta-1,4-N-acetylglucosaminyltransferase 2'
2 polymer 'mono-mannosyl peptide (379Man long peptide)'
3 branched 2-acetamido-2-deoxy-beta-D-glucopyranose-(1-4)-2-acetamido-2-deoxy-beta-D-glucopyranose
4 non-polymer 2-acetamido-2-deoxy-beta-D-glucopyranose
5 non-polymer "URIDINE-5'-DIPHOSPHATE"
6 non-polymer 2-AMINO-2-HYDROXYMETHYL-PROPANE-1,3-DIOL
7 non-polymer alpha-D-mannopyranose
8 water water
#
loop_
_entity_poly.entity_id
_entity_poly.type
_entity_poly.pdbx_seq_one_letter_code
_entity_poly.pdbx_strand_id
1 'polypeptide(L)'
;GAPPAPALRIDYPKALQILTEGGTHMVCTGRTHTDRLCRFKWLCYSSEAEEFIFFHGNASVMLPSLGSRRFQPALLDLST
VEDHNTQYFNFVELPAAALRFMPKPVFVPDVALIANRFNPDNLMHVFHDDLLPLFYTLRQFPGLAREARLFFMEGWGEGA
HFDLYKLLSPKQPLLRAQLKALGRLLCFSHAFVGLSKVTTWYQYGFVQPQGPKANILVSGNEIRQFAHFLMEKLNVSQAG
GPLGEEYILVFSRTQNRLILNEAELLLALAQEFQMKTVTVSLEDHAFADVVRLVSNASMLVSMHGAQLVTALFLPRGAAV
VELFPYAVNPDHYTPYKTLATLPGMDLQYIAWQNTMPENTVTHPERPWDQGGIAHLDRAEQARILQSREVPRHLCCRNPE
WLFRIYQDTKVDIPSLIQTIRRVVKGHPGPRKQKWTVSLYPGKVREARCQASVQGASEARLSVSWQIPWNLKYLKVREVK
YEVWLQEQGENTYVPYMLALQNHTFTENIKPFTTYLVWIRCIFNKTLLGPFADVLVCST
;
A,B,D,E
2 'polypeptide(L)' (ACE)TIRTRGAIIQTPTLGPIQPTR(NH2) C,F
#
# COMPACT_ATOMS: atom_id res chain seq x y z
N PRO A 4 -14.18 -28.52 -22.70
CA PRO A 4 -14.90 -27.24 -22.85
C PRO A 4 -16.24 -27.25 -22.10
N ALA A 5 -16.35 -26.40 -21.08
CA ALA A 5 -17.53 -26.35 -20.23
C ALA A 5 -18.35 -25.09 -20.52
N PRO A 6 -19.67 -25.14 -20.37
CA PRO A 6 -20.49 -23.96 -20.63
C PRO A 6 -20.18 -22.85 -19.63
N ALA A 7 -20.08 -21.63 -20.14
CA ALA A 7 -19.85 -20.44 -19.31
C ALA A 7 -21.19 -19.84 -18.89
N LEU A 8 -21.97 -20.65 -18.17
CA LEU A 8 -23.33 -20.27 -17.80
C LEU A 8 -23.31 -18.99 -16.95
N ARG A 9 -24.03 -17.98 -17.42
CA ARG A 9 -24.23 -16.75 -16.66
C ARG A 9 -25.52 -16.88 -15.86
N ILE A 10 -25.95 -15.78 -15.26
CA ILE A 10 -27.18 -15.78 -14.48
C ILE A 10 -28.36 -15.59 -15.43
N ASP A 11 -29.47 -16.27 -15.12
CA ASP A 11 -30.75 -15.99 -15.77
C ASP A 11 -31.36 -14.82 -15.01
N TYR A 12 -31.16 -13.61 -15.52
CA TYR A 12 -31.47 -12.42 -14.75
C TYR A 12 -32.95 -12.30 -14.38
N PRO A 13 -33.91 -12.45 -15.30
CA PRO A 13 -35.31 -12.35 -14.89
C PRO A 13 -35.71 -13.39 -13.85
N LYS A 14 -35.16 -14.61 -13.95
CA LYS A 14 -35.47 -15.63 -12.96
C LYS A 14 -34.86 -15.30 -11.60
N ALA A 15 -33.58 -14.91 -11.59
CA ALA A 15 -32.93 -14.56 -10.34
C ALA A 15 -33.59 -13.36 -9.68
N LEU A 16 -33.92 -12.34 -10.47
CA LEU A 16 -34.57 -11.16 -9.91
C LEU A 16 -35.94 -11.51 -9.33
N GLN A 17 -36.65 -12.43 -9.97
CA GLN A 17 -37.97 -12.81 -9.48
C GLN A 17 -37.87 -13.60 -8.18
N ILE A 18 -36.94 -14.56 -8.12
CA ILE A 18 -36.76 -15.35 -6.90
C ILE A 18 -36.31 -14.46 -5.75
N LEU A 19 -35.42 -13.51 -6.03
CA LEU A 19 -34.97 -12.57 -5.01
C LEU A 19 -36.13 -11.67 -4.56
N THR A 20 -36.82 -11.05 -5.51
CA THR A 20 -37.83 -10.06 -5.17
C THR A 20 -39.03 -10.70 -4.46
N GLU A 21 -39.38 -11.93 -4.84
CA GLU A 21 -40.53 -12.59 -4.23
C GLU A 21 -40.15 -13.45 -3.03
N GLY A 22 -39.02 -14.15 -3.10
CA GLY A 22 -38.64 -15.10 -2.07
C GLY A 22 -37.80 -14.53 -0.95
N GLY A 23 -36.87 -13.64 -1.28
CA GLY A 23 -36.03 -13.03 -0.26
C GLY A 23 -34.81 -13.86 0.09
N THR A 24 -34.12 -13.40 1.13
CA THR A 24 -32.87 -14.01 1.56
C THR A 24 -33.14 -15.26 2.40
N HIS A 25 -32.21 -16.21 2.33
CA HIS A 25 -32.28 -17.48 3.04
C HIS A 25 -30.98 -17.69 3.80
N MET A 26 -31.08 -18.00 5.10
CA MET A 26 -29.89 -18.12 5.94
C MET A 26 -30.02 -19.30 6.89
N VAL A 27 -29.02 -20.19 6.86
CA VAL A 27 -28.94 -21.33 7.77
C VAL A 27 -27.50 -21.43 8.27
N CYS A 28 -27.31 -21.40 9.58
CA CYS A 28 -25.98 -21.32 10.20
C CYS A 28 -25.82 -22.39 11.27
N THR A 29 -24.57 -22.77 11.49
CA THR A 29 -24.19 -23.73 12.51
C THR A 29 -23.83 -23.02 13.81
N GLY A 30 -23.64 -23.83 14.87
CA GLY A 30 -23.19 -23.31 16.15
C GLY A 30 -24.23 -22.53 16.91
N ARG A 31 -24.06 -22.43 18.23
CA ARG A 31 -24.98 -21.68 19.07
C ARG A 31 -24.42 -20.34 19.55
N THR A 32 -23.14 -20.07 19.33
CA THR A 32 -22.54 -18.79 19.64
C THR A 32 -21.91 -18.18 18.39
N HIS A 33 -21.69 -16.87 18.43
CA HIS A 33 -21.12 -16.17 17.28
C HIS A 33 -19.65 -16.52 17.07
N THR A 34 -18.98 -17.08 18.08
CA THR A 34 -17.56 -17.39 17.95
C THR A 34 -17.30 -18.71 17.22
N ASP A 35 -18.33 -19.53 17.00
CA ASP A 35 -18.17 -20.81 16.32
C ASP A 35 -19.33 -21.03 15.35
N ARG A 36 -19.59 -20.04 14.51
CA ARG A 36 -20.75 -20.03 13.64
C ARG A 36 -20.31 -19.87 12.18
N LEU A 37 -20.83 -20.75 11.32
CA LEU A 37 -20.68 -20.65 9.88
C LEU A 37 -22.06 -20.60 9.23
N CYS A 38 -22.22 -19.69 8.27
CA CYS A 38 -23.51 -19.36 7.68
C CYS A 38 -23.56 -19.69 6.19
N ARG A 39 -24.66 -20.31 5.77
CA ARG A 39 -24.95 -20.52 4.36
C ARG A 39 -26.09 -19.60 3.96
N PHE A 40 -25.83 -18.70 3.02
CA PHE A 40 -26.82 -17.75 2.55
C PHE A 40 -27.26 -18.09 1.12
N LYS A 41 -28.51 -17.77 0.83
CA LYS A 41 -29.03 -17.73 -0.53
C LYS A 41 -29.68 -16.38 -0.75
N TRP A 42 -29.28 -15.70 -1.82
CA TRP A 42 -29.84 -14.38 -2.17
C TRP A 42 -29.57 -13.35 -1.08
N LEU A 43 -28.36 -13.39 -0.53
CA LEU A 43 -27.87 -12.32 0.34
C LEU A 43 -27.28 -11.21 -0.52
N CYS A 44 -27.56 -9.96 -0.14
CA CYS A 44 -27.28 -8.76 -0.92
C CYS A 44 -26.32 -7.84 -0.18
N TYR A 45 -25.72 -6.95 -0.96
CA TYR A 45 -24.70 -6.05 -0.44
C TYR A 45 -24.74 -4.74 -1.21
N SER A 46 -24.90 -3.63 -0.48
CA SER A 46 -24.85 -2.30 -1.08
C SER A 46 -23.43 -1.77 -0.97
N SER A 47 -22.79 -1.54 -2.12
CA SER A 47 -21.41 -1.05 -2.12
C SER A 47 -21.31 0.39 -1.63
N GLU A 48 -22.40 1.16 -1.71
CA GLU A 48 -22.36 2.54 -1.22
C GLU A 48 -22.38 2.58 0.31
N ALA A 49 -23.29 1.84 0.94
CA ALA A 49 -23.36 1.78 2.39
C ALA A 49 -22.37 0.80 2.98
N GLU A 50 -21.78 -0.09 2.17
CA GLU A 50 -20.90 -1.15 2.64
C GLU A 50 -21.59 -1.99 3.71
N GLU A 51 -22.81 -2.43 3.40
CA GLU A 51 -23.62 -3.21 4.31
C GLU A 51 -24.26 -4.37 3.57
N PHE A 52 -24.14 -5.56 4.14
CA PHE A 52 -24.90 -6.70 3.64
C PHE A 52 -26.38 -6.53 4.00
N ILE A 53 -27.25 -7.02 3.13
CA ILE A 53 -28.69 -6.81 3.25
C ILE A 53 -29.40 -8.16 3.26
N PHE A 54 -30.24 -8.36 4.26
CA PHE A 54 -31.18 -9.48 4.32
C PHE A 54 -32.54 -8.98 3.87
N PHE A 55 -33.03 -9.49 2.74
CA PHE A 55 -34.33 -9.12 2.21
C PHE A 55 -35.37 -10.15 2.66
N HIS A 56 -36.38 -9.68 3.40
CA HIS A 56 -37.45 -10.55 3.87
C HIS A 56 -38.46 -10.77 2.75
N GLY A 57 -38.51 -11.99 2.21
CA GLY A 57 -39.48 -12.36 1.21
C GLY A 57 -40.39 -13.46 1.69
N ASN A 58 -41.18 -14.05 0.79
CA ASN A 58 -42.15 -15.06 1.18
C ASN A 58 -41.54 -16.45 1.35
N ALA A 59 -40.26 -16.63 1.03
CA ALA A 59 -39.55 -17.88 1.28
C ALA A 59 -38.40 -17.69 2.25
N SER A 60 -38.37 -16.58 2.99
CA SER A 60 -37.21 -16.25 3.81
C SER A 60 -37.10 -17.17 5.02
N VAL A 61 -35.85 -17.44 5.41
CA VAL A 61 -35.52 -18.25 6.57
C VAL A 61 -34.31 -17.62 7.24
N MET A 62 -34.36 -17.46 8.57
CA MET A 62 -33.26 -16.90 9.35
C MET A 62 -32.98 -17.83 10.53
N LEU A 63 -31.97 -18.68 10.38
CA LEU A 63 -31.58 -19.62 11.42
C LEU A 63 -30.09 -19.45 11.70
N PRO A 64 -29.70 -19.03 12.91
CA PRO A 64 -30.60 -18.79 14.04
C PRO A 64 -31.37 -17.47 13.96
N SER A 65 -32.54 -17.44 14.59
CA SER A 65 -33.36 -16.24 14.70
C SER A 65 -33.09 -15.64 16.07
N LEU A 66 -32.23 -14.62 16.11
CA LEU A 66 -31.69 -14.11 17.36
C LEU A 66 -32.44 -12.91 17.92
N GLY A 67 -33.31 -12.27 17.13
CA GLY A 67 -33.94 -11.06 17.62
C GLY A 67 -32.91 -9.98 17.88
N SER A 68 -33.05 -9.32 19.04
CA SER A 68 -32.08 -8.30 19.42
C SER A 68 -30.72 -8.89 19.74
N ARG A 69 -30.65 -10.19 20.04
CA ARG A 69 -29.37 -10.83 20.34
C ARG A 69 -28.44 -10.89 19.14
N ARG A 70 -28.93 -10.59 17.94
CA ARG A 70 -28.07 -10.55 16.77
C ARG A 70 -27.03 -9.44 16.86
N PHE A 71 -27.22 -8.48 17.78
CA PHE A 71 -26.28 -7.38 17.98
C PHE A 71 -25.59 -7.45 19.33
N GLN A 72 -25.50 -8.64 19.92
CA GLN A 72 -24.83 -8.86 21.20
C GLN A 72 -23.89 -10.05 21.09
N PRO A 73 -22.73 -9.88 20.42
CA PRO A 73 -22.31 -8.63 19.78
C PRO A 73 -22.64 -8.56 18.28
N ALA A 74 -22.74 -9.71 17.62
CA ALA A 74 -22.96 -9.77 16.18
C ALA A 74 -23.39 -11.18 15.82
N LEU A 75 -23.52 -11.43 14.52
CA LEU A 75 -23.95 -12.75 14.05
C LEU A 75 -22.82 -13.77 14.14
N LEU A 76 -21.62 -13.40 13.69
CA LEU A 76 -20.49 -14.33 13.69
C LEU A 76 -19.18 -13.56 13.59
N ASP A 77 -18.09 -14.27 13.85
CA ASP A 77 -16.75 -13.76 13.64
C ASP A 77 -16.38 -13.91 12.16
N LEU A 78 -16.03 -12.79 11.52
CA LEU A 78 -15.60 -12.85 10.12
C LEU A 78 -14.15 -13.25 9.97
N SER A 79 -13.35 -13.10 11.02
CA SER A 79 -11.97 -13.57 11.05
C SER A 79 -11.81 -14.62 12.16
N THR A 80 -10.66 -15.26 12.18
CA THR A 80 -10.42 -16.35 13.13
C THR A 80 -9.92 -15.86 14.49
N VAL A 81 -9.69 -14.55 14.65
CA VAL A 81 -9.33 -14.00 15.95
C VAL A 81 -10.60 -13.89 16.78
N GLU A 82 -10.68 -14.66 17.87
CA GLU A 82 -11.94 -14.89 18.55
C GLU A 82 -12.50 -13.60 19.16
N ASP A 83 -13.76 -13.33 18.87
CA ASP A 83 -14.52 -12.23 19.48
C ASP A 83 -13.86 -10.88 19.29
N HIS A 84 -13.01 -10.73 18.27
CA HIS A 84 -12.38 -9.46 17.99
C HIS A 84 -13.43 -8.49 17.45
N ASN A 85 -13.63 -7.38 18.17
CA ASN A 85 -14.79 -6.52 17.92
C ASN A 85 -14.65 -5.63 16.68
N THR A 86 -13.57 -5.78 15.90
CA THR A 86 -13.48 -5.12 14.61
C THR A 86 -13.64 -6.10 13.45
N GLN A 87 -13.91 -7.37 13.74
CA GLN A 87 -13.99 -8.41 12.71
C GLN A 87 -15.34 -9.12 12.74
N TYR A 88 -16.39 -8.44 13.20
CA TYR A 88 -17.72 -9.01 13.25
C TYR A 88 -18.38 -8.97 11.88
N PHE A 89 -19.29 -9.91 11.66
CA PHE A 89 -20.18 -9.89 10.49
C PHE A 89 -21.61 -9.66 10.95
N ASN A 90 -22.35 -8.88 10.18
CA ASN A 90 -23.77 -8.70 10.39
C ASN A 90 -24.38 -8.14 9.11
N PHE A 91 -25.71 -8.09 9.09
CA PHE A 91 -26.45 -7.53 7.97
C PHE A 91 -27.51 -6.57 8.51
N VAL A 92 -28.05 -5.77 7.61
CA VAL A 92 -29.23 -4.97 7.88
C VAL A 92 -30.40 -5.59 7.12
N GLU A 93 -31.61 -5.37 7.63
CA GLU A 93 -32.80 -6.01 7.08
C GLU A 93 -33.67 -5.00 6.36
N LEU A 94 -34.34 -5.47 5.32
CA LEU A 94 -35.33 -4.72 4.56
C LEU A 94 -36.35 -5.71 4.02
N PRO A 95 -37.59 -5.28 3.80
CA PRO A 95 -38.53 -6.14 3.08
C PRO A 95 -38.13 -6.23 1.62
N ALA A 96 -38.36 -7.41 1.03
CA ALA A 96 -38.00 -7.62 -0.37
C ALA A 96 -38.66 -6.60 -1.28
N ALA A 97 -39.83 -6.08 -0.88
CA ALA A 97 -40.49 -5.07 -1.68
C ALA A 97 -39.66 -3.80 -1.80
N ALA A 98 -38.79 -3.51 -0.83
CA ALA A 98 -37.99 -2.29 -0.87
C ALA A 98 -37.05 -2.22 -2.06
N LEU A 99 -36.88 -3.32 -2.81
CA LEU A 99 -36.07 -3.29 -4.03
C LEU A 99 -36.63 -2.31 -5.04
N ARG A 100 -37.90 -1.90 -4.92
CA ARG A 100 -38.47 -0.93 -5.83
C ARG A 100 -37.82 0.44 -5.70
N PHE A 101 -37.21 0.75 -4.55
CA PHE A 101 -36.58 2.04 -4.33
C PHE A 101 -35.07 2.02 -4.62
N MET A 102 -34.55 0.96 -5.21
CA MET A 102 -33.12 0.77 -5.36
C MET A 102 -32.79 0.49 -6.83
N PRO A 103 -31.53 0.67 -7.22
CA PRO A 103 -31.11 0.25 -8.56
C PRO A 103 -31.25 -1.25 -8.73
N LYS A 104 -31.34 -1.67 -9.99
CA LYS A 104 -31.46 -3.09 -10.28
C LYS A 104 -30.19 -3.82 -9.84
N PRO A 105 -30.32 -4.97 -9.19
CA PRO A 105 -29.14 -5.61 -8.61
C PRO A 105 -28.26 -6.26 -9.67
N VAL A 106 -26.98 -6.38 -9.32
CA VAL A 106 -26.02 -7.16 -10.09
C VAL A 106 -25.78 -8.46 -9.33
N PHE A 107 -25.99 -9.59 -10.00
CA PHE A 107 -25.91 -10.89 -9.35
C PHE A 107 -24.50 -11.46 -9.46
N VAL A 108 -24.08 -12.14 -8.40
CA VAL A 108 -22.82 -12.88 -8.40
C VAL A 108 -23.15 -14.35 -8.66
N PRO A 109 -22.84 -14.89 -9.84
CA PRO A 109 -23.19 -16.28 -10.11
C PRO A 109 -22.32 -17.27 -9.34
N ASP A 110 -21.05 -16.95 -9.10
CA ASP A 110 -20.16 -17.85 -8.40
C ASP A 110 -20.60 -18.04 -6.96
N VAL A 111 -20.47 -19.27 -6.47
CA VAL A 111 -20.62 -19.51 -5.04
C VAL A 111 -19.47 -18.83 -4.31
N ALA A 112 -19.79 -18.12 -3.23
CA ALA A 112 -18.82 -17.25 -2.58
C ALA A 112 -18.54 -17.73 -1.16
N LEU A 113 -17.30 -17.51 -0.73
CA LEU A 113 -16.91 -17.63 0.67
C LEU A 113 -16.44 -16.25 1.12
N ILE A 114 -17.12 -15.70 2.12
CA ILE A 114 -16.85 -14.34 2.60
C ILE A 114 -16.13 -14.44 3.94
N ALA A 115 -15.01 -13.73 4.05
CA ALA A 115 -14.18 -13.81 5.25
C ALA A 115 -13.33 -12.55 5.35
N ASN A 116 -12.69 -12.39 6.50
CA ASN A 116 -11.82 -11.26 6.78
C ASN A 116 -10.41 -11.77 7.06
N ARG A 117 -9.43 -11.17 6.40
CA ARG A 117 -8.02 -11.42 6.70
C ARG A 117 -7.59 -10.53 7.85
N PHE A 118 -6.86 -11.10 8.80
CA PHE A 118 -6.48 -10.35 9.99
C PHE A 118 -5.34 -9.38 9.70
N ASN A 119 -4.21 -9.89 9.23
CA ASN A 119 -3.05 -9.07 8.91
C ASN A 119 -2.37 -9.67 7.68
N PRO A 120 -2.85 -9.34 6.48
CA PRO A 120 -2.29 -9.91 5.25
C PRO A 120 -0.85 -9.49 4.97
N ASP A 121 -0.24 -8.63 5.79
CA ASP A 121 1.16 -8.24 5.60
C ASP A 121 2.13 -9.08 6.43
N ASN A 122 1.63 -9.96 7.30
CA ASN A 122 2.47 -10.79 8.16
C ASN A 122 2.29 -12.24 7.74
N LEU A 123 3.41 -12.90 7.39
CA LEU A 123 3.34 -14.26 6.88
C LEU A 123 2.73 -15.21 7.90
N MET A 124 3.01 -15.00 9.18
CA MET A 124 2.46 -15.88 10.20
C MET A 124 0.95 -15.69 10.34
N HIS A 125 0.48 -14.45 10.33
CA HIS A 125 -0.96 -14.21 10.36
C HIS A 125 -1.64 -14.76 9.12
N VAL A 126 -0.99 -14.60 7.95
CA VAL A 126 -1.56 -15.11 6.71
C VAL A 126 -1.80 -16.61 6.80
N PHE A 127 -0.81 -17.35 7.29
CA PHE A 127 -0.92 -18.80 7.35
C PHE A 127 -1.84 -19.23 8.49
N HIS A 128 -1.65 -18.66 9.68
CA HIS A 128 -2.38 -19.13 10.85
C HIS A 128 -3.82 -18.63 10.86
N ASP A 129 -4.04 -17.35 10.56
CA ASP A 129 -5.37 -16.77 10.67
C ASP A 129 -6.21 -16.95 9.41
N ASP A 130 -5.60 -17.15 8.25
CA ASP A 130 -6.33 -17.13 6.98
C ASP A 130 -6.18 -18.41 6.18
N LEU A 131 -4.96 -18.79 5.79
CA LEU A 131 -4.78 -19.85 4.80
C LEU A 131 -5.27 -21.20 5.31
N LEU A 132 -4.85 -21.59 6.51
CA LEU A 132 -5.27 -22.87 7.07
C LEU A 132 -6.76 -22.88 7.40
N PRO A 133 -7.33 -21.82 8.00
CA PRO A 133 -8.78 -21.81 8.17
C PRO A 133 -9.55 -21.85 6.87
N LEU A 134 -9.13 -21.09 5.86
CA LEU A 134 -9.81 -21.11 4.56
C LEU A 134 -9.79 -22.51 3.95
N PHE A 135 -8.63 -23.18 4.02
CA PHE A 135 -8.47 -24.48 3.38
C PHE A 135 -9.49 -25.48 3.88
N TYR A 136 -9.71 -25.54 5.20
CA TYR A 136 -10.62 -26.52 5.77
C TYR A 136 -12.05 -26.01 5.90
N THR A 137 -12.25 -24.70 5.90
CA THR A 137 -13.62 -24.18 5.84
C THR A 137 -14.25 -24.50 4.48
N LEU A 138 -13.46 -24.35 3.41
CA LEU A 138 -13.95 -24.72 2.07
C LEU A 138 -14.33 -26.20 2.03
N ARG A 139 -13.53 -27.05 2.67
CA ARG A 139 -13.80 -28.49 2.66
C ARG A 139 -14.85 -28.91 3.67
N GLN A 140 -15.46 -27.96 4.38
CA GLN A 140 -16.58 -28.28 5.27
C GLN A 140 -17.87 -28.45 4.50
N PHE A 141 -18.00 -27.81 3.34
CA PHE A 141 -19.21 -27.82 2.55
C PHE A 141 -18.94 -28.37 1.16
N PRO A 142 -19.73 -29.31 0.66
CA PRO A 142 -19.44 -29.92 -0.65
C PRO A 142 -19.46 -28.89 -1.77
N GLY A 143 -18.48 -29.00 -2.67
CA GLY A 143 -18.39 -28.18 -3.85
C GLY A 143 -17.58 -26.91 -3.69
N LEU A 144 -17.46 -26.39 -2.47
CA LEU A 144 -16.79 -25.11 -2.26
C LEU A 144 -15.32 -25.17 -2.70
N ALA A 145 -14.63 -26.27 -2.38
CA ALA A 145 -13.20 -26.34 -2.66
C ALA A 145 -12.88 -26.19 -4.13
N ARG A 146 -13.79 -26.61 -5.01
CA ARG A 146 -13.56 -26.56 -6.45
C ARG A 146 -14.19 -25.36 -7.13
N GLU A 147 -15.12 -24.66 -6.48
CA GLU A 147 -15.91 -23.63 -7.14
C GLU A 147 -15.95 -22.28 -6.45
N ALA A 148 -15.52 -22.18 -5.20
CA ALA A 148 -15.74 -20.94 -4.45
C ALA A 148 -14.83 -19.82 -4.94
N ARG A 149 -15.39 -18.61 -4.98
CA ARG A 149 -14.63 -17.39 -5.16
C ARG A 149 -14.56 -16.68 -3.82
N LEU A 150 -13.34 -16.34 -3.40
CA LEU A 150 -13.14 -15.72 -2.09
C LEU A 150 -13.43 -14.22 -2.16
N PHE A 151 -14.11 -13.72 -1.12
CA PHE A 151 -14.41 -12.31 -0.98
C PHE A 151 -13.83 -11.83 0.34
N PHE A 152 -12.75 -11.06 0.27
CA PHE A 152 -12.05 -10.56 1.46
C PHE A 152 -12.59 -9.17 1.78
N MET A 153 -13.30 -9.06 2.91
CA MET A 153 -14.07 -7.87 3.24
C MET A 153 -13.44 -7.03 4.35
N GLU A 154 -12.23 -7.37 4.80
CA GLU A 154 -11.64 -6.66 5.93
C GLU A 154 -11.21 -5.25 5.58
N GLY A 155 -10.99 -4.94 4.31
CA GLY A 155 -10.67 -3.60 3.88
C GLY A 155 -9.23 -3.35 3.50
N TRP A 156 -8.34 -4.32 3.67
CA TRP A 156 -6.94 -4.12 3.29
C TRP A 156 -6.76 -4.39 1.80
N GLY A 157 -5.63 -3.93 1.28
CA GLY A 157 -5.26 -4.22 -0.08
C GLY A 157 -4.80 -5.67 -0.24
N GLU A 158 -4.13 -5.91 -1.36
CA GLU A 158 -3.66 -7.26 -1.66
C GLU A 158 -2.68 -7.76 -0.61
N GLY A 159 -1.77 -6.90 -0.18
CA GLY A 159 -0.75 -7.29 0.79
C GLY A 159 0.43 -7.97 0.12
N ALA A 160 1.45 -8.25 0.94
CA ALA A 160 2.70 -8.80 0.43
C ALA A 160 2.59 -10.26 0.04
N HIS A 161 1.51 -10.95 0.39
CA HIS A 161 1.41 -12.39 0.18
C HIS A 161 0.12 -12.76 -0.55
N PHE A 162 -0.37 -11.88 -1.42
CA PHE A 162 -1.62 -12.14 -2.12
C PHE A 162 -1.54 -13.38 -3.01
N ASP A 163 -0.35 -13.68 -3.54
CA ASP A 163 -0.22 -14.85 -4.40
CA ASP A 163 -0.19 -14.85 -4.39
C ASP A 163 -0.47 -16.15 -3.63
N LEU A 164 -0.30 -16.15 -2.31
CA LEU A 164 -0.62 -17.33 -1.53
C LEU A 164 -2.13 -17.51 -1.39
N TYR A 165 -2.86 -16.40 -1.25
CA TYR A 165 -4.32 -16.47 -1.19
C TYR A 165 -4.88 -17.02 -2.49
N LYS A 166 -4.28 -16.66 -3.63
CA LYS A 166 -4.77 -17.14 -4.92
C LYS A 166 -4.58 -18.65 -5.08
N LEU A 167 -3.68 -19.26 -4.31
CA LEU A 167 -3.48 -20.70 -4.39
C LEU A 167 -4.63 -21.48 -3.75
N LEU A 168 -5.42 -20.84 -2.88
CA LEU A 168 -6.45 -21.52 -2.12
C LEU A 168 -7.79 -21.56 -2.85
N SER A 169 -7.82 -21.16 -4.11
CA SER A 169 -9.06 -21.04 -4.87
C SER A 169 -8.72 -21.05 -6.35
N PRO A 170 -9.56 -21.69 -7.18
CA PRO A 170 -9.31 -21.63 -8.62
C PRO A 170 -9.73 -20.31 -9.25
N LYS A 171 -10.59 -19.54 -8.60
CA LYS A 171 -11.05 -18.25 -9.12
C LYS A 171 -10.32 -17.11 -8.41
N GLN A 172 -10.19 -16.00 -9.13
CA GLN A 172 -9.51 -14.84 -8.58
C GLN A 172 -10.30 -14.28 -7.40
N PRO A 173 -9.67 -14.07 -6.25
CA PRO A 173 -10.39 -13.50 -5.11
C PRO A 173 -10.61 -12.01 -5.30
N LEU A 174 -11.68 -11.52 -4.68
CA LEU A 174 -12.07 -10.12 -4.78
C LEU A 174 -11.93 -9.44 -3.43
N LEU A 175 -11.49 -8.19 -3.46
CA LEU A 175 -11.42 -7.34 -2.28
C LEU A 175 -12.65 -6.46 -2.21
N ARG A 176 -12.90 -5.92 -1.01
CA ARG A 176 -14.10 -5.11 -0.81
C ARG A 176 -14.09 -3.86 -1.67
N ALA A 177 -12.92 -3.24 -1.83
CA ALA A 177 -12.83 -2.01 -2.63
C ALA A 177 -13.20 -2.25 -4.08
N GLN A 178 -13.02 -3.47 -4.57
CA GLN A 178 -13.37 -3.80 -5.96
C GLN A 178 -14.86 -3.96 -6.18
N LEU A 179 -15.67 -4.01 -5.12
CA LEU A 179 -17.09 -4.28 -5.30
C LEU A 179 -17.87 -3.06 -5.78
N LYS A 180 -17.40 -1.85 -5.46
CA LYS A 180 -18.09 -0.65 -5.92
C LYS A 180 -18.10 -0.56 -7.44
N ALA A 181 -17.10 -1.15 -8.10
CA ALA A 181 -17.05 -1.15 -9.56
C ALA A 181 -18.04 -2.15 -10.15
N LEU A 182 -18.36 -3.21 -9.44
CA LEU A 182 -19.27 -4.23 -9.97
C LEU A 182 -20.71 -3.76 -10.00
N GLY A 183 -21.07 -2.84 -9.11
CA GLY A 183 -22.42 -2.34 -9.05
C GLY A 183 -22.74 -1.76 -7.70
N ARG A 184 -23.80 -0.95 -7.66
CA ARG A 184 -24.23 -0.34 -6.41
C ARG A 184 -24.90 -1.35 -5.50
N LEU A 185 -25.62 -2.32 -6.06
CA LEU A 185 -26.30 -3.36 -5.29
C LEU A 185 -25.90 -4.71 -5.88
N LEU A 186 -25.08 -5.46 -5.13
CA LEU A 186 -24.71 -6.82 -5.49
C LEU A 186 -25.44 -7.82 -4.61
N CYS A 187 -25.82 -8.96 -5.20
CA CYS A 187 -26.63 -9.99 -4.56
C CYS A 187 -26.01 -11.34 -4.86
N PHE A 188 -25.60 -12.06 -3.81
CA PHE A 188 -25.00 -13.37 -3.97
C PHE A 188 -26.11 -14.42 -4.06
N SER A 189 -26.13 -15.18 -5.16
CA SER A 189 -27.08 -16.27 -5.26
C SER A 189 -26.77 -17.38 -4.26
N HIS A 190 -25.49 -17.55 -3.92
CA HIS A 190 -25.06 -18.61 -3.02
C HIS A 190 -23.77 -18.15 -2.35
N ALA A 191 -23.82 -17.92 -1.04
CA ALA A 191 -22.68 -17.40 -0.31
C ALA A 191 -22.54 -18.08 1.04
N PHE A 192 -21.30 -18.39 1.40
CA PHE A 192 -20.96 -18.89 2.73
C PHE A 192 -20.14 -17.84 3.45
N VAL A 193 -20.40 -17.66 4.75
CA VAL A 193 -19.81 -16.59 5.53
C VAL A 193 -19.18 -17.19 6.78
N GLY A 194 -17.93 -16.83 7.04
CA GLY A 194 -17.24 -17.22 8.25
C GLY A 194 -16.04 -18.10 7.96
N LEU A 195 -15.22 -18.26 9.00
CA LEU A 195 -14.05 -19.12 8.97
C LEU A 195 -14.03 -20.00 10.21
N SER A 196 -13.72 -21.27 10.03
CA SER A 196 -13.58 -22.18 11.16
C SER A 196 -12.32 -21.85 11.95
N LYS A 197 -12.41 -21.97 13.27
CA LYS A 197 -11.28 -21.78 14.16
C LYS A 197 -10.58 -23.08 14.51
N VAL A 198 -10.91 -24.18 13.83
CA VAL A 198 -10.47 -25.50 14.27
C VAL A 198 -8.97 -25.70 14.08
N THR A 199 -8.32 -24.95 13.19
CA THR A 199 -6.91 -25.15 12.91
C THR A 199 -6.00 -24.21 13.69
N THR A 200 -6.56 -23.29 14.48
CA THR A 200 -5.74 -22.33 15.20
C THR A 200 -5.10 -22.96 16.43
N TRP A 201 -3.94 -22.42 16.82
CA TRP A 201 -3.23 -22.89 18.00
C TRP A 201 -2.67 -21.77 18.85
N TYR A 202 -2.81 -20.52 18.45
CA TYR A 202 -2.23 -19.40 19.17
C TYR A 202 -3.25 -18.27 19.28
N GLN A 203 -3.15 -17.51 20.37
CA GLN A 203 -3.90 -16.27 20.54
C GLN A 203 -2.90 -15.16 20.86
N TYR A 204 -3.12 -14.00 20.27
CA TYR A 204 -2.09 -12.96 20.20
C TYR A 204 -2.09 -12.00 21.38
N GLY A 205 -2.92 -12.23 22.40
CA GLY A 205 -2.79 -11.46 23.62
C GLY A 205 -3.79 -10.34 23.80
N PHE A 206 -5.04 -10.55 23.39
CA PHE A 206 -6.02 -9.48 23.48
C PHE A 206 -6.72 -9.43 24.84
N VAL A 207 -6.93 -10.58 25.48
CA VAL A 207 -7.62 -10.60 26.77
C VAL A 207 -6.70 -11.14 27.87
N GLN A 208 -5.73 -11.95 27.48
CA GLN A 208 -4.70 -12.46 28.37
C GLN A 208 -3.40 -12.44 27.60
N PRO A 209 -2.24 -12.47 28.28
CA PRO A 209 -0.96 -12.49 27.57
C PRO A 209 -0.93 -13.58 26.51
N GLN A 210 -0.24 -13.28 25.41
CA GLN A 210 -0.24 -14.18 24.26
C GLN A 210 0.28 -15.56 24.65
N GLY A 211 -0.20 -16.58 23.95
CA GLY A 211 0.19 -17.94 24.22
C GLY A 211 -0.64 -18.94 23.45
N PRO A 212 -0.43 -20.23 23.73
CA PRO A 212 -1.18 -21.27 23.04
C PRO A 212 -2.66 -21.21 23.41
N LYS A 213 -3.50 -21.55 22.43
CA LYS A 213 -4.93 -21.67 22.71
C LYS A 213 -5.16 -22.75 23.76
N ALA A 214 -6.21 -22.56 24.56
CA ALA A 214 -6.46 -23.44 25.68
C ALA A 214 -6.68 -24.88 25.23
N ASN A 215 -7.56 -25.08 24.24
CA ASN A 215 -7.86 -26.40 23.70
CA ASN A 215 -7.86 -26.40 23.70
C ASN A 215 -7.56 -26.40 22.21
N ILE A 216 -6.39 -26.92 21.85
CA ILE A 216 -5.99 -26.99 20.44
C ILE A 216 -6.63 -28.21 19.82
N LEU A 217 -7.31 -28.01 18.69
CA LEU A 217 -8.10 -29.05 18.05
C LEU A 217 -7.49 -29.51 16.73
N VAL A 218 -6.28 -29.06 16.40
CA VAL A 218 -5.60 -29.47 15.19
C VAL A 218 -4.33 -30.23 15.57
N SER A 219 -3.96 -31.20 14.74
CA SER A 219 -2.76 -31.98 14.93
C SER A 219 -1.82 -31.77 13.75
N GLY A 220 -0.61 -32.32 13.87
CA GLY A 220 0.38 -32.15 12.82
C GLY A 220 -0.03 -32.78 11.51
N ASN A 221 -0.84 -33.85 11.57
CA ASN A 221 -1.27 -34.52 10.34
C ASN A 221 -2.13 -33.59 9.48
N GLU A 222 -3.03 -32.83 10.11
CA GLU A 222 -3.87 -31.90 9.35
C GLU A 222 -3.04 -30.73 8.83
N ILE A 223 -2.07 -30.27 9.60
CA ILE A 223 -1.16 -29.23 9.13
C ILE A 223 -0.43 -29.70 7.88
N ARG A 224 0.03 -30.96 7.88
CA ARG A 224 0.85 -31.46 6.79
C ARG A 224 0.04 -31.79 5.55
N GLN A 225 -1.23 -32.19 5.70
CA GLN A 225 -2.09 -32.35 4.53
C GLN A 225 -2.28 -31.01 3.83
N PHE A 226 -2.41 -29.93 4.61
CA PHE A 226 -2.51 -28.59 4.03
C PHE A 226 -1.20 -28.20 3.35
N ALA A 227 -0.06 -28.50 3.98
CA ALA A 227 1.23 -28.19 3.37
C ALA A 227 1.43 -28.97 2.08
N HIS A 228 1.00 -30.24 2.06
CA HIS A 228 1.09 -31.05 0.85
C HIS A 228 0.33 -30.42 -0.30
N PHE A 229 -0.85 -29.87 -0.01
CA PHE A 229 -1.65 -29.20 -1.05
C PHE A 229 -0.92 -27.97 -1.58
N LEU A 230 -0.44 -27.12 -0.69
CA LEU A 230 0.22 -25.89 -1.11
C LEU A 230 1.50 -26.18 -1.89
N MET A 231 2.23 -27.23 -1.50
CA MET A 231 3.44 -27.59 -2.21
C MET A 231 3.14 -28.01 -3.65
N GLU A 232 2.06 -28.77 -3.84
CA GLU A 232 1.65 -29.13 -5.19
C GLU A 232 1.23 -27.89 -5.99
N LYS A 233 0.55 -26.96 -5.34
CA LYS A 233 0.13 -25.73 -6.01
C LYS A 233 1.34 -24.87 -6.41
N LEU A 234 2.39 -24.89 -5.59
CA LEU A 234 3.62 -24.16 -5.90
C LEU A 234 4.56 -24.95 -6.80
N ASN A 235 4.16 -26.15 -7.25
CA ASN A 235 4.99 -27.02 -8.07
C ASN A 235 6.31 -27.34 -7.37
N VAL A 236 6.21 -27.85 -6.16
CA VAL A 236 7.36 -28.27 -5.37
C VAL A 236 7.24 -29.76 -5.13
N SER A 237 8.22 -30.53 -5.60
CA SER A 237 8.22 -31.97 -5.44
C SER A 237 8.55 -32.37 -4.01
N GLU A 245 23.98 -34.72 0.82
CA GLU A 245 23.50 -33.39 0.47
C GLU A 245 22.40 -32.93 1.43
N GLU A 246 22.27 -33.63 2.55
CA GLU A 246 21.44 -33.13 3.64
C GLU A 246 22.04 -31.84 4.18
N TYR A 247 21.18 -30.92 4.60
CA TYR A 247 21.66 -29.58 4.90
C TYR A 247 20.90 -28.97 6.07
N ILE A 248 21.54 -27.96 6.68
CA ILE A 248 20.96 -27.11 7.70
C ILE A 248 20.58 -25.79 7.05
N LEU A 249 19.38 -25.29 7.36
CA LEU A 249 18.85 -24.09 6.74
C LEU A 249 18.74 -22.98 7.78
N VAL A 250 19.36 -21.84 7.48
CA VAL A 250 19.30 -20.66 8.34
C VAL A 250 18.38 -19.66 7.66
N PHE A 251 17.23 -19.40 8.28
CA PHE A 251 16.25 -18.47 7.72
C PHE A 251 16.60 -17.06 8.19
N SER A 252 17.10 -16.25 7.26
CA SER A 252 17.65 -14.94 7.58
C SER A 252 16.61 -13.83 7.41
N ARG A 253 16.85 -12.73 8.12
CA ARG A 253 16.14 -11.48 7.92
C ARG A 253 17.15 -10.42 7.48
N THR A 254 16.73 -9.54 6.57
CA THR A 254 17.64 -8.55 6.02
C THR A 254 17.34 -7.11 6.47
N GLN A 255 16.17 -6.86 7.05
CA GLN A 255 15.78 -5.49 7.38
C GLN A 255 15.88 -5.17 8.87
N ASN A 256 15.46 -6.06 9.75
CA ASN A 256 15.57 -5.83 11.19
C ASN A 256 15.57 -7.17 11.91
N ARG A 257 15.84 -7.11 13.22
CA ARG A 257 15.99 -8.28 14.06
C ARG A 257 17.03 -9.23 13.46
N LEU A 258 18.23 -8.71 13.30
CA LEU A 258 19.29 -9.38 12.56
C LEU A 258 20.09 -10.32 13.44
N ILE A 259 20.64 -11.35 12.80
CA ILE A 259 21.75 -12.11 13.35
C ILE A 259 23.02 -11.44 12.84
N LEU A 260 23.73 -10.76 13.74
CA LEU A 260 24.84 -9.90 13.30
C LEU A 260 26.05 -10.71 12.84
N ASN A 261 26.25 -11.91 13.40
CA ASN A 261 27.36 -12.75 12.98
C ASN A 261 26.85 -13.97 12.24
N GLU A 262 25.98 -13.76 11.25
CA GLU A 262 25.40 -14.86 10.49
C GLU A 262 26.48 -15.65 9.77
N ALA A 263 27.52 -14.99 9.28
CA ALA A 263 28.59 -15.68 8.56
C ALA A 263 29.32 -16.65 9.47
N GLU A 264 29.65 -16.22 10.68
CA GLU A 264 30.29 -17.12 11.64
C GLU A 264 29.35 -18.24 12.06
N LEU A 265 28.05 -17.96 12.15
CA LEU A 265 27.09 -18.99 12.54
C LEU A 265 27.02 -20.10 11.51
N LEU A 266 26.99 -19.74 10.21
CA LEU A 266 26.91 -20.75 9.16
C LEU A 266 28.09 -21.71 9.22
N LEU A 267 29.30 -21.18 9.40
CA LEU A 267 30.48 -22.04 9.47
C LEU A 267 30.47 -22.90 10.72
N ALA A 268 30.03 -22.34 11.85
CA ALA A 268 30.01 -23.09 13.10
C ALA A 268 29.01 -24.25 13.04
N LEU A 269 27.82 -24.00 12.49
CA LEU A 269 26.85 -25.08 12.33
C LEU A 269 27.35 -26.14 11.35
N ALA A 270 28.03 -25.71 10.29
CA ALA A 270 28.55 -26.65 9.30
C ALA A 270 29.58 -27.59 9.93
N GLN A 271 30.48 -27.05 10.74
CA GLN A 271 31.51 -27.88 11.35
C GLN A 271 30.96 -28.74 12.48
N GLU A 272 30.07 -28.18 13.31
CA GLU A 272 29.60 -28.92 14.47
C GLU A 272 28.76 -30.13 14.08
N PHE A 273 27.96 -30.00 13.03
CA PHE A 273 27.08 -31.09 12.60
C PHE A 273 27.59 -31.80 11.35
N GLN A 274 28.70 -31.35 10.77
CA GLN A 274 29.28 -31.96 9.57
C GLN A 274 28.24 -32.05 8.45
N MET A 275 27.56 -30.93 8.23
CA MET A 275 26.54 -30.82 7.19
C MET A 275 26.69 -29.50 6.46
N LYS A 276 26.23 -29.48 5.22
CA LYS A 276 26.18 -28.23 4.47
C LYS A 276 25.17 -27.29 5.11
N THR A 277 25.52 -26.01 5.17
CA THR A 277 24.63 -24.98 5.65
C THR A 277 24.28 -24.02 4.53
N VAL A 278 23.05 -23.52 4.54
CA VAL A 278 22.52 -22.69 3.46
C VAL A 278 21.62 -21.64 4.07
N THR A 279 21.62 -20.45 3.46
CA THR A 279 20.84 -19.31 3.91
C THR A 279 19.63 -19.11 3.00
N VAL A 280 18.48 -18.83 3.59
CA VAL A 280 17.26 -18.48 2.87
C VAL A 280 16.64 -17.26 3.53
N SER A 281 15.83 -16.54 2.76
CA SER A 281 15.13 -15.37 3.28
C SER A 281 13.93 -15.10 2.38
N LEU A 282 12.95 -14.40 2.94
CA LEU A 282 11.78 -14.02 2.15
C LEU A 282 12.12 -12.99 1.08
N GLU A 283 13.09 -12.12 1.35
CA GLU A 283 13.36 -10.99 0.47
C GLU A 283 14.03 -11.44 -0.83
N ASP A 284 14.96 -12.38 -0.75
CA ASP A 284 15.80 -12.72 -1.89
C ASP A 284 15.34 -13.96 -2.65
N HIS A 285 14.37 -14.71 -2.13
CA HIS A 285 13.92 -15.93 -2.76
C HIS A 285 12.43 -15.86 -3.06
N ALA A 286 12.04 -16.37 -4.22
CA ALA A 286 10.63 -16.60 -4.49
C ALA A 286 10.08 -17.62 -3.50
N PHE A 287 8.81 -17.47 -3.14
CA PHE A 287 8.26 -18.28 -2.06
C PHE A 287 8.29 -19.77 -2.41
N ALA A 288 8.06 -20.11 -3.68
CA ALA A 288 8.16 -21.51 -4.08
C ALA A 288 9.56 -22.06 -3.85
N ASP A 289 10.58 -21.22 -4.01
CA ASP A 289 11.94 -21.66 -3.69
C ASP A 289 12.16 -21.73 -2.18
N VAL A 290 11.53 -20.85 -1.42
CA VAL A 290 11.62 -20.92 0.03
C VAL A 290 11.04 -22.24 0.53
N VAL A 291 9.85 -22.60 0.03
CA VAL A 291 9.22 -23.85 0.44
C VAL A 291 10.06 -25.04 -0.02
N ARG A 292 10.62 -24.96 -1.22
CA ARG A 292 11.50 -26.02 -1.72
C ARG A 292 12.66 -26.26 -0.78
N LEU A 293 13.28 -25.19 -0.27
CA LEU A 293 14.44 -25.34 0.61
C LEU A 293 14.03 -25.86 1.97
N VAL A 294 12.92 -25.36 2.52
CA VAL A 294 12.49 -25.78 3.85
C VAL A 294 12.07 -27.24 3.84
N SER A 295 11.38 -27.67 2.79
CA SER A 295 10.80 -29.01 2.76
C SER A 295 11.85 -30.13 2.74
N ASN A 296 13.11 -29.81 2.46
CA ASN A 296 14.17 -30.83 2.46
C ASN A 296 15.24 -30.54 3.49
N ALA A 297 15.04 -29.55 4.36
CA ALA A 297 16.03 -29.21 5.37
C ALA A 297 15.94 -30.18 6.56
N SER A 298 17.10 -30.55 7.08
CA SER A 298 17.15 -31.37 8.28
C SER A 298 17.04 -30.53 9.55
N MET A 299 17.36 -29.25 9.48
CA MET A 299 17.31 -28.36 10.63
C MET A 299 17.04 -26.94 10.13
N LEU A 300 16.17 -26.23 10.85
CA LEU A 300 15.82 -24.86 10.52
C LEU A 300 16.19 -23.96 11.68
N VAL A 301 17.10 -23.02 11.44
CA VAL A 301 17.58 -22.08 12.45
C VAL A 301 17.14 -20.69 12.06
N SER A 302 16.51 -19.97 12.98
CA SER A 302 15.99 -18.66 12.65
C SER A 302 15.69 -17.88 13.92
N MET A 303 15.81 -16.55 13.81
CA MET A 303 15.30 -15.67 14.85
C MET A 303 13.79 -15.82 14.96
N HIS A 304 13.27 -15.57 16.15
CA HIS A 304 11.82 -15.50 16.35
C HIS A 304 11.23 -14.49 15.38
N GLY A 305 10.22 -14.93 14.62
CA GLY A 305 9.63 -14.06 13.62
C GLY A 305 8.72 -14.83 12.69
N ALA A 306 8.02 -14.07 11.85
CA ALA A 306 6.96 -14.63 11.01
C ALA A 306 7.51 -15.69 10.05
N GLN A 307 8.74 -15.53 9.59
CA GLN A 307 9.30 -16.49 8.63
C GLN A 307 9.36 -17.90 9.20
N LEU A 308 9.38 -18.06 10.52
CA LEU A 308 9.42 -19.38 11.13
C LEU A 308 8.12 -20.15 10.96
N VAL A 309 7.04 -19.51 10.50
CA VAL A 309 5.80 -20.24 10.24
C VAL A 309 6.00 -21.24 9.11
N THR A 310 6.99 -21.03 8.25
CA THR A 310 7.29 -21.99 7.19
C THR A 310 7.81 -23.31 7.74
N ALA A 311 8.03 -23.42 9.04
CA ALA A 311 8.44 -24.69 9.64
C ALA A 311 7.41 -25.79 9.42
N LEU A 312 6.17 -25.42 9.11
CA LEU A 312 5.16 -26.42 8.80
C LEU A 312 5.46 -27.19 7.52
N PHE A 313 6.38 -26.69 6.70
CA PHE A 313 6.82 -27.38 5.50
C PHE A 313 7.99 -28.31 5.76
N LEU A 314 8.52 -28.35 6.98
CA LEU A 314 9.68 -29.17 7.27
C LEU A 314 9.31 -30.66 7.22
N PRO A 315 10.24 -31.51 6.82
CA PRO A 315 9.98 -32.95 6.87
C PRO A 315 9.89 -33.44 8.31
N ARG A 316 9.13 -34.52 8.49
CA ARG A 316 9.01 -35.13 9.82
C ARG A 316 10.37 -35.54 10.34
N GLY A 317 10.64 -35.22 11.60
CA GLY A 317 11.90 -35.54 12.24
C GLY A 317 12.93 -34.43 12.25
N ALA A 318 12.69 -33.36 11.50
CA ALA A 318 13.63 -32.24 11.45
C ALA A 318 13.56 -31.42 12.73
N ALA A 319 14.56 -30.56 12.93
CA ALA A 319 14.70 -29.77 14.13
C ALA A 319 14.47 -28.30 13.84
N VAL A 320 13.79 -27.62 14.77
CA VAL A 320 13.56 -26.18 14.70
C VAL A 320 14.37 -25.53 15.82
N VAL A 321 15.24 -24.59 15.46
CA VAL A 321 16.07 -23.87 16.42
C VAL A 321 15.66 -22.40 16.34
N GLU A 322 14.91 -21.94 17.34
CA GLU A 322 14.42 -20.57 17.39
C GLU A 322 15.28 -19.74 18.32
N LEU A 323 15.79 -18.62 17.82
CA LEU A 323 16.62 -17.70 18.60
C LEU A 323 15.78 -16.53 19.08
N PHE A 324 16.04 -16.11 20.32
CA PHE A 324 15.31 -14.99 20.92
C PHE A 324 16.28 -13.90 21.33
N PRO A 325 15.94 -12.63 21.09
CA PRO A 325 16.84 -11.54 21.47
C PRO A 325 16.94 -11.37 22.98
N TYR A 326 17.85 -10.50 23.38
CA TYR A 326 18.06 -10.22 24.80
C TYR A 326 16.78 -9.74 25.46
N ALA A 327 16.52 -10.24 26.67
CA ALA A 327 15.38 -9.91 27.51
C ALA A 327 14.06 -10.45 27.00
N VAL A 328 14.08 -11.37 26.03
CA VAL A 328 12.86 -11.97 25.50
C VAL A 328 12.84 -13.43 25.93
N ASN A 329 11.99 -13.75 26.90
CA ASN A 329 11.91 -15.10 27.43
C ASN A 329 11.26 -16.02 26.41
N PRO A 330 11.93 -17.08 25.96
CA PRO A 330 11.31 -17.99 24.98
C PRO A 330 10.00 -18.61 25.45
N ASP A 331 9.83 -18.80 26.75
CA ASP A 331 8.62 -19.45 27.26
C ASP A 331 7.39 -18.56 27.13
N HIS A 332 7.56 -17.25 26.93
CA HIS A 332 6.43 -16.32 26.87
C HIS A 332 5.94 -16.07 25.46
N TYR A 333 6.70 -16.45 24.44
CA TYR A 333 6.36 -16.16 23.05
C TYR A 333 6.57 -17.44 22.25
N THR A 334 5.52 -18.26 22.19
CA THR A 334 5.64 -19.62 21.69
C THR A 334 4.73 -19.96 20.51
N PRO A 335 4.53 -19.09 19.51
CA PRO A 335 3.71 -19.50 18.37
C PRO A 335 4.36 -20.58 17.53
N TYR A 336 5.68 -20.60 17.45
CA TYR A 336 6.40 -21.59 16.67
C TYR A 336 6.81 -22.80 17.49
N LYS A 337 7.02 -22.61 18.80
CA LYS A 337 7.16 -23.77 19.68
C LYS A 337 5.89 -24.59 19.69
N THR A 338 4.73 -23.92 19.79
CA THR A 338 3.45 -24.63 19.77
C THR A 338 3.26 -25.37 18.46
N LEU A 339 3.58 -24.73 17.34
CA LEU A 339 3.47 -25.38 16.04
C LEU A 339 4.40 -26.59 15.96
N ALA A 340 5.65 -26.42 16.40
CA ALA A 340 6.64 -27.49 16.25
C ALA A 340 6.31 -28.70 17.12
N THR A 341 5.70 -28.49 18.28
CA THR A 341 5.46 -29.57 19.23
C THR A 341 4.01 -30.05 19.23
N LEU A 342 3.22 -29.67 18.24
CA LEU A 342 1.87 -30.21 18.12
C LEU A 342 1.93 -31.72 17.97
N PRO A 343 0.95 -32.45 18.50
CA PRO A 343 0.89 -33.89 18.26
C PRO A 343 0.83 -34.19 16.78
N GLY A 344 1.75 -35.03 16.31
CA GLY A 344 1.80 -35.41 14.92
C GLY A 344 2.70 -34.57 14.04
N MET A 345 3.20 -33.43 14.53
CA MET A 345 4.12 -32.64 13.73
C MET A 345 5.48 -33.33 13.62
N ASP A 346 5.91 -34.01 14.69
CA ASP A 346 7.14 -34.79 14.69
C ASP A 346 8.35 -33.92 14.34
N LEU A 347 8.44 -32.78 15.00
CA LEU A 347 9.58 -31.88 14.87
C LEU A 347 10.22 -31.68 16.23
N GLN A 348 11.54 -31.71 16.28
CA GLN A 348 12.25 -31.33 17.48
C GLN A 348 12.32 -29.81 17.56
N TYR A 349 12.13 -29.27 18.76
CA TYR A 349 12.14 -27.84 18.97
C TYR A 349 13.22 -27.47 19.98
N ILE A 350 14.03 -26.47 19.62
CA ILE A 350 15.09 -25.95 20.48
C ILE A 350 14.97 -24.44 20.51
N ALA A 351 14.94 -23.87 21.71
CA ALA A 351 14.91 -22.43 21.90
C ALA A 351 16.22 -21.97 22.52
N TRP A 352 16.75 -20.84 22.03
CA TRP A 352 17.96 -20.25 22.55
C TRP A 352 17.72 -18.76 22.76
N GLN A 353 18.14 -18.25 23.92
CA GLN A 353 17.94 -16.85 24.27
C GLN A 353 19.30 -16.20 24.53
N ASN A 354 19.49 -15.01 23.96
CA ASN A 354 20.68 -14.23 24.22
C ASN A 354 20.62 -13.66 25.64
N THR A 355 21.54 -14.09 26.50
CA THR A 355 21.60 -13.62 27.88
C THR A 355 22.80 -12.72 28.14
N MET A 356 23.53 -12.32 27.10
CA MET A 356 24.70 -11.47 27.26
C MET A 356 24.37 -10.07 26.75
N PRO A 357 24.33 -9.06 27.63
CA PRO A 357 23.96 -7.71 27.16
C PRO A 357 24.98 -7.11 26.21
N GLU A 358 26.24 -7.52 26.30
CA GLU A 358 27.25 -7.05 25.37
C GLU A 358 27.06 -7.60 23.96
N ASN A 359 26.13 -8.54 23.77
CA ASN A 359 25.89 -9.15 22.48
C ASN A 359 24.58 -8.70 21.83
N THR A 360 23.93 -7.68 22.38
CA THR A 360 22.69 -7.15 21.83
C THR A 360 22.92 -5.73 21.32
N VAL A 361 22.11 -5.34 20.35
CA VAL A 361 22.16 -4.00 19.77
C VAL A 361 20.75 -3.43 19.81
N THR A 362 20.58 -2.33 20.54
CA THR A 362 19.30 -1.66 20.66
C THR A 362 19.22 -0.50 19.67
N HIS A 363 17.99 -0.12 19.34
CA HIS A 363 17.72 0.98 18.41
C HIS A 363 16.61 1.85 18.98
N PRO A 364 16.92 2.64 20.03
CA PRO A 364 15.87 3.43 20.68
C PRO A 364 15.36 4.59 19.85
N GLU A 365 16.07 5.00 18.79
CA GLU A 365 15.70 6.18 18.03
C GLU A 365 14.69 5.90 16.93
N ARG A 366 14.35 4.63 16.67
CA ARG A 366 13.47 4.27 15.58
C ARG A 366 12.03 4.68 15.90
N PRO A 367 11.15 4.66 14.90
CA PRO A 367 9.73 4.90 15.18
C PRO A 367 9.17 3.85 16.14
N TRP A 368 7.98 4.14 16.67
CA TRP A 368 7.39 3.29 17.69
C TRP A 368 7.07 1.90 17.16
N ASP A 369 6.58 1.82 15.92
CA ASP A 369 6.24 0.52 15.34
C ASP A 369 7.48 -0.28 14.96
N GLN A 370 8.66 0.30 15.04
CA GLN A 370 9.91 -0.41 14.82
C GLN A 370 10.69 -0.62 16.12
N GLY A 371 10.10 -0.29 17.26
CA GLY A 371 10.70 -0.57 18.55
C GLY A 371 11.41 0.60 19.22
N GLY A 372 11.32 1.80 18.67
CA GLY A 372 11.97 2.94 19.30
C GLY A 372 11.27 3.35 20.59
N ILE A 373 12.04 4.01 21.46
CA ILE A 373 11.54 4.50 22.73
C ILE A 373 11.82 5.98 22.95
N ALA A 374 12.42 6.66 21.97
CA ALA A 374 12.77 8.07 22.16
C ALA A 374 11.55 8.97 22.32
N HIS A 375 10.37 8.51 21.88
CA HIS A 375 9.15 9.28 22.04
C HIS A 375 8.60 9.24 23.46
N LEU A 376 9.16 8.43 24.33
CA LEU A 376 8.72 8.35 25.72
C LEU A 376 9.54 9.29 26.59
N ASP A 377 9.02 9.59 27.78
CA ASP A 377 9.73 10.46 28.70
C ASP A 377 11.00 9.78 29.19
N ARG A 378 11.96 10.60 29.65
CA ARG A 378 13.27 10.10 30.01
C ARG A 378 13.21 9.09 31.15
N ALA A 379 12.25 9.27 32.07
CA ALA A 379 12.13 8.32 33.18
C ALA A 379 11.72 6.95 32.69
N GLU A 380 10.81 6.88 31.72
CA GLU A 380 10.35 5.58 31.26
C GLU A 380 11.38 4.90 30.37
N GLN A 381 12.17 5.68 29.63
CA GLN A 381 13.26 5.10 28.84
C GLN A 381 14.26 4.41 29.75
N ALA A 382 14.65 5.07 30.84
CA ALA A 382 15.61 4.47 31.77
C ALA A 382 15.05 3.21 32.40
N ARG A 383 13.75 3.19 32.70
CA ARG A 383 13.14 1.99 33.25
C ARG A 383 13.18 0.83 32.25
N ILE A 384 12.87 1.12 30.98
CA ILE A 384 12.95 0.09 29.95
C ILE A 384 14.38 -0.39 29.78
N LEU A 385 15.34 0.54 29.77
CA LEU A 385 16.73 0.18 29.55
C LEU A 385 17.28 -0.67 30.69
N GLN A 386 16.80 -0.47 31.91
CA GLN A 386 17.33 -1.19 33.07
C GLN A 386 16.71 -2.56 33.27
N SER A 387 15.60 -2.87 32.59
CA SER A 387 14.92 -4.15 32.76
C SER A 387 15.52 -5.19 31.84
N ARG A 388 15.76 -6.39 32.39
CA ARG A 388 16.42 -7.46 31.68
C ARG A 388 15.47 -8.56 31.23
N GLU A 389 14.16 -8.35 31.34
CA GLU A 389 13.18 -9.28 30.78
C GLU A 389 11.89 -8.52 30.52
N VAL A 390 11.31 -8.73 29.34
CA VAL A 390 10.04 -8.09 29.01
C VAL A 390 8.95 -8.65 29.91
N PRO A 391 8.18 -7.81 30.60
CA PRO A 391 7.10 -8.32 31.43
C PRO A 391 5.95 -8.84 30.58
N ARG A 392 5.16 -9.73 31.19
CA ARG A 392 3.94 -10.19 30.54
C ARG A 392 3.02 -9.00 30.29
N HIS A 393 2.46 -8.95 29.08
CA HIS A 393 1.73 -7.77 28.64
C HIS A 393 0.59 -8.20 27.73
N LEU A 394 -0.22 -7.22 27.32
CA LEU A 394 -1.34 -7.44 26.42
C LEU A 394 -1.08 -6.74 25.09
N CYS A 395 -1.69 -7.28 24.04
CA CYS A 395 -1.62 -6.71 22.69
C CYS A 395 -1.96 -5.22 22.72
N CYS A 396 -1.34 -4.43 21.84
CA CYS A 396 -0.44 -4.90 20.79
C CYS A 396 0.86 -4.09 20.69
N ARG A 397 0.86 -2.88 21.27
CA ARG A 397 1.94 -1.92 21.07
C ARG A 397 2.73 -1.66 22.34
N ASN A 398 2.95 -2.70 23.15
CA ASN A 398 3.75 -2.54 24.36
C ASN A 398 5.15 -2.06 24.00
N PRO A 399 5.59 -0.89 24.49
CA PRO A 399 6.86 -0.34 24.00
C PRO A 399 8.07 -1.17 24.37
N GLU A 400 8.10 -1.76 25.57
CA GLU A 400 9.26 -2.57 25.95
C GLU A 400 9.34 -3.84 25.11
N TRP A 401 8.19 -4.42 24.77
CA TRP A 401 8.18 -5.61 23.91
C TRP A 401 8.75 -5.28 22.53
N LEU A 402 8.27 -4.21 21.92
CA LEU A 402 8.76 -3.81 20.60
C LEU A 402 10.23 -3.41 20.66
N PHE A 403 10.64 -2.75 21.75
CA PHE A 403 12.02 -2.31 21.88
C PHE A 403 12.98 -3.49 21.91
N ARG A 404 12.60 -4.57 22.59
CA ARG A 404 13.47 -5.73 22.70
C ARG A 404 13.34 -6.70 21.54
N ILE A 405 12.15 -6.83 20.95
CA ILE A 405 11.98 -7.78 19.85
C ILE A 405 12.60 -7.28 18.55
N TYR A 406 12.93 -5.99 18.46
CA TYR A 406 13.59 -5.45 17.28
C TYR A 406 15.05 -5.10 17.56
N GLN A 407 15.65 -5.76 18.54
CA GLN A 407 17.10 -5.72 18.71
C GLN A 407 17.78 -6.55 17.63
N ASP A 408 19.04 -6.24 17.38
CA ASP A 408 19.92 -7.13 16.63
C ASP A 408 20.77 -7.91 17.62
N THR A 409 21.18 -9.11 17.21
CA THR A 409 21.78 -10.07 18.13
C THR A 409 23.07 -10.64 17.58
N LYS A 410 24.13 -10.56 18.37
CA LYS A 410 25.34 -11.35 18.14
C LYS A 410 25.16 -12.67 18.88
N VAL A 411 25.11 -13.77 18.13
CA VAL A 411 24.81 -15.07 18.72
C VAL A 411 26.09 -15.68 19.28
N ASP A 412 26.07 -15.98 20.58
CA ASP A 412 27.19 -16.68 21.21
C ASP A 412 27.23 -18.11 20.70
N ILE A 413 28.24 -18.42 19.87
CA ILE A 413 28.25 -19.70 19.16
C ILE A 413 28.34 -20.90 20.12
N PRO A 414 29.30 -20.97 21.05
CA PRO A 414 29.37 -22.18 21.90
C PRO A 414 28.13 -22.41 22.73
N SER A 415 27.49 -21.35 23.23
CA SER A 415 26.27 -21.54 24.03
C SER A 415 25.11 -22.01 23.17
N LEU A 416 25.03 -21.56 21.92
CA LEU A 416 24.00 -22.07 21.02
C LEU A 416 24.25 -23.54 20.69
N ILE A 417 25.51 -23.91 20.44
CA ILE A 417 25.84 -25.30 20.11
C ILE A 417 25.48 -26.22 21.26
N GLN A 418 25.83 -25.82 22.49
CA GLN A 418 25.50 -26.65 23.65
C GLN A 418 23.99 -26.72 23.89
N THR A 419 23.27 -25.63 23.61
CA THR A 419 21.82 -25.66 23.76
C THR A 419 21.18 -26.63 22.77
N ILE A 420 21.66 -26.63 21.52
CA ILE A 420 21.13 -27.57 20.53
C ILE A 420 21.48 -29.01 20.91
N ARG A 421 22.70 -29.23 21.41
CA ARG A 421 23.18 -30.58 21.67
C ARG A 421 22.43 -31.26 22.82
N ARG A 422 21.74 -30.50 23.67
CA ARG A 422 20.93 -31.11 24.72
C ARG A 422 19.69 -31.80 24.17
N VAL A 423 19.33 -31.54 22.91
CA VAL A 423 18.18 -32.16 22.26
C VAL A 423 18.60 -33.00 21.06
N VAL A 424 19.46 -32.47 20.21
CA VAL A 424 19.96 -33.17 19.04
C VAL A 424 21.31 -33.75 19.43
N LYS A 425 21.29 -34.96 19.97
CA LYS A 425 22.52 -35.56 20.51
C LYS A 425 23.44 -36.05 19.40
N GLY A 426 22.90 -36.41 18.24
CA GLY A 426 23.71 -36.93 17.16
C GLY A 426 23.49 -36.19 15.85
N HIS A 427 23.18 -36.92 14.78
CA HIS A 427 22.91 -36.21 13.54
C HIS A 427 21.46 -35.73 13.51
N PRO A 428 21.19 -34.50 13.07
CA PRO A 428 19.81 -34.01 13.02
C PRO A 428 19.05 -34.50 11.80
N GLY A 429 17.72 -34.34 11.88
CA GLY A 429 16.86 -34.70 10.78
C GLY A 429 16.27 -36.08 10.96
N PRO A 430 15.46 -36.51 9.99
CA PRO A 430 14.78 -37.81 10.11
C PRO A 430 15.78 -38.97 10.02
N ARG A 431 15.67 -39.89 10.98
CA ARG A 431 16.43 -41.13 10.95
C ARG A 431 15.71 -42.22 10.17
N LYS A 432 14.94 -41.84 9.14
CA LYS A 432 14.12 -42.77 8.37
C LYS A 432 13.23 -43.60 9.30
N GLN A 433 12.69 -42.94 10.32
CA GLN A 433 11.96 -43.62 11.37
C GLN A 433 10.59 -44.09 10.88
N LYS A 434 9.99 -44.98 11.67
CA LYS A 434 8.64 -45.49 11.40
C LYS A 434 7.66 -44.59 12.14
N TRP A 435 7.00 -43.70 11.40
CA TRP A 435 6.05 -42.75 11.99
C TRP A 435 4.71 -43.47 12.18
N THR A 436 4.66 -44.23 13.28
CA THR A 436 3.47 -45.02 13.59
C THR A 436 2.27 -44.12 13.83
N VAL A 437 1.08 -44.64 13.54
CA VAL A 437 -0.15 -43.93 13.83
C VAL A 437 -0.51 -44.15 15.29
N SER A 438 -0.96 -43.08 15.95
CA SER A 438 -1.33 -43.12 17.36
C SER A 438 -2.85 -42.99 17.46
N LEU A 439 -3.50 -44.07 17.86
CA LEU A 439 -4.95 -44.12 17.97
C LEU A 439 -5.34 -44.74 19.31
N TYR A 440 -6.63 -44.73 19.59
CA TYR A 440 -7.11 -45.04 20.93
C TYR A 440 -7.88 -46.36 20.96
N PRO A 441 -7.93 -47.02 22.11
CA PRO A 441 -8.71 -48.26 22.22
C PRO A 441 -10.20 -47.97 22.22
N GLY A 442 -10.97 -48.98 21.85
CA GLY A 442 -12.40 -48.96 22.05
C GLY A 442 -12.75 -49.39 23.47
N LYS A 443 -14.04 -49.51 23.72
CA LYS A 443 -14.49 -50.02 25.00
C LYS A 443 -14.24 -51.52 25.09
N VAL A 444 -13.90 -51.99 26.29
CA VAL A 444 -13.87 -53.43 26.52
C VAL A 444 -15.30 -53.97 26.42
N ARG A 445 -15.44 -55.23 26.04
CA ARG A 445 -16.73 -55.80 25.72
C ARG A 445 -17.06 -56.95 26.64
N GLU A 446 -18.37 -57.15 26.87
CA GLU A 446 -18.89 -58.33 27.57
C GLU A 446 -18.33 -58.45 28.98
N ALA A 447 -18.26 -57.33 29.70
CA ALA A 447 -17.74 -57.34 31.06
C ALA A 447 -18.69 -58.10 31.97
N ARG A 448 -18.19 -59.13 32.64
CA ARG A 448 -18.96 -59.95 33.57
C ARG A 448 -18.24 -60.01 34.91
N CYS A 449 -18.93 -60.48 35.94
CA CYS A 449 -18.29 -60.62 37.24
C CYS A 449 -19.00 -61.69 38.06
N GLN A 450 -18.28 -62.17 39.08
CA GLN A 450 -18.69 -63.31 39.87
C GLN A 450 -18.13 -63.17 41.27
N ALA A 451 -18.91 -63.63 42.26
CA ALA A 451 -18.41 -63.78 43.62
C ALA A 451 -17.76 -65.15 43.74
N SER A 452 -17.45 -65.58 44.97
CA SER A 452 -16.61 -66.75 45.15
C SER A 452 -17.31 -68.04 44.74
N VAL A 453 -16.52 -69.00 44.29
CA VAL A 453 -17.00 -70.27 43.77
C VAL A 453 -16.66 -71.38 44.76
N ALA A 456 -17.25 -71.27 52.19
CA ALA A 456 -16.66 -70.75 53.42
C ALA A 456 -15.39 -69.97 53.12
N SER A 457 -15.25 -69.54 51.87
CA SER A 457 -14.02 -68.92 51.42
C SER A 457 -13.97 -67.44 51.80
N GLU A 458 -12.89 -66.78 51.39
CA GLU A 458 -12.77 -65.35 51.59
C GLU A 458 -13.78 -64.61 50.72
N ALA A 459 -13.87 -63.29 50.95
CA ALA A 459 -14.63 -62.43 50.05
C ALA A 459 -13.85 -62.25 48.77
N ARG A 460 -14.44 -62.64 47.64
CA ARG A 460 -13.76 -62.60 46.36
C ARG A 460 -14.61 -61.86 45.33
N LEU A 461 -13.96 -61.00 44.55
CA LEU A 461 -14.59 -60.31 43.44
C LEU A 461 -13.79 -60.63 42.19
N SER A 462 -14.37 -61.43 41.30
CA SER A 462 -13.72 -61.82 40.06
C SER A 462 -14.41 -61.12 38.89
N VAL A 463 -13.61 -60.48 38.03
CA VAL A 463 -14.12 -59.71 36.91
C VAL A 463 -13.40 -60.16 35.64
N SER A 464 -14.13 -60.23 34.53
CA SER A 464 -13.55 -60.57 33.25
C SER A 464 -14.19 -59.72 32.16
N TRP A 465 -13.53 -59.66 31.01
CA TRP A 465 -13.99 -58.84 29.89
C TRP A 465 -13.27 -59.26 28.62
N GLN A 466 -13.83 -58.86 27.50
CA GLN A 466 -13.21 -59.07 26.19
C GLN A 466 -12.44 -57.83 25.80
N ILE A 467 -11.44 -58.02 24.94
CA ILE A 467 -10.61 -56.92 24.44
C ILE A 467 -11.47 -55.95 23.65
N PRO A 468 -11.06 -54.69 23.51
CA PRO A 468 -11.79 -53.79 22.59
C PRO A 468 -11.82 -54.36 21.18
N TRP A 469 -12.88 -54.02 20.45
CA TRP A 469 -13.09 -54.62 19.14
C TRP A 469 -11.97 -54.25 18.17
N ASN A 470 -11.51 -53.00 18.21
CA ASN A 470 -10.46 -52.61 17.27
C ASN A 470 -9.12 -53.25 17.59
N LEU A 471 -8.91 -53.67 18.84
CA LEU A 471 -7.68 -54.38 19.18
C LEU A 471 -7.58 -55.74 18.49
N LYS A 472 -8.70 -56.28 18.01
CA LYS A 472 -8.66 -57.51 17.23
C LYS A 472 -7.76 -57.37 16.01
N TYR A 473 -7.59 -56.14 15.50
CA TYR A 473 -6.87 -55.88 14.26
C TYR A 473 -5.67 -54.97 14.48
N LEU A 474 -5.20 -54.83 15.72
CA LEU A 474 -4.12 -53.92 16.05
C LEU A 474 -2.92 -54.68 16.61
N LYS A 475 -1.73 -54.17 16.32
CA LYS A 475 -0.50 -54.60 16.95
C LYS A 475 0.01 -53.44 17.80
N VAL A 476 -0.03 -53.61 19.12
CA VAL A 476 0.25 -52.53 20.07
C VAL A 476 1.34 -52.98 21.02
N ARG A 477 2.26 -52.06 21.33
CA ARG A 477 3.41 -52.41 22.17
C ARG A 477 2.98 -52.77 23.59
N GLU A 478 2.15 -51.93 24.22
CA GLU A 478 1.73 -52.14 25.60
C GLU A 478 0.22 -51.95 25.69
N VAL A 479 -0.48 -52.97 26.17
CA VAL A 479 -1.92 -52.92 26.40
C VAL A 479 -2.16 -53.21 27.88
N LYS A 480 -2.78 -52.26 28.57
CA LYS A 480 -3.14 -52.41 29.96
C LYS A 480 -4.62 -52.11 30.15
N TYR A 481 -5.15 -52.50 31.30
CA TYR A 481 -6.55 -52.27 31.64
C TYR A 481 -6.62 -51.62 33.01
N GLU A 482 -7.12 -50.39 33.06
CA GLU A 482 -7.31 -49.69 34.32
C GLU A 482 -8.71 -49.99 34.85
N VAL A 483 -8.78 -50.48 36.09
CA VAL A 483 -10.02 -50.91 36.70
C VAL A 483 -10.24 -50.09 37.97
N TRP A 484 -11.42 -49.50 38.08
CA TRP A 484 -11.82 -48.73 39.25
C TRP A 484 -12.85 -49.51 40.05
N LEU A 485 -12.61 -49.65 41.36
CA LEU A 485 -13.51 -50.36 42.26
C LEU A 485 -14.12 -49.36 43.23
N GLN A 486 -15.41 -49.13 43.10
CA GLN A 486 -16.15 -48.19 43.94
C GLN A 486 -17.16 -48.96 44.77
N GLU A 487 -16.99 -48.92 46.09
CA GLU A 487 -17.95 -49.58 46.97
C GLU A 487 -19.30 -48.87 46.90
N GLN A 488 -20.36 -49.66 46.99
CA GLN A 488 -21.71 -49.14 46.87
C GLN A 488 -21.98 -48.05 47.91
N GLY A 489 -22.44 -46.90 47.45
CA GLY A 489 -22.79 -45.80 48.32
C GLY A 489 -21.66 -44.85 48.67
N GLU A 490 -20.45 -45.11 48.20
CA GLU A 490 -19.30 -44.27 48.49
C GLU A 490 -18.89 -43.50 47.24
N ASN A 491 -18.24 -42.35 47.45
CA ASN A 491 -17.86 -41.46 46.37
C ASN A 491 -16.39 -41.62 45.96
N THR A 492 -15.72 -42.65 46.45
CA THR A 492 -14.31 -42.88 46.17
C THR A 492 -14.11 -44.24 45.53
N TYR A 493 -13.04 -44.37 44.74
CA TYR A 493 -12.71 -45.60 44.06
C TYR A 493 -11.26 -45.97 44.34
N VAL A 494 -10.94 -47.24 44.08
CA VAL A 494 -9.59 -47.77 44.21
C VAL A 494 -9.11 -48.20 42.83
N PRO A 495 -8.06 -47.60 42.29
CA PRO A 495 -7.62 -47.93 40.93
C PRO A 495 -6.64 -49.08 40.87
N TYR A 496 -6.76 -49.86 39.80
CA TYR A 496 -5.86 -50.96 39.51
C TYR A 496 -5.40 -50.86 38.06
N MET A 497 -4.17 -51.29 37.80
CA MET A 497 -3.62 -51.38 36.46
C MET A 497 -3.24 -52.82 36.19
N LEU A 498 -3.93 -53.46 35.23
CA LEU A 498 -3.80 -54.88 34.98
C LEU A 498 -3.44 -55.14 33.53
N ALA A 499 -2.76 -56.26 33.30
CA ALA A 499 -2.39 -56.69 31.96
C ALA A 499 -3.32 -57.76 31.39
N LEU A 500 -3.94 -58.57 32.25
CA LEU A 500 -4.81 -59.65 31.81
C LEU A 500 -6.25 -59.15 31.69
N GLN A 501 -7.14 -60.03 31.19
CA GLN A 501 -8.54 -59.70 30.99
C GLN A 501 -9.46 -60.45 31.95
N ASN A 502 -8.92 -60.87 33.09
CA ASN A 502 -9.62 -61.76 34.03
C ASN A 502 -8.89 -61.65 35.35
N HIS A 503 -9.54 -61.10 36.37
CA HIS A 503 -8.87 -60.83 37.63
C HIS A 503 -9.81 -61.10 38.79
N THR A 504 -9.25 -61.64 39.87
CA THR A 504 -9.99 -61.91 41.10
C THR A 504 -9.39 -61.06 42.21
N PHE A 505 -10.17 -60.12 42.72
CA PHE A 505 -9.74 -59.24 43.80
C PHE A 505 -10.01 -59.89 45.14
N THR A 506 -9.08 -59.74 46.08
CA THR A 506 -9.23 -60.31 47.41
C THR A 506 -8.85 -59.30 48.49
N GLU A 507 -7.74 -58.59 48.29
CA GLU A 507 -7.25 -57.66 49.29
C GLU A 507 -8.24 -56.52 49.50
N ASN A 508 -8.66 -56.32 50.74
CA ASN A 508 -9.59 -55.28 51.17
C ASN A 508 -10.98 -55.43 50.55
N ILE A 509 -11.28 -56.58 49.97
CA ILE A 509 -12.63 -56.86 49.49
C ILE A 509 -13.47 -57.37 50.66
N LYS A 510 -14.67 -56.77 50.84
CA LYS A 510 -15.49 -57.12 51.99
C LYS A 510 -16.58 -58.12 51.59
N PRO A 511 -16.96 -59.01 52.51
CA PRO A 511 -18.09 -59.90 52.24
C PRO A 511 -19.41 -59.15 52.32
N PHE A 512 -20.40 -59.67 51.61
CA PHE A 512 -21.75 -59.10 51.57
C PHE A 512 -21.71 -57.62 51.18
N THR A 513 -20.92 -57.32 50.16
CA THR A 513 -20.71 -55.95 49.70
C THR A 513 -20.88 -55.89 48.18
N THR A 514 -21.47 -54.79 47.71
CA THR A 514 -21.66 -54.55 46.29
C THR A 514 -20.63 -53.53 45.81
N TYR A 515 -20.04 -53.79 44.66
CA TYR A 515 -19.01 -52.93 44.09
C TYR A 515 -19.38 -52.48 42.69
N LEU A 516 -19.06 -51.23 42.39
CA LEU A 516 -19.16 -50.69 41.03
C LEU A 516 -17.81 -50.85 40.35
N VAL A 517 -17.79 -51.47 39.18
CA VAL A 517 -16.55 -51.81 38.48
C VAL A 517 -16.52 -51.05 37.16
N TRP A 518 -15.53 -50.18 37.00
CA TRP A 518 -15.29 -49.45 35.76
C TRP A 518 -14.00 -49.95 35.13
N ILE A 519 -14.04 -50.22 33.82
CA ILE A 519 -12.91 -50.77 33.09
C ILE A 519 -12.66 -49.92 31.86
N ARG A 520 -11.39 -49.61 31.60
CA ARG A 520 -10.97 -48.99 30.35
C ARG A 520 -9.61 -49.53 29.96
N CYS A 521 -9.38 -49.59 28.65
CA CYS A 521 -8.13 -50.10 28.10
C CYS A 521 -7.22 -48.93 27.74
N ILE A 522 -5.92 -49.13 27.92
CA ILE A 522 -4.92 -48.09 27.70
C ILE A 522 -3.83 -48.64 26.80
N PHE A 523 -3.51 -47.90 25.73
CA PHE A 523 -2.40 -48.22 24.85
C PHE A 523 -1.19 -47.38 25.23
N ASN A 524 -0.06 -48.03 25.49
CA ASN A 524 1.23 -47.37 25.66
C ASN A 524 1.16 -46.25 26.71
N LYS A 525 0.53 -46.57 27.84
CA LYS A 525 0.48 -45.71 29.03
C LYS A 525 -0.34 -44.44 28.86
N THR A 526 -0.28 -43.80 27.69
CA THR A 526 -0.83 -42.45 27.54
C THR A 526 -2.12 -42.38 26.74
N LEU A 527 -2.49 -43.42 25.99
CA LEU A 527 -3.65 -43.37 25.11
C LEU A 527 -4.83 -44.04 25.83
N LEU A 528 -5.56 -43.24 26.60
CA LEU A 528 -6.66 -43.76 27.40
C LEU A 528 -7.90 -43.98 26.54
N GLY A 529 -8.50 -45.15 26.66
CA GLY A 529 -9.73 -45.46 25.98
C GLY A 529 -10.94 -45.12 26.82
N PRO A 530 -12.13 -45.22 26.24
CA PRO A 530 -13.35 -44.91 26.99
C PRO A 530 -13.72 -46.03 27.95
N PHE A 531 -14.33 -45.62 29.06
CA PHE A 531 -14.87 -46.59 30.00
C PHE A 531 -16.09 -47.29 29.40
N ALA A 532 -16.27 -48.55 29.77
CA ALA A 532 -17.46 -49.28 29.36
C ALA A 532 -18.61 -48.97 30.32
N ASP A 533 -19.77 -49.58 30.06
CA ASP A 533 -20.88 -49.45 30.98
C ASP A 533 -20.50 -50.01 32.34
N VAL A 534 -20.98 -49.35 33.40
CA VAL A 534 -20.61 -49.75 34.75
C VAL A 534 -21.09 -51.17 35.03
N LEU A 535 -20.27 -51.91 35.77
CA LEU A 535 -20.57 -53.28 36.16
C LEU A 535 -20.82 -53.32 37.66
N VAL A 536 -21.98 -53.84 38.05
CA VAL A 536 -22.39 -53.91 39.44
C VAL A 536 -22.23 -55.35 39.92
N CYS A 537 -21.49 -55.54 41.01
CA CYS A 537 -21.09 -56.87 41.45
C CYS A 537 -21.20 -56.97 42.96
N SER A 538 -21.81 -58.05 43.43
CA SER A 538 -21.95 -58.33 44.86
C SER A 538 -21.06 -59.51 45.24
N THR A 539 -20.47 -59.43 46.42
CA THR A 539 -19.61 -60.50 46.91
C THR A 539 -20.41 -61.55 47.66
N ALA B 5 -26.48 -46.00 -7.15
CA ALA B 5 -26.77 -47.30 -6.56
C ALA B 5 -26.84 -47.21 -5.04
N PRO B 6 -27.87 -47.84 -4.44
CA PRO B 6 -27.95 -47.85 -2.97
C PRO B 6 -26.82 -48.63 -2.32
N ALA B 7 -26.41 -49.75 -2.92
CA ALA B 7 -25.32 -50.55 -2.39
C ALA B 7 -24.39 -50.96 -3.53
N LEU B 8 -23.19 -51.37 -3.16
CA LEU B 8 -22.19 -51.76 -4.16
C LEU B 8 -21.13 -52.61 -3.48
N ARG B 9 -20.95 -53.84 -3.98
CA ARG B 9 -19.98 -54.76 -3.40
C ARG B 9 -18.97 -55.24 -4.46
N TYR B 12 -16.26 -51.31 -6.62
CA TYR B 12 -15.44 -50.44 -7.46
C TYR B 12 -14.00 -50.41 -6.93
N PRO B 13 -13.06 -50.97 -7.69
CA PRO B 13 -11.66 -50.97 -7.27
C PRO B 13 -11.12 -49.58 -6.98
N LYS B 14 -11.67 -48.54 -7.61
CA LYS B 14 -11.27 -47.18 -7.27
C LYS B 14 -11.64 -46.84 -5.84
N ALA B 15 -12.84 -47.25 -5.41
CA ALA B 15 -13.29 -46.95 -4.04
C ALA B 15 -12.45 -47.70 -3.01
N LEU B 16 -12.17 -48.99 -3.26
CA LEU B 16 -11.40 -49.76 -2.30
C LEU B 16 -9.98 -49.23 -2.16
N GLN B 17 -9.41 -48.72 -3.25
CA GLN B 17 -8.04 -48.23 -3.16
C GLN B 17 -7.98 -46.84 -2.53
N ILE B 18 -8.94 -45.97 -2.84
CA ILE B 18 -9.03 -44.69 -2.16
C ILE B 18 -9.17 -44.90 -0.65
N LEU B 19 -9.94 -45.92 -0.26
CA LEU B 19 -10.15 -46.19 1.16
C LEU B 19 -8.89 -46.80 1.79
N THR B 20 -8.30 -47.80 1.14
CA THR B 20 -7.15 -48.48 1.73
C THR B 20 -5.91 -47.60 1.74
N GLU B 21 -5.78 -46.70 0.76
CA GLU B 21 -4.61 -45.82 0.71
C GLU B 21 -4.81 -44.53 1.50
N GLY B 22 -5.96 -43.88 1.32
CA GLY B 22 -6.17 -42.56 1.89
C GLY B 22 -6.79 -42.55 3.27
N GLY B 23 -7.72 -43.47 3.54
CA GLY B 23 -8.36 -43.52 4.83
C GLY B 23 -9.55 -42.58 4.94
N THR B 24 -10.01 -42.42 6.18
CA THR B 24 -11.19 -41.62 6.46
C THR B 24 -10.85 -40.14 6.57
N HIS B 25 -11.79 -39.30 6.15
CA HIS B 25 -11.65 -37.85 6.14
C HIS B 25 -12.80 -37.25 6.94
N MET B 26 -12.49 -36.43 7.94
CA MET B 26 -13.51 -35.88 8.82
C MET B 26 -13.27 -34.39 9.05
N VAL B 27 -14.31 -33.59 8.83
CA VAL B 27 -14.30 -32.15 9.10
C VAL B 27 -15.61 -31.78 9.77
N CYS B 28 -15.54 -31.16 10.96
CA CYS B 28 -16.71 -30.90 11.80
C CYS B 28 -16.77 -29.43 12.20
N THR B 29 -18.00 -28.98 12.44
CA THR B 29 -18.26 -27.65 12.98
C THR B 29 -18.47 -27.74 14.49
N GLY B 30 -18.60 -26.57 15.12
CA GLY B 30 -18.93 -26.50 16.53
C GLY B 30 -17.76 -26.64 17.48
N ARG B 31 -17.87 -26.03 18.66
CA ARG B 31 -16.81 -26.06 19.66
C ARG B 31 -16.90 -27.29 20.57
N THR B 32 -18.10 -27.67 20.96
CA THR B 32 -18.32 -28.79 21.86
C THR B 32 -19.21 -29.83 21.17
N HIS B 33 -19.32 -30.99 21.83
CA HIS B 33 -20.05 -32.11 21.25
C HIS B 33 -21.55 -31.85 21.13
N THR B 34 -22.08 -30.86 21.85
CA THR B 34 -23.51 -30.61 21.86
C THR B 34 -23.98 -29.73 20.71
N ASP B 35 -23.07 -29.19 19.91
CA ASP B 35 -23.44 -28.41 18.72
C ASP B 35 -22.48 -28.71 17.57
N ARG B 36 -22.18 -29.98 17.37
CA ARG B 36 -21.21 -30.41 16.36
C ARG B 36 -21.92 -31.18 15.25
N LEU B 37 -21.64 -30.77 14.01
CA LEU B 37 -22.02 -31.52 12.82
C LEU B 37 -20.75 -31.87 12.04
N CYS B 38 -20.72 -33.08 11.48
CA CYS B 38 -19.52 -33.65 10.89
C CYS B 38 -19.76 -34.08 9.44
N ARG B 39 -18.82 -33.75 8.58
CA ARG B 39 -18.81 -34.24 7.20
C ARG B 39 -17.72 -35.30 7.09
N PHE B 40 -18.11 -36.52 6.73
CA PHE B 40 -17.19 -37.64 6.63
C PHE B 40 -16.99 -38.07 5.18
N LYS B 41 -15.79 -38.54 4.88
CA LYS B 41 -15.50 -39.21 3.62
C LYS B 41 -14.84 -40.54 3.96
N TRP B 42 -15.41 -41.64 3.45
CA TRP B 42 -14.89 -42.98 3.68
C TRP B 42 -14.96 -43.36 5.16
N LEU B 43 -16.05 -42.98 5.82
CA LEU B 43 -16.37 -43.50 7.14
C LEU B 43 -17.08 -44.84 7.01
N CYS B 44 -16.72 -45.79 7.88
CA CYS B 44 -17.13 -47.18 7.77
C CYS B 44 -17.80 -47.65 9.05
N TYR B 45 -18.50 -48.77 8.92
CA TYR B 45 -19.36 -49.27 10.00
C TYR B 45 -19.32 -50.79 10.00
N SER B 46 -19.08 -51.36 11.18
CA SER B 46 -19.11 -52.81 11.36
C SER B 46 -20.50 -53.19 11.87
N SER B 47 -21.26 -53.91 11.03
CA SER B 47 -22.60 -54.33 11.45
C SER B 47 -22.54 -55.38 12.55
N GLU B 48 -21.45 -56.13 12.64
CA GLU B 48 -21.34 -57.14 13.69
C GLU B 48 -21.06 -56.50 15.04
N ALA B 49 -20.14 -55.53 15.07
CA ALA B 49 -19.79 -54.85 16.30
C ALA B 49 -20.67 -53.63 16.57
N GLU B 50 -21.43 -53.18 15.59
CA GLU B 50 -22.23 -51.95 15.69
C GLU B 50 -21.35 -50.77 16.10
N GLU B 51 -20.24 -50.63 15.39
CA GLU B 51 -19.26 -49.58 15.65
C GLU B 51 -18.90 -48.89 14.33
N PHE B 52 -18.88 -47.57 14.35
CA PHE B 52 -18.31 -46.83 13.24
C PHE B 52 -16.79 -46.86 13.33
N ILE B 53 -16.13 -46.83 12.18
CA ILE B 53 -14.69 -47.02 12.10
C ILE B 53 -14.06 -45.88 11.33
N PHE B 54 -13.07 -45.23 11.94
CA PHE B 54 -12.22 -44.26 11.26
C PHE B 54 -10.93 -44.97 10.85
N PHE B 55 -10.65 -45.01 9.56
CA PHE B 55 -9.46 -45.66 9.03
C PHE B 55 -8.38 -44.61 8.80
N HIS B 56 -7.22 -44.80 9.45
CA HIS B 56 -6.10 -43.88 9.31
C HIS B 56 -5.31 -44.23 8.06
N GLY B 57 -5.37 -43.36 7.05
CA GLY B 57 -4.61 -43.55 5.84
C GLY B 57 -3.66 -42.39 5.58
N ASN B 58 -3.15 -42.28 4.36
CA ASN B 58 -2.16 -41.26 4.04
C ASN B 58 -2.78 -39.94 3.59
N ALA B 59 -4.11 -39.87 3.48
CA ALA B 59 -4.80 -38.62 3.22
C ALA B 59 -5.84 -38.32 4.30
N SER B 60 -5.71 -38.96 5.46
CA SER B 60 -6.72 -38.84 6.50
C SER B 60 -6.67 -37.48 7.18
N VAL B 61 -7.84 -37.01 7.59
CA VAL B 61 -8.00 -35.73 8.28
C VAL B 61 -9.00 -35.93 9.41
N MET B 62 -8.67 -35.43 10.60
CA MET B 62 -9.55 -35.51 11.75
C MET B 62 -9.64 -34.12 12.40
N LEU B 63 -10.72 -33.40 12.09
CA LEU B 63 -10.95 -32.07 12.64
C LEU B 63 -12.34 -32.05 13.26
N PRO B 64 -12.48 -31.87 14.58
CA PRO B 64 -11.36 -31.64 15.49
C PRO B 64 -10.58 -32.90 15.85
N SER B 65 -9.30 -32.73 16.18
CA SER B 65 -8.46 -33.81 16.71
C SER B 65 -8.48 -33.67 18.23
N LEU B 66 -9.30 -34.49 18.89
CA LEU B 66 -9.59 -34.33 20.30
C LEU B 66 -8.72 -35.17 21.21
N GLY B 67 -7.95 -36.11 20.67
CA GLY B 67 -7.19 -36.99 21.54
C GLY B 67 -8.11 -37.82 22.41
N SER B 68 -7.74 -37.93 23.69
CA SER B 68 -8.58 -38.67 24.63
C SER B 68 -9.86 -37.92 24.97
N ARG B 69 -9.91 -36.61 24.72
CA ARG B 69 -11.12 -35.84 24.96
C ARG B 69 -12.28 -36.25 24.06
N ARG B 70 -12.02 -37.07 23.03
CA ARG B 70 -13.09 -37.63 22.21
C ARG B 70 -14.00 -38.55 23.00
N PHE B 71 -13.62 -38.93 24.22
CA PHE B 71 -14.43 -39.79 25.07
C PHE B 71 -14.95 -39.07 26.31
N GLN B 72 -14.95 -37.74 26.30
CA GLN B 72 -15.44 -36.92 27.41
C GLN B 72 -16.49 -35.94 26.89
N PRO B 73 -17.70 -36.43 26.56
CA PRO B 73 -18.13 -37.83 26.62
C PRO B 73 -18.08 -38.56 25.27
N ALA B 74 -18.13 -37.82 24.17
CA ALA B 74 -18.18 -38.42 22.84
C ALA B 74 -17.87 -37.35 21.81
N LEU B 75 -17.98 -37.73 20.53
CA LEU B 75 -17.69 -36.79 19.45
C LEU B 75 -18.84 -35.82 19.23
N LEU B 76 -20.09 -36.29 19.23
CA LEU B 76 -21.23 -35.42 19.00
C LEU B 76 -22.51 -36.11 19.49
N ASP B 77 -23.57 -35.31 19.58
CA ASP B 77 -24.90 -35.83 19.88
C ASP B 77 -25.56 -36.35 18.62
N LEU B 78 -26.04 -37.60 18.66
CA LEU B 78 -26.74 -38.16 17.50
C LEU B 78 -28.20 -37.76 17.44
N SER B 79 -28.80 -37.42 18.57
CA SER B 79 -30.15 -36.87 18.63
C SER B 79 -30.08 -35.40 19.03
N THR B 80 -31.22 -34.72 18.92
CA THR B 80 -31.31 -33.32 19.32
C THR B 80 -31.58 -33.17 20.81
N VAL B 81 -31.66 -34.26 21.56
CA VAL B 81 -31.74 -34.19 23.01
C VAL B 81 -30.33 -33.99 23.56
N GLU B 82 -30.11 -32.86 24.22
CA GLU B 82 -28.76 -32.40 24.52
C GLU B 82 -28.08 -33.33 25.52
N ASP B 83 -26.91 -33.84 25.13
CA ASP B 83 -26.01 -34.56 26.02
C ASP B 83 -26.65 -35.83 26.61
N HIS B 84 -27.57 -36.44 25.88
CA HIS B 84 -28.21 -37.66 26.35
C HIS B 84 -27.21 -38.82 26.23
N ASN B 85 -26.91 -39.46 27.37
CA ASN B 85 -25.79 -40.40 27.41
C ASN B 85 -26.04 -41.70 26.65
N THR B 86 -27.20 -41.88 26.03
CA THR B 86 -27.44 -43.03 25.16
C THR B 86 -27.58 -42.65 23.69
N GLN B 87 -27.42 -41.37 23.36
CA GLN B 87 -27.55 -40.90 21.98
C GLN B 87 -26.24 -40.31 21.47
N TYR B 88 -25.12 -40.79 21.98
CA TYR B 88 -23.81 -40.29 21.58
C TYR B 88 -23.36 -40.94 20.28
N PHE B 89 -22.57 -40.21 19.50
CA PHE B 89 -21.86 -40.76 18.36
C PHE B 89 -20.37 -40.80 18.66
N ASN B 90 -19.72 -41.87 18.23
CA ASN B 90 -18.27 -41.98 18.27
C ASN B 90 -17.86 -43.10 17.32
N PHE B 91 -16.56 -43.19 17.08
CA PHE B 91 -16.00 -44.23 16.24
C PHE B 91 -14.80 -44.85 16.93
N VAL B 92 -14.41 -46.03 16.45
CA VAL B 92 -13.15 -46.65 16.84
C VAL B 92 -12.17 -46.46 15.68
N GLU B 93 -10.88 -46.47 16.00
CA GLU B 93 -9.84 -46.18 15.02
C GLU B 93 -9.07 -47.44 14.66
N LEU B 94 -8.60 -47.47 13.41
CA LEU B 94 -7.75 -48.52 12.88
C LEU B 94 -6.89 -47.92 11.79
N PRO B 95 -5.71 -48.48 11.53
CA PRO B 95 -4.99 -48.11 10.31
C PRO B 95 -5.72 -48.66 9.09
N ALA B 96 -5.66 -47.91 7.99
CA ALA B 96 -6.33 -48.34 6.77
C ALA B 96 -5.81 -49.68 6.28
N ALA B 97 -4.56 -50.01 6.61
CA ALA B 97 -3.98 -51.29 6.21
C ALA B 97 -4.64 -52.46 6.93
N ALA B 98 -5.29 -52.22 8.07
CA ALA B 98 -5.96 -53.29 8.80
C ALA B 98 -7.11 -53.90 8.01
N LEU B 99 -7.55 -53.25 6.93
CA LEU B 99 -8.57 -53.84 6.06
C LEU B 99 -8.13 -55.17 5.46
N ARG B 100 -6.84 -55.52 5.54
CA ARG B 100 -6.40 -56.83 5.10
C ARG B 100 -7.05 -57.95 5.89
N PHE B 101 -7.38 -57.70 7.16
CA PHE B 101 -7.94 -58.71 8.06
C PHE B 101 -9.44 -58.53 8.27
N MET B 102 -10.14 -57.92 7.33
CA MET B 102 -11.56 -57.63 7.45
C MET B 102 -12.26 -58.05 6.17
N PRO B 103 -13.58 -58.25 6.22
CA PRO B 103 -14.32 -58.60 5.00
C PRO B 103 -14.22 -57.51 3.95
N LYS B 104 -14.53 -57.89 2.71
CA LYS B 104 -14.58 -56.93 1.62
C LYS B 104 -15.68 -55.92 1.88
N PRO B 105 -15.38 -54.63 1.97
CA PRO B 105 -16.41 -53.65 2.33
C PRO B 105 -17.46 -53.49 1.24
N VAL B 106 -18.70 -53.27 1.68
CA VAL B 106 -19.79 -52.91 0.78
C VAL B 106 -20.00 -51.40 0.90
N PHE B 107 -19.95 -50.71 -0.24
CA PHE B 107 -19.92 -49.25 -0.24
C PHE B 107 -21.31 -48.67 -0.40
N VAL B 108 -21.56 -47.58 0.32
CA VAL B 108 -22.78 -46.79 0.16
C VAL B 108 -22.45 -45.59 -0.71
N PRO B 109 -22.82 -45.61 -1.99
CA PRO B 109 -22.42 -44.52 -2.90
C PRO B 109 -23.19 -43.24 -2.69
N ASP B 110 -24.46 -43.35 -2.28
CA ASP B 110 -25.25 -42.15 -2.02
C ASP B 110 -24.72 -41.41 -0.79
N VAL B 111 -24.80 -40.08 -0.84
CA VAL B 111 -24.48 -39.29 0.33
C VAL B 111 -25.50 -39.58 1.43
N ALA B 112 -25.03 -39.66 2.66
CA ALA B 112 -25.87 -40.09 3.78
C ALA B 112 -25.91 -39.02 4.86
N LEU B 113 -27.02 -38.99 5.59
CA LEU B 113 -27.14 -38.22 6.83
C LEU B 113 -27.48 -39.20 7.93
N ILE B 114 -26.64 -39.25 8.96
CA ILE B 114 -26.75 -40.21 10.04
C ILE B 114 -27.21 -39.51 11.29
N ALA B 115 -28.27 -40.02 11.91
CA ALA B 115 -28.86 -39.38 13.07
C ALA B 115 -29.68 -40.40 13.86
N ASN B 116 -30.06 -40.01 15.06
CA ASN B 116 -30.88 -40.84 15.94
C ASN B 116 -32.23 -40.18 16.14
N ARG B 117 -33.29 -40.96 15.99
CA ARG B 117 -34.62 -40.52 16.38
C ARG B 117 -34.84 -40.80 17.86
N PHE B 118 -35.42 -39.83 18.56
CA PHE B 118 -35.51 -39.96 20.02
C PHE B 118 -36.68 -40.85 20.43
N ASN B 119 -37.86 -40.62 19.86
CA ASN B 119 -39.03 -41.44 20.17
C ASN B 119 -39.93 -41.44 18.94
N PRO B 120 -39.68 -42.35 17.99
CA PRO B 120 -40.48 -42.39 16.76
C PRO B 120 -41.93 -42.82 16.98
N ASP B 121 -42.36 -43.08 18.20
CA ASP B 121 -43.73 -43.48 18.49
C ASP B 121 -44.57 -42.33 19.04
N ASN B 122 -43.98 -41.17 19.29
CA ASN B 122 -44.68 -40.02 19.84
C ASN B 122 -44.63 -38.88 18.82
N LEU B 123 -45.81 -38.39 18.42
CA LEU B 123 -45.88 -37.41 17.34
C LEU B 123 -45.14 -36.13 17.70
N MET B 124 -45.20 -35.71 18.96
CA MET B 124 -44.48 -34.50 19.38
C MET B 124 -42.98 -34.70 19.25
N HIS B 125 -42.47 -35.85 19.71
CA HIS B 125 -41.04 -36.14 19.58
C HIS B 125 -40.63 -36.24 18.12
N VAL B 126 -41.52 -36.77 17.27
CA VAL B 126 -41.19 -36.92 15.85
C VAL B 126 -40.96 -35.55 15.21
N PHE B 127 -41.89 -34.62 15.42
CA PHE B 127 -41.77 -33.30 14.81
C PHE B 127 -40.67 -32.48 15.46
N HIS B 128 -40.62 -32.46 16.79
CA HIS B 128 -39.72 -31.56 17.49
C HIS B 128 -38.28 -32.07 17.49
N ASP B 129 -38.09 -33.37 17.76
CA ASP B 129 -36.73 -33.89 17.87
C ASP B 129 -36.14 -34.27 16.52
N ASP B 130 -36.97 -34.65 15.55
CA ASP B 130 -36.48 -35.28 14.32
C ASP B 130 -36.82 -34.48 13.07
N LEU B 131 -38.11 -34.28 12.77
CA LEU B 131 -38.51 -33.78 11.45
C LEU B 131 -37.98 -32.38 11.21
N LEU B 132 -38.26 -31.45 12.12
CA LEU B 132 -37.74 -30.08 11.96
C LEU B 132 -36.22 -30.04 11.94
N PRO B 133 -35.51 -30.68 12.89
CA PRO B 133 -34.04 -30.68 12.78
C PRO B 133 -33.52 -31.32 11.50
N LEU B 134 -34.14 -32.41 11.06
CA LEU B 134 -33.73 -33.04 9.80
C LEU B 134 -33.91 -32.08 8.63
N PHE B 135 -35.04 -31.37 8.59
CA PHE B 135 -35.36 -30.49 7.46
C PHE B 135 -34.28 -29.44 7.26
N TYR B 136 -33.84 -28.80 8.34
CA TYR B 136 -32.90 -27.70 8.24
C TYR B 136 -31.45 -28.13 8.34
N THR B 137 -31.17 -29.32 8.87
CA THR B 137 -29.81 -29.86 8.81
C THR B 137 -29.45 -30.24 7.38
N LEU B 138 -30.40 -30.83 6.65
CA LEU B 138 -30.18 -31.13 5.24
C LEU B 138 -29.87 -29.87 4.45
N ARG B 139 -30.54 -28.76 4.79
CA ARG B 139 -30.35 -27.51 4.07
C ARG B 139 -29.15 -26.71 4.56
N GLN B 140 -28.39 -27.24 5.53
CA GLN B 140 -27.14 -26.61 5.93
C GLN B 140 -26.02 -26.87 4.94
N PHE B 141 -26.10 -27.96 4.16
CA PHE B 141 -25.03 -28.36 3.28
C PHE B 141 -25.57 -28.52 1.85
N PRO B 142 -24.86 -28.01 0.84
CA PRO B 142 -25.37 -28.10 -0.53
C PRO B 142 -25.48 -29.54 -1.01
N GLY B 143 -26.57 -29.84 -1.72
CA GLY B 143 -26.79 -31.15 -2.28
C GLY B 143 -27.47 -32.14 -1.37
N LEU B 144 -27.57 -31.87 -0.07
CA LEU B 144 -28.10 -32.85 0.86
C LEU B 144 -29.61 -32.99 0.71
N ALA B 145 -30.33 -31.86 0.62
CA ALA B 145 -31.78 -31.90 0.66
C ALA B 145 -32.37 -32.72 -0.48
N ARG B 146 -31.68 -32.82 -1.61
CA ARG B 146 -32.19 -33.52 -2.78
C ARG B 146 -31.62 -34.93 -2.94
N GLU B 147 -30.48 -35.23 -2.32
CA GLU B 147 -29.77 -36.47 -2.59
C GLU B 147 -29.51 -37.36 -1.38
N ALA B 148 -29.68 -36.84 -0.16
CA ALA B 148 -29.26 -37.59 1.02
C ALA B 148 -30.16 -38.80 1.27
N ARG B 149 -29.56 -39.88 1.72
CA ARG B 149 -30.27 -41.04 2.23
C ARG B 149 -30.12 -41.04 3.75
N LEU B 150 -31.25 -41.08 4.45
CA LEU B 150 -31.25 -40.97 5.90
C LEU B 150 -30.95 -42.34 6.53
N PHE B 151 -30.10 -42.31 7.56
CA PHE B 151 -29.73 -43.50 8.32
C PHE B 151 -30.04 -43.25 9.78
N PHE B 152 -31.05 -43.93 10.31
CA PHE B 152 -31.46 -43.78 11.70
C PHE B 152 -30.85 -44.92 12.52
N MET B 153 -29.98 -44.55 13.47
CA MET B 153 -29.14 -45.52 14.17
C MET B 153 -29.55 -45.75 15.62
N GLU B 154 -30.66 -45.16 16.07
CA GLU B 154 -31.05 -45.32 17.48
C GLU B 154 -31.46 -46.74 17.82
N GLY B 155 -31.83 -47.55 16.82
CA GLY B 155 -32.15 -48.94 17.05
C GLY B 155 -33.63 -49.27 17.13
N TRP B 156 -34.51 -48.29 16.96
CA TRP B 156 -35.94 -48.56 17.01
C TRP B 156 -36.43 -49.06 15.65
N GLY B 157 -37.64 -49.63 15.67
CA GLY B 157 -38.30 -49.99 14.44
C GLY B 157 -38.83 -48.78 13.70
N GLU B 158 -39.74 -48.99 12.74
CA GLU B 158 -40.27 -47.88 11.96
C GLU B 158 -41.02 -46.88 12.83
N GLY B 159 -41.86 -47.36 13.74
CA GLY B 159 -42.70 -46.49 14.52
C GLY B 159 -43.98 -46.14 13.78
N ALA B 160 -44.89 -45.48 14.51
CA ALA B 160 -46.21 -45.21 13.97
C ALA B 160 -46.22 -44.10 12.92
N HIS B 161 -45.16 -43.29 12.85
CA HIS B 161 -45.14 -42.12 11.97
C HIS B 161 -43.98 -42.18 10.98
N PHE B 162 -43.61 -43.38 10.54
CA PHE B 162 -42.45 -43.52 9.66
C PHE B 162 -42.68 -42.88 8.30
N ASP B 163 -43.94 -42.78 7.87
CA ASP B 163 -44.22 -42.17 6.57
C ASP B 163 -43.86 -40.69 6.55
N LEU B 164 -43.85 -40.03 7.71
CA LEU B 164 -43.49 -38.62 7.75
C LEU B 164 -42.00 -38.43 7.51
N TYR B 165 -41.17 -39.35 8.01
CA TYR B 165 -39.74 -39.29 7.73
C TYR B 165 -39.46 -39.42 6.25
N LYS B 166 -40.28 -40.21 5.53
CA LYS B 166 -40.05 -40.43 4.11
C LYS B 166 -40.30 -39.20 3.26
N LEU B 167 -41.08 -38.24 3.77
CA LEU B 167 -41.36 -37.03 2.99
C LEU B 167 -40.18 -36.08 2.95
N LEU B 168 -39.21 -36.23 3.85
CA LEU B 168 -38.05 -35.36 3.91
C LEU B 168 -36.93 -35.81 2.99
N SER B 169 -37.17 -36.84 2.17
CA SER B 169 -36.14 -37.43 1.34
C SER B 169 -36.76 -38.24 0.22
N PRO B 170 -36.29 -38.10 -1.02
CA PRO B 170 -36.80 -38.96 -2.10
C PRO B 170 -36.25 -40.37 -2.05
N LYS B 171 -35.25 -40.63 -1.22
CA LYS B 171 -34.61 -41.94 -1.15
C LYS B 171 -35.07 -42.69 0.11
N GLN B 172 -35.08 -44.01 0.00
CA GLN B 172 -35.59 -44.86 1.08
C GLN B 172 -34.66 -44.79 2.29
N PRO B 173 -35.16 -44.46 3.47
CA PRO B 173 -34.31 -44.49 4.67
C PRO B 173 -34.05 -45.92 5.11
N LEU B 174 -32.94 -46.09 5.82
CA LEU B 174 -32.54 -47.38 6.35
C LEU B 174 -32.34 -47.28 7.86
N LEU B 175 -32.77 -48.30 8.57
CA LEU B 175 -32.58 -48.39 10.01
C LEU B 175 -31.39 -49.28 10.33
N ARG B 176 -30.89 -49.15 11.57
CA ARG B 176 -29.64 -49.82 11.94
C ARG B 176 -29.77 -51.34 11.81
N ALA B 177 -30.90 -51.91 12.23
CA ALA B 177 -31.09 -53.34 12.13
C ALA B 177 -31.08 -53.83 10.68
N GLN B 178 -31.40 -52.97 9.73
CA GLN B 178 -31.37 -53.33 8.31
C GLN B 178 -29.97 -53.31 7.72
N LEU B 179 -28.99 -52.73 8.41
CA LEU B 179 -27.64 -52.68 7.88
C LEU B 179 -26.96 -54.05 7.93
N LYS B 180 -27.37 -54.91 8.87
CA LYS B 180 -26.76 -56.22 9.00
C LYS B 180 -26.88 -57.03 7.71
N ALA B 181 -28.03 -56.95 7.04
CA ALA B 181 -28.23 -57.66 5.79
C ALA B 181 -27.42 -57.06 4.65
N LEU B 182 -27.05 -55.78 4.75
CA LEU B 182 -26.31 -55.13 3.67
C LEU B 182 -24.88 -55.67 3.56
N GLY B 183 -24.28 -56.03 4.69
CA GLY B 183 -22.92 -56.53 4.69
C GLY B 183 -22.31 -56.44 6.07
N ARG B 184 -21.25 -57.24 6.27
CA ARG B 184 -20.58 -57.27 7.56
C ARG B 184 -19.79 -55.99 7.81
N LEU B 185 -19.29 -55.35 6.75
CA LEU B 185 -18.53 -54.11 6.86
C LEU B 185 -19.05 -53.14 5.81
N LEU B 186 -19.67 -52.05 6.26
CA LEU B 186 -20.26 -51.04 5.39
C LEU B 186 -19.43 -49.76 5.44
N CYS B 187 -19.29 -49.10 4.30
CA CYS B 187 -18.37 -47.98 4.10
C CYS B 187 -19.08 -46.87 3.33
N PHE B 188 -19.22 -45.71 3.96
CA PHE B 188 -19.89 -44.57 3.33
C PHE B 188 -18.87 -43.73 2.59
N SER B 189 -19.08 -43.53 1.28
CA SER B 189 -18.20 -42.66 0.51
C SER B 189 -18.36 -41.20 0.92
N HIS B 190 -19.55 -40.81 1.39
CA HIS B 190 -19.82 -39.43 1.79
C HIS B 190 -20.97 -39.46 2.77
N ALA B 191 -20.74 -38.99 4.00
CA ALA B 191 -21.75 -39.07 5.03
C ALA B 191 -21.66 -37.86 5.95
N PHE B 192 -22.82 -37.34 6.33
CA PHE B 192 -22.93 -36.30 7.34
C PHE B 192 -23.55 -36.90 8.60
N VAL B 193 -23.06 -36.45 9.76
CA VAL B 193 -23.45 -37.02 11.04
C VAL B 193 -23.90 -35.89 11.97
N GLY B 194 -25.04 -36.07 12.61
CA GLY B 194 -25.53 -35.11 13.58
C GLY B 194 -26.75 -34.37 13.07
N LEU B 195 -27.46 -33.75 14.01
CA LEU B 195 -28.60 -32.91 13.73
C LEU B 195 -28.44 -31.59 14.45
N SER B 196 -28.80 -30.49 13.77
CA SER B 196 -28.78 -29.19 14.41
C SER B 196 -29.88 -29.11 15.46
N LYS B 197 -29.58 -28.42 16.57
CA LYS B 197 -30.55 -28.17 17.62
C LYS B 197 -31.23 -26.82 17.48
N VAL B 198 -31.02 -26.13 16.36
CA VAL B 198 -31.44 -24.73 16.25
C VAL B 198 -32.96 -24.60 16.29
N THR B 199 -33.70 -25.63 15.90
CA THR B 199 -35.15 -25.55 15.82
C THR B 199 -35.85 -26.01 17.10
N THR B 200 -35.12 -26.53 18.08
CA THR B 200 -35.75 -27.04 19.29
C THR B 200 -36.20 -25.90 20.19
N TRP B 201 -37.25 -26.16 20.97
CA TRP B 201 -37.77 -25.17 21.89
C TRP B 201 -38.17 -25.74 23.25
N TYR B 202 -38.00 -27.04 23.47
CA TYR B 202 -38.42 -27.67 24.71
C TYR B 202 -37.37 -28.70 25.14
N GLN B 203 -37.27 -28.91 26.45
CA GLN B 203 -36.46 -29.97 27.02
C GLN B 203 -37.33 -30.80 27.95
N TYR B 204 -37.08 -32.11 27.98
CA TYR B 204 -38.01 -33.08 28.55
C TYR B 204 -37.74 -33.40 30.01
N GLY B 205 -36.85 -32.67 30.67
CA GLY B 205 -36.74 -32.77 32.11
C GLY B 205 -35.74 -33.79 32.64
N PHE B 206 -34.58 -33.90 32.00
CA PHE B 206 -33.61 -34.89 32.44
C PHE B 206 -32.77 -34.39 33.61
N VAL B 207 -32.40 -33.12 33.61
CA VAL B 207 -31.60 -32.51 34.66
C VAL B 207 -32.45 -31.63 35.58
N GLN B 208 -33.20 -30.71 35.00
CA GLN B 208 -34.17 -29.89 35.69
C GLN B 208 -35.55 -30.20 35.12
N PRO B 209 -36.63 -29.87 35.85
CA PRO B 209 -37.98 -30.21 35.35
C PRO B 209 -38.21 -29.69 33.94
N GLN B 210 -39.05 -30.41 33.19
CA GLN B 210 -39.30 -30.09 31.79
C GLN B 210 -39.84 -28.67 31.66
N GLY B 211 -39.47 -28.02 30.56
CA GLY B 211 -39.88 -26.66 30.30
C GLY B 211 -39.27 -26.14 29.01
N PRO B 212 -39.49 -24.86 28.72
CA PRO B 212 -38.94 -24.29 27.48
C PRO B 212 -37.43 -24.24 27.52
N LYS B 213 -36.82 -24.29 26.34
CA LYS B 213 -35.38 -24.15 26.23
C LYS B 213 -34.96 -22.76 26.69
N ALA B 214 -33.77 -22.68 27.29
CA ALA B 214 -33.32 -21.44 27.89
C ALA B 214 -33.20 -20.33 26.86
N ASN B 215 -32.56 -20.61 25.73
CA ASN B 215 -32.38 -19.64 24.65
C ASN B 215 -32.86 -20.28 23.35
N ILE B 216 -34.07 -19.91 22.92
CA ILE B 216 -34.68 -20.47 21.73
C ILE B 216 -34.18 -19.69 20.52
N LEU B 217 -33.74 -20.42 19.49
CA LEU B 217 -33.12 -19.81 18.31
C LEU B 217 -33.99 -19.94 17.07
N VAL B 218 -35.25 -20.32 17.21
CA VAL B 218 -36.17 -20.50 16.10
C VAL B 218 -37.37 -19.60 16.31
N SER B 219 -37.94 -19.11 15.20
CA SER B 219 -39.14 -18.29 15.24
C SER B 219 -40.24 -18.95 14.42
N GLY B 220 -41.45 -18.38 14.52
CA GLY B 220 -42.59 -18.97 13.84
C GLY B 220 -42.44 -19.01 12.34
N ASN B 221 -41.72 -18.04 11.77
CA ASN B 221 -41.51 -18.02 10.32
C ASN B 221 -40.80 -19.28 9.84
N GLU B 222 -39.81 -19.74 10.61
CA GLU B 222 -39.09 -20.95 10.22
C GLU B 222 -39.93 -22.19 10.44
N ILE B 223 -40.78 -22.20 11.46
CA ILE B 223 -41.72 -23.31 11.65
C ILE B 223 -42.67 -23.40 10.46
N ARG B 224 -43.15 -22.25 9.99
CA ARG B 224 -44.18 -22.25 8.95
C ARG B 224 -43.61 -22.58 7.58
N GLN B 225 -42.37 -22.20 7.31
CA GLN B 225 -41.73 -22.63 6.07
C GLN B 225 -41.60 -24.14 6.02
N PHE B 226 -41.26 -24.75 7.15
CA PHE B 226 -41.20 -26.21 7.24
C PHE B 226 -42.59 -26.82 7.06
N ALA B 227 -43.61 -26.22 7.67
CA ALA B 227 -44.97 -26.74 7.53
C ALA B 227 -45.46 -26.59 6.10
N HIS B 228 -45.09 -25.49 5.44
CA HIS B 228 -45.47 -25.32 4.04
C HIS B 228 -44.89 -26.42 3.16
N PHE B 229 -43.62 -26.76 3.38
CA PHE B 229 -43.00 -27.85 2.63
C PHE B 229 -43.74 -29.16 2.85
N LEU B 230 -44.04 -29.49 4.11
CA LEU B 230 -44.73 -30.74 4.41
C LEU B 230 -46.13 -30.76 3.83
N MET B 231 -46.79 -29.60 3.74
CA MET B 231 -48.14 -29.58 3.19
C MET B 231 -48.14 -29.91 1.70
N GLU B 232 -47.15 -29.42 0.96
CA GLU B 232 -47.08 -29.72 -0.46
C GLU B 232 -46.73 -31.19 -0.70
N LYS B 233 -45.90 -31.78 0.16
CA LYS B 233 -45.59 -33.19 0.04
C LYS B 233 -46.82 -34.06 0.30
N LEU B 234 -47.75 -33.57 1.11
CA LEU B 234 -48.98 -34.27 1.42
C LEU B 234 -50.12 -33.91 0.49
N ASN B 235 -49.86 -33.12 -0.55
CA ASN B 235 -50.89 -32.67 -1.51
C ASN B 235 -52.03 -31.94 -0.79
N VAL B 236 -51.67 -31.13 0.20
CA VAL B 236 -52.62 -30.27 0.89
C VAL B 236 -52.52 -28.89 0.26
N SER B 237 -53.55 -28.52 -0.50
CA SER B 237 -53.56 -27.24 -1.19
C SER B 237 -53.99 -26.13 -0.22
N GLN B 238 -54.18 -24.93 -0.74
CA GLN B 238 -54.71 -23.81 0.03
C GLN B 238 -55.69 -23.00 -0.81
N GLU B 245 -67.91 -20.77 6.39
CA GLU B 245 -67.09 -21.96 6.17
C GLU B 245 -65.98 -22.05 7.22
N GLU B 246 -65.81 -20.99 7.99
CA GLU B 246 -64.88 -21.02 9.12
C GLU B 246 -65.35 -22.04 10.15
N TYR B 247 -64.40 -22.69 10.81
CA TYR B 247 -64.76 -23.74 11.75
C TYR B 247 -63.78 -23.79 12.91
N ILE B 248 -64.25 -24.39 14.00
CA ILE B 248 -63.43 -24.71 15.17
C ILE B 248 -63.16 -26.20 15.16
N LEU B 249 -61.92 -26.59 15.45
CA LEU B 249 -61.49 -27.98 15.36
C LEU B 249 -61.16 -28.52 16.74
N VAL B 250 -61.86 -29.57 17.16
CA VAL B 250 -61.58 -30.26 18.41
C VAL B 250 -60.77 -31.51 18.08
N PHE B 251 -59.54 -31.58 18.61
CA PHE B 251 -58.62 -32.68 18.33
C PHE B 251 -58.74 -33.69 19.46
N SER B 252 -59.49 -34.76 19.21
CA SER B 252 -59.82 -35.74 20.23
C SER B 252 -58.87 -36.93 20.19
N ARG B 253 -58.80 -37.62 21.33
CA ARG B 253 -58.14 -38.91 21.44
C ARG B 253 -59.20 -39.98 21.69
N THR B 254 -58.96 -41.18 21.13
CA THR B 254 -59.94 -42.25 21.22
C THR B 254 -59.57 -43.35 22.22
N GLN B 255 -58.30 -43.48 22.58
CA GLN B 255 -57.87 -44.56 23.46
C GLN B 255 -57.85 -44.13 24.93
N ASN B 256 -57.10 -43.08 25.24
CA ASN B 256 -56.96 -42.62 26.61
C ASN B 256 -56.95 -41.08 26.63
N ARG B 257 -56.96 -40.53 27.84
CA ARG B 257 -57.01 -39.08 28.05
C ARG B 257 -58.19 -38.47 27.31
N LEU B 258 -59.38 -39.02 27.56
CA LEU B 258 -60.56 -38.66 26.80
C LEU B 258 -61.21 -37.40 27.36
N ILE B 259 -61.96 -36.73 26.49
CA ILE B 259 -62.92 -35.71 26.91
C ILE B 259 -64.26 -36.43 27.05
N LEU B 260 -64.77 -36.49 28.28
CA LEU B 260 -65.94 -37.33 28.54
C LEU B 260 -67.21 -36.70 27.99
N ASN B 261 -67.29 -35.38 27.96
CA ASN B 261 -68.48 -34.72 27.45
C ASN B 261 -68.18 -34.04 26.12
N GLU B 262 -67.71 -34.83 25.15
CA GLU B 262 -67.24 -34.27 23.87
C GLU B 262 -68.40 -33.72 23.05
N ALA B 263 -69.54 -34.44 23.03
CA ALA B 263 -70.66 -33.99 22.21
C ALA B 263 -71.20 -32.65 22.70
N GLU B 264 -71.31 -32.48 24.02
CA GLU B 264 -71.76 -31.21 24.57
C GLU B 264 -70.72 -30.11 24.37
N LEU B 265 -69.44 -30.46 24.34
CA LEU B 265 -68.41 -29.48 24.06
C LEU B 265 -68.54 -28.94 22.64
N LEU B 266 -68.77 -29.84 21.67
CA LEU B 266 -68.95 -29.40 20.29
C LEU B 266 -70.14 -28.47 20.14
N LEU B 267 -71.25 -28.77 20.84
CA LEU B 267 -72.42 -27.93 20.75
C LEU B 267 -72.21 -26.58 21.42
N ALA B 268 -71.55 -26.59 22.58
CA ALA B 268 -71.39 -25.35 23.34
C ALA B 268 -70.40 -24.41 22.65
N LEU B 269 -69.34 -24.96 22.04
CA LEU B 269 -68.41 -24.13 21.29
C LEU B 269 -69.08 -23.52 20.06
N ALA B 270 -69.87 -24.33 19.35
CA ALA B 270 -70.54 -23.83 18.14
C ALA B 270 -71.52 -22.72 18.46
N GLN B 271 -72.19 -22.80 19.60
CA GLN B 271 -73.14 -21.76 19.97
C GLN B 271 -72.44 -20.51 20.48
N GLU B 272 -71.37 -20.68 21.27
CA GLU B 272 -70.72 -19.53 21.90
C GLU B 272 -70.02 -18.65 20.87
N PHE B 273 -69.44 -19.26 19.83
CA PHE B 273 -68.70 -18.51 18.82
C PHE B 273 -69.45 -18.42 17.50
N GLN B 274 -70.67 -18.98 17.42
CA GLN B 274 -71.47 -18.98 16.20
C GLN B 274 -70.65 -19.45 15.00
N MET B 275 -70.11 -20.66 15.14
CA MET B 275 -69.15 -21.20 14.20
C MET B 275 -69.31 -22.72 14.15
N LYS B 276 -69.14 -23.29 12.97
CA LYS B 276 -69.17 -24.74 12.84
C LYS B 276 -68.03 -25.37 13.63
N THR B 277 -68.30 -26.51 14.25
CA THR B 277 -67.29 -27.27 14.97
C THR B 277 -67.21 -28.68 14.40
N VAL B 278 -65.98 -29.21 14.37
CA VAL B 278 -65.69 -30.50 13.74
C VAL B 278 -64.61 -31.18 14.56
N THR B 279 -64.68 -32.51 14.63
CA THR B 279 -63.68 -33.31 15.33
C THR B 279 -62.67 -33.89 14.35
N VAL B 280 -61.50 -34.23 14.88
CA VAL B 280 -60.46 -34.92 14.13
C VAL B 280 -59.64 -35.72 15.14
N SER B 281 -59.05 -36.81 14.66
CA SER B 281 -58.18 -37.64 15.49
C SER B 281 -57.13 -38.29 14.61
N LEU B 282 -56.00 -38.64 15.23
CA LEU B 282 -54.96 -39.35 14.50
C LEU B 282 -55.43 -40.74 14.09
N GLU B 283 -56.38 -41.32 14.84
CA GLU B 283 -56.80 -42.69 14.61
C GLU B 283 -57.77 -42.83 13.44
N ASP B 284 -58.65 -41.85 13.24
CA ASP B 284 -59.75 -41.97 12.29
C ASP B 284 -59.53 -41.20 11.00
N HIS B 285 -58.41 -40.49 10.85
CA HIS B 285 -58.14 -39.71 9.66
C HIS B 285 -56.73 -39.96 9.18
N ALA B 286 -56.55 -40.07 7.87
CA ALA B 286 -55.21 -40.06 7.30
C ALA B 286 -54.53 -38.74 7.66
N PHE B 287 -53.22 -38.81 7.92
CA PHE B 287 -52.51 -37.64 8.43
C PHE B 287 -52.60 -36.47 7.46
N ALA B 288 -52.63 -36.74 6.15
CA ALA B 288 -52.81 -35.66 5.18
C ALA B 288 -54.16 -34.97 5.39
N ASP B 289 -55.19 -35.72 5.79
CA ASP B 289 -56.48 -35.10 6.09
C ASP B 289 -56.43 -34.34 7.41
N VAL B 290 -55.65 -34.82 8.38
CA VAL B 290 -55.48 -34.10 9.63
C VAL B 290 -54.87 -32.73 9.37
N VAL B 291 -53.81 -32.69 8.55
CA VAL B 291 -53.15 -31.43 8.24
C VAL B 291 -54.11 -30.49 7.49
N ARG B 292 -54.88 -31.05 6.56
CA ARG B 292 -55.84 -30.24 5.81
C ARG B 292 -56.86 -29.59 6.75
N LEU B 293 -57.33 -30.33 7.75
CA LEU B 293 -58.31 -29.78 8.69
C LEU B 293 -57.68 -28.72 9.58
N VAL B 294 -56.49 -28.97 10.09
CA VAL B 294 -55.84 -28.03 11.00
C VAL B 294 -55.50 -26.74 10.29
N SER B 295 -55.12 -26.82 9.02
CA SER B 295 -54.55 -25.67 8.31
C SER B 295 -55.56 -24.56 8.04
N ASN B 296 -56.86 -24.80 8.22
CA ASN B 296 -57.86 -23.75 8.07
C ASN B 296 -58.72 -23.60 9.31
N ALA B 297 -58.38 -24.28 10.40
CA ALA B 297 -59.11 -24.11 11.65
C ALA B 297 -58.85 -22.71 12.22
N SER B 298 -59.93 -22.06 12.67
CA SER B 298 -59.78 -20.80 13.36
C SER B 298 -59.45 -20.98 14.83
N MET B 299 -59.66 -22.18 15.36
CA MET B 299 -59.39 -22.49 16.75
C MET B 299 -59.14 -24.00 16.86
N LEU B 300 -58.18 -24.39 17.69
CA LEU B 300 -57.85 -25.79 17.92
C LEU B 300 -57.99 -26.08 19.41
N VAL B 301 -58.89 -27.00 19.74
CA VAL B 301 -59.18 -27.38 21.13
C VAL B 301 -58.80 -28.83 21.30
N SER B 302 -58.03 -29.12 22.35
CA SER B 302 -57.55 -30.48 22.56
C SER B 302 -56.98 -30.61 23.97
N MET B 303 -57.07 -31.82 24.51
CA MET B 303 -56.35 -32.14 25.74
C MET B 303 -54.84 -32.02 25.48
N HIS B 304 -54.10 -31.76 26.56
CA HIS B 304 -52.65 -31.82 26.49
C HIS B 304 -52.21 -33.17 25.97
N GLY B 305 -51.39 -33.17 24.93
CA GLY B 305 -50.95 -34.41 24.32
C GLY B 305 -50.21 -34.18 23.03
N ALA B 306 -49.64 -35.27 22.52
CA ALA B 306 -48.76 -35.19 21.36
C ALA B 306 -49.47 -34.62 20.13
N GLN B 307 -50.78 -34.88 20.00
CA GLN B 307 -51.50 -34.41 18.82
C GLN B 307 -51.50 -32.90 18.71
N LEU B 308 -51.29 -32.17 19.81
CA LEU B 308 -51.28 -30.72 19.76
C LEU B 308 -50.05 -30.16 19.04
N VAL B 309 -49.06 -30.99 18.71
CA VAL B 309 -47.94 -30.51 17.93
C VAL B 309 -48.37 -30.12 16.53
N THR B 310 -49.52 -30.62 16.06
CA THR B 310 -50.05 -30.22 14.77
C THR B 310 -50.50 -28.76 14.75
N ALA B 311 -50.47 -28.07 15.89
CA ALA B 311 -50.80 -26.66 15.93
C ALA B 311 -49.85 -25.82 15.06
N LEU B 312 -48.67 -26.34 14.75
CA LEU B 312 -47.77 -25.62 13.85
C LEU B 312 -48.32 -25.52 12.43
N PHE B 313 -49.38 -26.26 12.11
CA PHE B 313 -50.06 -26.16 10.82
C PHE B 313 -51.19 -25.14 10.83
N LEU B 314 -51.51 -24.55 11.97
CA LEU B 314 -52.61 -23.62 12.07
C LEU B 314 -52.32 -22.36 11.25
N PRO B 315 -53.36 -21.72 10.70
CA PRO B 315 -53.15 -20.44 10.04
C PRO B 315 -52.81 -19.35 11.05
N ARG B 316 -52.13 -18.32 10.57
CA ARG B 316 -51.76 -17.20 11.43
C ARG B 316 -53.01 -16.55 12.01
N GLY B 317 -53.00 -16.30 13.31
CA GLY B 317 -54.11 -15.67 14.00
C GLY B 317 -55.08 -16.62 14.66
N ALA B 318 -54.93 -17.93 14.46
CA ALA B 318 -55.82 -18.89 15.09
C ALA B 318 -55.47 -19.05 16.57
N ALA B 319 -56.39 -19.67 17.31
CA ALA B 319 -56.26 -19.84 18.75
C ALA B 319 -56.01 -21.29 19.11
N VAL B 320 -55.20 -21.50 20.14
CA VAL B 320 -54.92 -22.83 20.68
C VAL B 320 -55.52 -22.91 22.07
N VAL B 321 -56.43 -23.86 22.27
CA VAL B 321 -57.07 -24.10 23.57
C VAL B 321 -56.62 -25.46 24.05
N GLU B 322 -55.77 -25.48 25.06
CA GLU B 322 -55.22 -26.71 25.61
C GLU B 322 -55.85 -27.00 26.97
N LEU B 323 -56.45 -28.18 27.10
CA LEU B 323 -57.11 -28.59 28.33
C LEU B 323 -56.22 -29.53 29.12
N PHE B 324 -56.18 -29.33 30.44
CA PHE B 324 -55.34 -30.13 31.31
C PHE B 324 -56.20 -30.89 32.33
N PRO B 325 -55.87 -32.14 32.63
CA PRO B 325 -56.67 -32.90 33.58
C PRO B 325 -56.48 -32.41 35.01
N TYR B 326 -57.25 -33.01 35.91
CA TYR B 326 -57.18 -32.65 37.32
C TYR B 326 -55.77 -32.87 37.87
N ALA B 327 -55.33 -31.92 38.71
CA ALA B 327 -54.03 -31.93 39.40
C ALA B 327 -52.85 -31.69 38.46
N VAL B 328 -53.09 -31.31 37.21
CA VAL B 328 -52.02 -31.05 36.25
C VAL B 328 -51.96 -29.54 36.03
N ASN B 329 -50.94 -28.90 36.59
CA ASN B 329 -50.77 -27.46 36.46
C ASN B 329 -50.30 -27.11 35.05
N PRO B 330 -51.05 -26.31 34.30
CA PRO B 330 -50.62 -25.99 32.92
C PRO B 330 -49.27 -25.28 32.84
N ASP B 331 -48.88 -24.54 33.88
CA ASP B 331 -47.61 -23.83 33.83
C ASP B 331 -46.40 -24.74 33.88
N HIS B 332 -46.57 -25.99 34.34
CA HIS B 332 -45.47 -26.91 34.47
C HIS B 332 -45.22 -27.75 33.22
N TYR B 333 -46.15 -27.75 32.26
CA TYR B 333 -46.07 -28.62 31.08
C TYR B 333 -46.44 -27.77 29.87
N THR B 334 -45.42 -27.11 29.30
CA THR B 334 -45.66 -26.07 28.31
C THR B 334 -45.01 -26.28 26.95
N PRO B 335 -44.97 -27.50 26.39
CA PRO B 335 -44.37 -27.63 25.05
C PRO B 335 -45.22 -27.00 23.96
N TYR B 336 -46.55 -27.03 24.10
CA TYR B 336 -47.44 -26.45 23.11
C TYR B 336 -47.74 -24.98 23.38
N LYS B 337 -47.71 -24.57 24.65
CA LYS B 337 -47.71 -23.14 24.96
C LYS B 337 -46.48 -22.47 24.37
N THR B 338 -45.32 -23.10 24.52
CA THR B 338 -44.08 -22.54 23.96
C THR B 338 -44.15 -22.47 22.44
N LEU B 339 -44.70 -23.51 21.80
CA LEU B 339 -44.82 -23.49 20.35
C LEU B 339 -45.78 -22.40 19.89
N ALA B 340 -46.91 -22.24 20.59
CA ALA B 340 -47.93 -21.29 20.15
C ALA B 340 -47.49 -19.84 20.34
N THR B 341 -46.72 -19.56 21.39
CA THR B 341 -46.33 -18.20 21.72
C THR B 341 -44.94 -17.84 21.21
N LEU B 342 -44.34 -18.68 20.36
CA LEU B 342 -43.07 -18.34 19.76
C LEU B 342 -43.21 -17.05 18.94
N PRO B 343 -42.18 -16.21 18.92
CA PRO B 343 -42.25 -15.00 18.08
C PRO B 343 -42.45 -15.38 16.63
N GLY B 344 -43.41 -14.71 15.98
CA GLY B 344 -43.72 -14.96 14.59
C GLY B 344 -44.73 -16.08 14.36
N MET B 345 -45.06 -16.87 15.37
CA MET B 345 -46.06 -17.92 15.18
C MET B 345 -47.45 -17.34 15.00
N ASP B 346 -47.75 -16.22 15.68
CA ASP B 346 -49.02 -15.52 15.54
C ASP B 346 -50.20 -16.41 15.91
N LEU B 347 -50.09 -17.08 17.05
CA LEU B 347 -51.15 -17.91 17.58
C LEU B 347 -51.52 -17.45 18.99
N GLN B 348 -52.82 -17.39 19.25
CA GLN B 348 -53.30 -17.15 20.60
C GLN B 348 -53.34 -18.47 21.37
N TYR B 349 -52.94 -18.42 22.63
CA TYR B 349 -52.86 -19.62 23.46
C TYR B 349 -53.76 -19.47 24.68
N ILE B 350 -54.51 -20.52 24.98
CA ILE B 350 -55.41 -20.56 26.13
C ILE B 350 -55.24 -21.89 26.85
N ALA B 351 -54.97 -21.83 28.15
CA ALA B 351 -54.84 -23.02 28.98
C ALA B 351 -56.02 -23.09 29.94
N TRP B 352 -56.66 -24.26 30.00
CA TRP B 352 -57.74 -24.52 30.94
C TRP B 352 -57.41 -25.79 31.72
N GLN B 353 -57.64 -25.75 33.02
CA GLN B 353 -57.35 -26.88 33.90
C GLN B 353 -58.61 -27.30 34.64
N ASN B 354 -58.87 -28.60 34.65
CA ASN B 354 -59.98 -29.13 35.43
C ASN B 354 -59.64 -29.10 36.91
N THR B 355 -60.43 -28.34 37.68
CA THR B 355 -60.17 -28.17 39.10
C THR B 355 -61.29 -28.75 39.97
N MET B 356 -62.12 -29.62 39.40
CA MET B 356 -63.22 -30.24 40.14
C MET B 356 -63.02 -31.75 40.17
N PRO B 357 -62.85 -32.36 41.35
CA PRO B 357 -62.60 -33.80 41.40
C PRO B 357 -63.77 -34.64 40.90
N GLU B 358 -64.99 -34.12 40.96
CA GLU B 358 -66.15 -34.88 40.48
C GLU B 358 -66.18 -35.01 38.97
N ASN B 359 -65.36 -34.25 38.24
CA ASN B 359 -65.33 -34.28 36.80
C ASN B 359 -64.14 -35.05 36.24
N THR B 360 -63.41 -35.77 37.08
CA THR B 360 -62.25 -36.54 36.65
C THR B 360 -62.48 -38.02 36.91
N VAL B 361 -61.85 -38.85 36.09
CA VAL B 361 -61.96 -40.30 36.19
C VAL B 361 -60.54 -40.87 36.17
N THR B 362 -60.16 -41.54 37.25
CA THR B 362 -58.85 -42.16 37.34
C THR B 362 -58.92 -43.63 36.94
N HIS B 363 -57.77 -44.18 36.55
CA HIS B 363 -57.64 -45.58 36.15
C HIS B 363 -56.48 -46.20 36.91
N PRO B 364 -56.66 -46.51 38.20
CA PRO B 364 -55.55 -47.04 38.99
C PRO B 364 -55.14 -48.45 38.61
N GLU B 365 -56.00 -49.22 37.94
CA GLU B 365 -55.72 -50.61 37.63
C GLU B 365 -55.03 -50.81 36.29
N ARG B 366 -54.81 -49.75 35.53
CA ARG B 366 -54.14 -49.85 34.24
C ARG B 366 -52.66 -50.16 34.45
N PRO B 367 -51.94 -50.57 33.41
CA PRO B 367 -50.49 -50.74 33.55
C PRO B 367 -49.81 -49.42 33.86
N TRP B 368 -48.54 -49.52 34.28
CA TRP B 368 -47.74 -48.32 34.48
C TRP B 368 -47.70 -47.46 33.22
N ASP B 369 -47.78 -48.10 32.05
CA ASP B 369 -47.78 -47.39 30.78
C ASP B 369 -48.87 -46.32 30.76
N GLN B 370 -50.08 -46.68 31.18
CA GLN B 370 -51.24 -45.81 31.03
C GLN B 370 -51.71 -45.21 32.34
N GLY B 371 -50.82 -45.11 33.33
CA GLY B 371 -51.11 -44.34 34.53
C GLY B 371 -51.66 -45.13 35.70
N GLY B 372 -51.69 -46.45 35.64
CA GLY B 372 -52.12 -47.22 36.79
C GLY B 372 -51.14 -47.12 37.94
N ILE B 373 -51.64 -47.41 39.14
CA ILE B 373 -50.81 -47.31 40.34
C ILE B 373 -50.94 -48.59 41.18
N ALA B 374 -51.61 -49.60 40.61
CA ALA B 374 -51.82 -50.84 41.37
C ALA B 374 -50.53 -51.63 41.59
N HIS B 375 -49.47 -51.31 40.86
CA HIS B 375 -48.19 -52.00 40.98
C HIS B 375 -47.29 -51.37 42.03
N LEU B 376 -47.77 -50.38 42.76
CA LEU B 376 -46.98 -49.68 43.76
C LEU B 376 -47.39 -50.10 45.17
N ASP B 377 -46.52 -49.81 46.13
CA ASP B 377 -46.84 -50.04 47.53
C ASP B 377 -48.10 -49.27 47.91
N ARG B 378 -48.86 -49.83 48.84
CA ARG B 378 -50.12 -49.20 49.25
C ARG B 378 -49.88 -47.80 49.81
N ALA B 379 -48.77 -47.59 50.51
CA ALA B 379 -48.47 -46.27 51.06
C ALA B 379 -48.21 -45.25 49.96
N GLU B 380 -47.53 -45.67 48.89
CA GLU B 380 -47.32 -44.75 47.76
C GLU B 380 -48.63 -44.48 47.03
N GLN B 381 -49.49 -45.50 46.91
CA GLN B 381 -50.79 -45.30 46.29
C GLN B 381 -51.62 -44.28 47.04
N ALA B 382 -51.60 -44.34 48.37
CA ALA B 382 -52.38 -43.41 49.18
C ALA B 382 -51.89 -41.98 49.02
N ARG B 383 -50.57 -41.79 48.96
CA ARG B 383 -50.00 -40.47 48.74
C ARG B 383 -50.47 -39.89 47.40
N ILE B 384 -50.43 -40.70 46.35
CA ILE B 384 -50.81 -40.24 45.03
C ILE B 384 -52.28 -39.86 44.99
N LEU B 385 -53.14 -40.71 45.57
CA LEU B 385 -54.58 -40.45 45.54
C LEU B 385 -54.95 -39.22 46.36
N GLN B 386 -54.19 -38.92 47.41
CA GLN B 386 -54.51 -37.81 48.30
C GLN B 386 -53.86 -36.50 47.88
N SER B 387 -53.01 -36.50 46.86
CA SER B 387 -52.33 -35.30 46.42
C SER B 387 -53.15 -34.60 45.34
N ARG B 388 -53.26 -33.27 45.47
CA ARG B 388 -54.10 -32.46 44.60
C ARG B 388 -53.34 -31.76 43.48
N GLU B 389 -52.00 -31.87 43.46
CA GLU B 389 -51.22 -31.34 42.35
C GLU B 389 -49.96 -32.18 42.19
N VAL B 390 -49.68 -32.57 40.94
CA VAL B 390 -48.49 -33.34 40.62
C VAL B 390 -47.25 -32.50 40.94
N PRO B 391 -46.37 -32.97 41.82
CA PRO B 391 -45.15 -32.20 42.12
C PRO B 391 -44.23 -32.12 40.92
N ARG B 392 -43.33 -31.13 40.97
CA ARG B 392 -42.27 -31.06 39.97
C ARG B 392 -41.40 -32.30 40.05
N HIS B 393 -40.94 -32.77 38.90
CA HIS B 393 -40.24 -34.04 38.83
C HIS B 393 -39.32 -34.04 37.61
N LEU B 394 -38.45 -35.03 37.55
CA LEU B 394 -37.61 -35.28 36.39
C LEU B 394 -38.14 -36.46 35.60
N CYS B 395 -37.69 -36.56 34.35
CA CYS B 395 -37.98 -37.71 33.50
C CYS B 395 -37.54 -38.99 34.22
N CYS B 396 -38.23 -40.10 33.95
CA CYS B 396 -39.16 -40.25 32.83
C CYS B 396 -40.53 -40.82 33.18
N ARG B 397 -40.58 -41.76 34.13
CA ARG B 397 -41.81 -42.47 34.42
C ARG B 397 -42.32 -42.20 35.82
N ASN B 398 -42.50 -40.92 36.16
CA ASN B 398 -43.01 -40.56 37.47
C ASN B 398 -44.42 -41.11 37.64
N PRO B 399 -44.70 -41.89 38.68
CA PRO B 399 -46.02 -42.53 38.79
C PRO B 399 -47.17 -41.54 38.96
N GLU B 400 -46.99 -40.51 39.79
CA GLU B 400 -48.08 -39.57 40.00
C GLU B 400 -48.39 -38.77 38.74
N TRP B 401 -47.35 -38.42 37.98
CA TRP B 401 -47.56 -37.70 36.72
C TRP B 401 -48.34 -38.55 35.73
N LEU B 402 -47.92 -39.80 35.54
CA LEU B 402 -48.62 -40.68 34.61
C LEU B 402 -50.03 -40.99 35.08
N PHE B 403 -50.24 -41.04 36.40
CA PHE B 403 -51.57 -41.34 36.93
C PHE B 403 -52.56 -40.23 36.63
N ARG B 404 -52.11 -38.97 36.73
CA ARG B 404 -53.01 -37.85 36.50
C ARG B 404 -53.12 -37.49 35.02
N ILE B 405 -52.03 -37.63 34.25
CA ILE B 405 -52.05 -37.26 32.85
C ILE B 405 -52.84 -38.22 31.99
N TYR B 406 -53.19 -39.41 32.51
CA TYR B 406 -54.02 -40.36 31.79
C TYR B 406 -55.42 -40.45 32.38
N GLN B 407 -55.80 -39.47 33.20
CA GLN B 407 -57.19 -39.34 33.63
C GLN B 407 -58.07 -39.00 32.43
N ASP B 408 -59.35 -39.31 32.57
CA ASP B 408 -60.38 -38.78 31.68
C ASP B 408 -61.01 -37.57 32.36
N THR B 409 -61.55 -36.66 31.54
CA THR B 409 -61.98 -35.37 32.03
C THR B 409 -63.36 -35.01 31.49
N LYS B 410 -64.25 -34.61 32.37
CA LYS B 410 -65.50 -33.95 31.99
C LYS B 410 -65.26 -32.45 32.00
N VAL B 411 -65.34 -31.83 30.82
CA VAL B 411 -65.01 -30.42 30.68
C VAL B 411 -66.17 -29.58 31.19
N ASP B 412 -65.91 -28.75 32.20
CA ASP B 412 -66.90 -27.79 32.68
C ASP B 412 -67.05 -26.68 31.66
N ILE B 413 -68.20 -26.66 30.97
CA ILE B 413 -68.36 -25.73 29.84
C ILE B 413 -68.33 -24.27 30.28
N PRO B 414 -69.11 -23.81 31.26
CA PRO B 414 -69.11 -22.37 31.57
C PRO B 414 -67.75 -21.84 31.97
N SER B 415 -66.95 -22.65 32.68
CA SER B 415 -65.62 -22.20 33.06
C SER B 415 -64.67 -22.15 31.86
N LEU B 416 -64.76 -23.14 30.97
CA LEU B 416 -63.90 -23.15 29.78
C LEU B 416 -64.25 -21.99 28.86
N ILE B 417 -65.54 -21.74 28.64
CA ILE B 417 -65.94 -20.62 27.79
C ILE B 417 -65.45 -19.31 28.37
N GLN B 418 -65.57 -19.13 29.70
CA GLN B 418 -65.07 -17.91 30.33
C GLN B 418 -63.56 -17.81 30.20
N THR B 419 -62.85 -18.94 30.29
CA THR B 419 -61.40 -18.92 30.15
C THR B 419 -60.98 -18.52 28.74
N ILE B 420 -61.66 -19.07 27.71
CA ILE B 420 -61.36 -18.69 26.33
C ILE B 420 -61.65 -17.21 26.12
N ARG B 421 -62.75 -16.72 26.69
CA ARG B 421 -63.20 -15.36 26.40
C ARG B 421 -62.29 -14.29 26.99
N ARG B 422 -61.44 -14.64 27.95
CA ARG B 422 -60.48 -13.66 28.45
C ARG B 422 -59.35 -13.40 27.47
N VAL B 423 -59.14 -14.30 26.51
CA VAL B 423 -58.12 -14.15 25.48
C VAL B 423 -58.74 -13.87 24.11
N VAL B 424 -59.77 -14.63 23.75
CA VAL B 424 -60.45 -14.47 22.47
C VAL B 424 -61.70 -13.64 22.71
N LYS B 425 -61.60 -12.33 22.48
CA LYS B 425 -62.75 -11.45 22.49
C LYS B 425 -63.28 -11.34 21.06
N GLY B 426 -64.54 -11.71 20.86
CA GLY B 426 -65.12 -11.69 19.53
C GLY B 426 -64.84 -12.94 18.73
N HIS B 427 -64.63 -12.79 17.42
CA HIS B 427 -64.44 -13.94 16.55
C HIS B 427 -62.99 -14.44 16.63
N PRO B 428 -62.80 -15.75 16.71
CA PRO B 428 -61.44 -16.30 16.65
C PRO B 428 -60.95 -16.41 15.21
N GLY B 429 -59.65 -16.62 15.08
CA GLY B 429 -59.03 -16.85 13.79
C GLY B 429 -58.66 -15.56 13.09
N PRO B 430 -58.11 -15.69 11.86
CA PRO B 430 -57.72 -14.55 11.03
C PRO B 430 -58.92 -13.68 10.63
N GLN B 433 -56.61 -10.44 9.17
CA GLN B 433 -55.45 -9.78 9.75
C GLN B 433 -54.29 -9.72 8.77
N LYS B 434 -53.43 -8.72 8.93
CA LYS B 434 -52.25 -8.54 8.08
C LYS B 434 -51.00 -8.71 8.94
N TRP B 435 -49.99 -9.38 8.39
CA TRP B 435 -48.82 -9.77 9.17
C TRP B 435 -47.57 -9.10 8.59
N THR B 436 -47.12 -8.06 9.28
CA THR B 436 -45.83 -7.45 9.02
C THR B 436 -44.74 -8.27 9.71
N VAL B 437 -43.62 -8.48 9.03
CA VAL B 437 -42.48 -9.06 9.71
C VAL B 437 -41.73 -7.93 10.42
N SER B 438 -41.26 -8.23 11.62
CA SER B 438 -40.57 -7.24 12.44
C SER B 438 -39.06 -7.36 12.20
N LEU B 439 -38.46 -6.28 11.74
CA LEU B 439 -37.03 -6.22 11.51
C LEU B 439 -36.40 -5.15 12.40
N TYR B 440 -35.08 -5.11 12.41
CA TYR B 440 -34.38 -4.27 13.36
C TYR B 440 -33.66 -3.13 12.66
N PRO B 441 -33.43 -2.02 13.36
CA PRO B 441 -32.67 -0.92 12.75
C PRO B 441 -31.24 -1.31 12.52
N GLY B 442 -30.61 -0.60 11.58
CA GLY B 442 -29.17 -0.66 11.43
C GLY B 442 -28.52 0.28 12.42
N LYS B 443 -27.21 0.41 12.29
CA LYS B 443 -26.48 1.39 13.09
C LYS B 443 -26.79 2.81 12.62
N VAL B 444 -26.83 3.74 13.56
CA VAL B 444 -26.84 5.15 13.18
C VAL B 444 -25.51 5.46 12.49
N ARG B 445 -25.52 6.47 11.63
CA ARG B 445 -24.39 6.75 10.76
C ARG B 445 -23.85 8.16 10.99
N GLU B 446 -22.56 8.34 10.70
CA GLU B 446 -21.87 9.62 10.77
C GLU B 446 -22.14 10.33 12.10
N ALA B 447 -21.95 9.58 13.18
CA ALA B 447 -22.16 10.11 14.53
C ALA B 447 -21.04 11.09 14.86
N ARG B 448 -21.38 12.37 14.96
CA ARG B 448 -20.44 13.43 15.29
C ARG B 448 -20.80 14.05 16.63
N CYS B 449 -19.87 14.84 17.16
CA CYS B 449 -20.12 15.53 18.43
C CYS B 449 -19.24 16.78 18.50
N GLN B 450 -19.68 17.72 19.34
CA GLN B 450 -18.95 18.96 19.57
C GLN B 450 -18.88 19.21 21.08
N ALA B 451 -17.77 19.81 21.50
CA ALA B 451 -17.54 20.12 22.91
C ALA B 451 -17.59 21.62 23.13
N SER B 452 -17.75 22.00 24.39
CA SER B 452 -17.80 23.42 24.77
C SER B 452 -16.41 23.98 24.97
N SER B 457 -16.42 28.79 32.32
CA SER B 457 -17.44 28.15 31.49
C SER B 457 -18.26 27.15 32.30
N GLU B 458 -19.21 26.53 31.61
CA GLU B 458 -19.99 25.41 32.13
C GLU B 458 -20.08 24.38 31.01
N ALA B 459 -19.76 23.13 31.34
CA ALA B 459 -19.52 22.13 30.31
C ALA B 459 -20.78 21.84 29.52
N ARG B 460 -20.61 21.66 28.21
CA ARG B 460 -21.69 21.39 27.29
C ARG B 460 -21.23 20.36 26.27
N LEU B 461 -22.13 19.47 25.87
CA LEU B 461 -21.80 18.38 24.96
C LEU B 461 -22.94 18.18 23.97
N SER B 462 -22.67 18.43 22.70
CA SER B 462 -23.62 18.29 21.59
C SER B 462 -23.31 17.03 20.78
N VAL B 463 -24.34 16.22 20.53
CA VAL B 463 -24.19 15.01 19.72
C VAL B 463 -25.23 15.03 18.61
N SER B 464 -24.85 14.46 17.45
CA SER B 464 -25.76 14.36 16.33
C SER B 464 -25.37 13.15 15.49
N TRP B 465 -26.34 12.65 14.72
CA TRP B 465 -26.14 11.45 13.94
C TRP B 465 -27.18 11.38 12.83
N GLN B 466 -26.89 10.56 11.82
CA GLN B 466 -27.81 10.31 10.72
C GLN B 466 -28.56 9.00 10.96
N ILE B 467 -29.72 8.88 10.32
CA ILE B 467 -30.59 7.71 10.47
C ILE B 467 -29.86 6.48 9.96
N PRO B 468 -30.20 5.28 10.45
CA PRO B 468 -29.60 4.07 9.88
C PRO B 468 -29.96 3.90 8.42
N TRP B 469 -29.06 3.25 7.68
CA TRP B 469 -29.20 3.18 6.23
C TRP B 469 -30.50 2.51 5.81
N ASN B 470 -30.89 1.44 6.49
CA ASN B 470 -32.11 0.74 6.09
C ASN B 470 -33.36 1.54 6.38
N LEU B 471 -33.32 2.46 7.35
CA LEU B 471 -34.47 3.32 7.61
C LEU B 471 -34.78 4.23 6.43
N LYS B 472 -33.82 4.45 5.53
CA LYS B 472 -34.09 5.23 4.33
C LYS B 472 -35.20 4.60 3.49
N TYR B 473 -35.37 3.28 3.59
CA TYR B 473 -36.32 2.55 2.77
C TYR B 473 -37.46 1.94 3.59
N LEU B 474 -37.66 2.42 4.82
CA LEU B 474 -38.64 1.85 5.73
C LEU B 474 -39.65 2.89 6.18
N LYS B 475 -40.86 2.43 6.46
CA LYS B 475 -41.90 3.23 7.11
C LYS B 475 -42.17 2.59 8.47
N VAL B 476 -41.83 3.30 9.54
CA VAL B 476 -41.89 2.78 10.89
C VAL B 476 -42.77 3.69 11.74
N ARG B 477 -43.60 3.09 12.59
CA ARG B 477 -44.52 3.86 13.41
C ARG B 477 -43.78 4.73 14.42
N GLU B 478 -42.82 4.15 15.13
CA GLU B 478 -42.11 4.86 16.20
C GLU B 478 -40.61 4.59 16.05
N VAL B 479 -39.83 5.66 15.94
CA VAL B 479 -38.38 5.60 15.84
C VAL B 479 -37.80 6.42 16.98
N LYS B 480 -37.04 5.78 17.86
CA LYS B 480 -36.38 6.44 18.97
C LYS B 480 -34.89 6.10 18.96
N TYR B 481 -34.12 6.83 19.76
CA TYR B 481 -32.68 6.66 19.84
C TYR B 481 -32.26 6.62 21.30
N GLU B 482 -31.66 5.50 21.71
CA GLU B 482 -31.14 5.35 23.06
C GLU B 482 -29.69 5.76 23.09
N VAL B 483 -29.33 6.60 24.07
CA VAL B 483 -27.98 7.13 24.20
C VAL B 483 -27.46 6.78 25.59
N TRP B 484 -26.28 6.16 25.62
CA TRP B 484 -25.58 5.84 26.86
C TRP B 484 -24.41 6.80 27.02
N LEU B 485 -24.43 7.58 28.10
CA LEU B 485 -23.38 8.56 28.37
C LEU B 485 -22.46 7.98 29.45
N GLN B 486 -21.25 7.60 29.03
CA GLN B 486 -20.27 6.98 29.91
C GLN B 486 -19.05 7.88 30.04
N GLU B 487 -18.67 8.20 31.27
CA GLU B 487 -17.44 8.94 31.51
C GLU B 487 -16.26 7.98 31.43
N GLN B 488 -15.26 8.36 30.62
CA GLN B 488 -14.07 7.51 30.48
C GLN B 488 -13.42 7.32 31.84
N GLY B 489 -13.23 6.07 32.22
CA GLY B 489 -12.73 5.74 33.54
C GLY B 489 -13.76 5.25 34.51
N GLU B 490 -15.02 5.18 34.10
CA GLU B 490 -16.08 4.63 34.91
C GLU B 490 -16.70 3.45 34.17
N ASN B 491 -17.13 2.44 34.93
CA ASN B 491 -17.73 1.24 34.37
C ASN B 491 -19.24 1.28 34.45
N THR B 492 -19.84 2.45 34.23
CA THR B 492 -21.29 2.60 34.22
C THR B 492 -21.66 3.73 33.28
N TYR B 493 -22.96 3.95 33.11
CA TYR B 493 -23.45 4.92 32.13
C TYR B 493 -24.77 5.51 32.59
N VAL B 494 -25.16 6.60 31.95
CA VAL B 494 -26.44 7.26 32.15
C VAL B 494 -27.24 7.11 30.86
N PRO B 495 -28.40 6.46 30.89
CA PRO B 495 -29.18 6.25 29.66
C PRO B 495 -30.16 7.39 29.38
N TYR B 496 -30.33 7.66 28.09
CA TYR B 496 -31.30 8.63 27.60
C TYR B 496 -32.07 8.04 26.44
N MET B 497 -33.35 8.39 26.34
CA MET B 497 -34.21 7.97 25.23
C MET B 497 -34.65 9.24 24.49
N LEU B 498 -34.28 9.34 23.22
CA LEU B 498 -34.49 10.55 22.44
C LEU B 498 -35.35 10.27 21.22
N ALA B 499 -36.08 11.30 20.78
CA ALA B 499 -36.84 11.26 19.54
C ALA B 499 -36.14 11.96 18.39
N LEU B 500 -35.29 12.93 18.68
CA LEU B 500 -34.56 13.67 17.66
C LEU B 500 -33.24 12.98 17.36
N GLN B 501 -32.64 13.35 16.23
CA GLN B 501 -31.34 12.84 15.81
C GLN B 501 -30.20 13.68 16.36
N ASN B 502 -30.43 14.43 17.44
CA ASN B 502 -29.41 15.28 18.02
C ASN B 502 -29.85 15.64 19.43
N HIS B 503 -28.87 16.06 20.23
CA HIS B 503 -29.11 16.41 21.62
C HIS B 503 -27.89 17.16 22.13
N THR B 504 -28.11 18.00 23.12
CA THR B 504 -27.04 18.70 23.83
C THR B 504 -27.16 18.44 25.32
N PHE B 505 -26.17 17.76 25.87
CA PHE B 505 -26.18 17.41 27.28
C PHE B 505 -25.54 18.50 28.12
N THR B 506 -26.23 18.92 29.18
CA THR B 506 -25.72 19.90 30.13
C THR B 506 -25.67 19.37 31.56
N GLU B 507 -26.61 18.52 31.93
CA GLU B 507 -26.72 18.04 33.30
C GLU B 507 -25.56 17.09 33.61
N ASN B 508 -24.82 17.42 34.67
CA ASN B 508 -23.73 16.58 35.18
C ASN B 508 -22.63 16.37 34.14
N ILE B 509 -22.42 17.35 33.27
CA ILE B 509 -21.33 17.34 32.31
C ILE B 509 -20.20 18.18 32.87
N LYS B 510 -18.98 17.63 32.85
CA LYS B 510 -17.83 18.30 33.46
C LYS B 510 -16.80 18.69 32.40
N PRO B 511 -16.07 19.78 32.62
CA PRO B 511 -14.94 20.11 31.75
C PRO B 511 -13.72 19.25 32.10
N PHE B 512 -12.74 19.29 31.19
CA PHE B 512 -11.51 18.49 31.33
C PHE B 512 -11.83 17.02 31.52
N THR B 513 -12.81 16.53 30.77
CA THR B 513 -13.30 15.17 30.92
C THR B 513 -13.54 14.55 29.55
N THR B 514 -13.36 13.24 29.48
CA THR B 514 -13.61 12.47 28.27
C THR B 514 -14.85 11.62 28.46
N TYR B 515 -15.81 11.75 27.55
CA TYR B 515 -17.05 10.99 27.59
C TYR B 515 -17.13 10.06 26.39
N LEU B 516 -17.68 8.88 26.61
CA LEU B 516 -17.93 7.90 25.56
C LEU B 516 -19.43 7.83 25.31
N VAL B 517 -19.83 8.02 24.05
CA VAL B 517 -21.24 8.13 23.68
C VAL B 517 -21.60 6.91 22.84
N TRP B 518 -22.57 6.14 23.31
CA TRP B 518 -23.10 4.98 22.61
C TRP B 518 -24.51 5.29 22.12
N ILE B 519 -24.76 5.05 20.83
CA ILE B 519 -26.03 5.37 20.20
C ILE B 519 -26.58 4.13 19.50
N ARG B 520 -27.84 3.82 19.77
CA ARG B 520 -28.56 2.79 19.03
C ARG B 520 -29.98 3.27 18.79
N CYS B 521 -30.56 2.81 17.68
CA CYS B 521 -31.91 3.18 17.28
C CYS B 521 -32.88 2.05 17.61
N ILE B 522 -34.11 2.42 17.94
CA ILE B 522 -35.13 1.48 18.41
C ILE B 522 -36.39 1.68 17.58
N PHE B 523 -36.89 0.60 16.99
CA PHE B 523 -38.16 0.60 16.27
C PHE B 523 -39.26 0.08 17.19
N ASN B 524 -40.32 0.86 17.33
CA ASN B 524 -41.53 0.43 18.03
C ASN B 524 -41.23 -0.12 19.41
N LYS B 525 -40.35 0.58 20.14
CA LYS B 525 -40.07 0.35 21.55
C LYS B 525 -39.29 -0.93 21.86
N THR B 526 -39.54 -2.01 21.12
CA THR B 526 -38.98 -3.31 21.47
C THR B 526 -37.94 -3.83 20.50
N LEU B 527 -37.82 -3.25 19.30
CA LEU B 527 -36.89 -3.73 18.29
C LEU B 527 -35.60 -2.91 18.38
N LEU B 528 -34.74 -3.30 19.32
CA LEU B 528 -33.50 -2.58 19.58
C LEU B 528 -32.46 -2.93 18.53
N GLY B 529 -31.88 -1.91 17.90
CA GLY B 529 -30.83 -2.10 16.93
C GLY B 529 -29.45 -2.11 17.57
N PRO B 530 -28.42 -2.25 16.76
CA PRO B 530 -27.06 -2.31 17.29
C PRO B 530 -26.52 -0.93 17.65
N PHE B 531 -25.59 -0.93 18.60
CA PHE B 531 -24.84 0.29 18.91
C PHE B 531 -23.84 0.58 17.81
N ALA B 532 -23.72 1.86 17.46
CA ALA B 532 -22.68 2.27 16.52
C ALA B 532 -21.32 2.22 17.22
N ASP B 533 -20.27 2.52 16.47
CA ASP B 533 -18.95 2.63 17.07
C ASP B 533 -18.95 3.75 18.10
N VAL B 534 -18.22 3.53 19.20
CA VAL B 534 -18.26 4.47 20.31
C VAL B 534 -17.84 5.86 19.84
N LEU B 535 -18.47 6.88 20.41
CA LEU B 535 -18.16 8.27 20.11
C LEU B 535 -17.40 8.85 21.29
N VAL B 536 -16.13 9.18 21.07
CA VAL B 536 -15.26 9.71 22.11
C VAL B 536 -15.24 11.22 21.98
N CYS B 537 -15.83 11.92 22.95
CA CYS B 537 -15.90 13.38 22.96
C CYS B 537 -15.34 13.88 24.27
N SER B 538 -14.30 14.71 24.19
CA SER B 538 -13.63 15.25 25.37
C SER B 538 -13.96 16.73 25.52
N THR B 539 -14.28 17.12 26.74
CA THR B 539 -14.68 18.50 27.03
C THR B 539 -13.47 19.38 27.37
N PRO C 4 1.17 -0.76 -40.23
CA PRO C 4 2.02 -1.70 -39.49
C PRO C 4 3.50 -1.32 -39.54
N ALA C 5 4.09 -1.07 -38.38
CA ALA C 5 5.47 -0.63 -38.28
C ALA C 5 6.37 -1.77 -37.80
N PRO C 6 7.64 -1.79 -38.21
CA PRO C 6 8.53 -2.86 -37.74
C PRO C 6 8.77 -2.77 -36.24
N ALA C 7 8.78 -3.93 -35.59
CA ALA C 7 9.06 -3.98 -34.16
C ALA C 7 10.46 -3.46 -33.88
N LEU C 8 10.56 -2.57 -32.89
CA LEU C 8 11.86 -2.01 -32.51
C LEU C 8 12.66 -3.06 -31.77
N ARG C 9 13.67 -3.63 -32.43
CA ARG C 9 14.52 -4.65 -31.85
C ARG C 9 15.98 -4.19 -31.91
N ILE C 10 16.79 -4.77 -31.03
CA ILE C 10 18.20 -4.42 -30.93
C ILE C 10 19.02 -5.42 -31.73
N ASP C 11 20.06 -4.91 -32.39
CA ASP C 11 21.07 -5.76 -33.01
C ASP C 11 22.08 -6.08 -31.92
N TYR C 12 21.88 -7.23 -31.27
CA TYR C 12 22.63 -7.53 -30.06
C TYR C 12 24.14 -7.56 -30.26
N PRO C 13 24.69 -8.24 -31.26
CA PRO C 13 26.17 -8.22 -31.40
C PRO C 13 26.73 -6.83 -31.63
N LYS C 14 26.04 -6.01 -32.43
CA LYS C 14 26.50 -4.64 -32.64
C LYS C 14 26.38 -3.82 -31.36
N ALA C 15 25.26 -3.95 -30.65
CA ALA C 15 25.08 -3.21 -29.40
C ALA C 15 26.09 -3.65 -28.36
N LEU C 16 26.31 -4.96 -28.22
CA LEU C 16 27.25 -5.47 -27.23
C LEU C 16 28.67 -4.98 -27.52
N GLN C 17 29.04 -4.88 -28.79
CA GLN C 17 30.37 -4.41 -29.13
C GLN C 17 30.52 -2.91 -28.89
N ILE C 18 29.51 -2.12 -29.28
CA ILE C 18 29.55 -0.68 -29.04
C ILE C 18 29.65 -0.39 -27.55
N LEU C 19 28.91 -1.15 -26.73
CA LEU C 19 28.95 -0.94 -25.29
C LEU C 19 30.29 -1.32 -24.70
N THR C 20 30.77 -2.54 -24.99
CA THR C 20 31.97 -3.03 -24.35
C THR C 20 33.22 -2.32 -24.87
N GLU C 21 33.24 -1.97 -26.16
CA GLU C 21 34.39 -1.25 -26.69
C GLU C 21 34.33 0.24 -26.38
N GLY C 22 33.18 0.86 -26.66
CA GLY C 22 33.06 2.30 -26.56
C GLY C 22 32.69 2.85 -25.20
N GLY C 23 31.81 2.17 -24.48
CA GLY C 23 31.41 2.61 -23.16
C GLY C 23 30.25 3.59 -23.16
N THR C 24 29.99 4.14 -21.98
CA THR C 24 28.87 5.04 -21.77
C THR C 24 29.22 6.47 -22.22
N HIS C 25 28.20 7.18 -22.70
CA HIS C 25 28.34 8.54 -23.22
C HIS C 25 27.30 9.42 -22.53
N MET C 26 27.74 10.56 -21.99
CA MET C 26 26.86 11.43 -21.22
C MET C 26 27.12 12.89 -21.54
N VAL C 27 26.07 13.61 -21.91
CA VAL C 27 26.11 15.06 -22.10
C VAL C 27 24.90 15.68 -21.42
N CYS C 28 25.13 16.68 -20.55
CA CYS C 28 24.11 17.24 -19.68
C CYS C 28 24.08 18.76 -19.78
N THR C 29 22.88 19.30 -19.56
CA THR C 29 22.69 20.75 -19.50
C THR C 29 22.90 21.25 -18.07
N GLY C 30 22.80 22.56 -17.89
CA GLY C 30 22.76 23.14 -16.56
C GLY C 30 24.10 23.27 -15.85
N ARG C 31 24.20 24.27 -14.98
CA ARG C 31 25.41 24.52 -14.22
C ARG C 31 25.42 23.79 -12.87
N THR C 32 24.26 23.60 -12.27
CA THR C 32 24.16 22.90 -11.00
C THR C 32 23.23 21.70 -11.15
N HIS C 33 23.21 20.87 -10.11
CA HIS C 33 22.39 19.67 -10.13
C HIS C 33 20.89 19.98 -10.08
N THR C 34 20.51 21.19 -9.64
CA THR C 34 19.11 21.51 -9.47
C THR C 34 18.41 21.96 -10.76
N ASP C 35 19.15 22.14 -11.85
CA ASP C 35 18.54 22.40 -13.16
C ASP C 35 19.37 21.71 -14.24
N ARG C 36 19.48 20.39 -14.15
CA ARG C 36 20.32 19.61 -15.05
C ARG C 36 19.50 18.50 -15.68
N LEU C 37 19.57 18.42 -17.01
CA LEU C 37 19.02 17.31 -17.79
C LEU C 37 20.14 16.64 -18.57
N CYS C 38 20.12 15.31 -18.58
CA CYS C 38 21.22 14.48 -19.06
C CYS C 38 20.78 13.57 -20.21
N ARG C 39 21.57 13.55 -21.28
CA ARG C 39 21.38 12.61 -22.37
C ARG C 39 22.44 11.53 -22.28
N PHE C 40 22.01 10.28 -22.17
CA PHE C 40 22.90 9.14 -22.03
C PHE C 40 22.82 8.23 -23.25
N LYS C 41 23.96 7.63 -23.59
CA LYS C 41 24.02 6.52 -24.53
C LYS C 41 24.77 5.38 -23.86
N TRP C 42 24.16 4.19 -23.86
CA TRP C 42 24.77 2.99 -23.27
C TRP C 42 25.01 3.16 -21.78
N LEU C 43 24.02 3.75 -21.09
CA LEU C 43 23.99 3.77 -19.64
C LEU C 43 23.31 2.48 -19.15
N CYS C 44 23.96 1.80 -18.22
CA CYS C 44 23.49 0.50 -17.76
C CYS C 44 22.95 0.59 -16.34
N TYR C 45 22.39 -0.52 -15.88
CA TYR C 45 21.72 -0.58 -14.59
C TYR C 45 21.74 -2.01 -14.08
N SER C 46 22.28 -2.21 -12.89
CA SER C 46 22.26 -3.52 -12.24
C SER C 46 21.00 -3.63 -11.39
N SER C 47 20.15 -4.60 -11.72
CA SER C 47 18.90 -4.75 -11.00
C SER C 47 19.11 -5.24 -9.58
N GLU C 48 20.17 -6.02 -9.34
CA GLU C 48 20.45 -6.50 -7.99
C GLU C 48 20.93 -5.37 -7.09
N ALA C 49 21.87 -4.56 -7.58
CA ALA C 49 22.38 -3.44 -6.79
C ALA C 49 21.49 -2.22 -6.84
N GLU C 50 20.56 -2.16 -7.79
CA GLU C 50 19.71 -0.98 -8.02
C GLU C 50 20.57 0.27 -8.18
N GLU C 51 21.60 0.14 -9.02
CA GLU C 51 22.53 1.22 -9.29
C GLU C 51 22.71 1.36 -10.80
N PHE C 52 22.63 2.59 -11.29
CA PHE C 52 23.01 2.86 -12.67
C PHE C 52 24.53 2.82 -12.80
N ILE C 53 25.00 2.43 -13.98
CA ILE C 53 26.42 2.16 -14.21
C ILE C 53 26.90 2.96 -15.41
N PHE C 54 27.99 3.68 -15.23
CA PHE C 54 28.72 4.33 -16.32
C PHE C 54 29.94 3.48 -16.63
N PHE C 55 30.01 2.93 -17.83
CA PHE C 55 31.11 2.09 -18.26
C PHE C 55 32.12 2.95 -19.03
N HIS C 56 33.35 3.00 -18.53
CA HIS C 56 34.41 3.76 -19.18
C HIS C 56 34.97 2.94 -20.34
N GLY C 57 34.67 3.37 -21.56
CA GLY C 57 35.23 2.75 -22.74
C GLY C 57 36.07 3.75 -23.53
N ASN C 58 36.50 3.36 -24.73
CA ASN C 58 37.38 4.21 -25.53
C ASN C 58 36.64 5.31 -26.27
N ALA C 59 35.31 5.35 -26.19
CA ALA C 59 34.53 6.44 -26.76
C ALA C 59 33.76 7.21 -25.70
N SER C 60 34.10 7.00 -24.42
CA SER C 60 33.29 7.54 -23.34
C SER C 60 33.43 9.05 -23.23
N VAL C 61 32.32 9.70 -22.87
CA VAL C 61 32.27 11.14 -22.64
C VAL C 61 31.44 11.38 -21.38
N MET C 62 31.93 12.27 -20.51
CA MET C 62 31.22 12.63 -19.28
C MET C 62 31.21 14.15 -19.18
N LEU C 63 30.07 14.76 -19.53
CA LEU C 63 29.90 16.20 -19.46
C LEU C 63 28.63 16.50 -18.68
N PRO C 64 28.72 17.16 -17.51
CA PRO C 64 29.97 17.66 -16.95
C PRO C 64 30.84 16.59 -16.29
N SER C 65 32.15 16.81 -16.27
CA SER C 65 33.09 15.97 -15.55
C SER C 65 33.33 16.63 -14.20
N LEU C 66 32.65 16.14 -13.17
CA LEU C 66 32.59 16.83 -11.88
C LEU C 66 33.62 16.36 -10.87
N GLY C 67 34.30 15.25 -11.14
CA GLY C 67 35.21 14.71 -10.14
C GLY C 67 34.46 14.29 -8.89
N SER C 68 35.03 14.59 -7.73
CA SER C 68 34.37 14.29 -6.47
C SER C 68 33.15 15.17 -6.24
N ARG C 69 33.02 16.28 -6.96
CA ARG C 69 31.84 17.14 -6.85
C ARG C 69 30.59 16.46 -7.38
N ARG C 70 30.71 15.33 -8.07
CA ARG C 70 29.53 14.57 -8.48
C ARG C 70 28.75 14.02 -7.30
N PHE C 71 29.34 14.02 -6.10
CA PHE C 71 28.66 13.59 -4.89
C PHE C 71 28.40 14.74 -3.93
N GLN C 72 28.37 15.96 -4.45
CA GLN C 72 28.12 17.17 -3.65
C GLN C 72 26.99 17.98 -4.27
N PRO C 73 25.74 17.51 -4.15
CA PRO C 73 25.31 16.27 -3.50
C PRO C 73 25.17 15.09 -4.46
N ALA C 74 24.89 15.37 -5.73
CA ALA C 74 24.65 14.32 -6.72
C ALA C 74 24.74 14.95 -8.11
N LEU C 75 24.46 14.13 -9.13
CA LEU C 75 24.51 14.62 -10.50
C LEU C 75 23.32 15.52 -10.81
N LEU C 76 22.11 15.09 -10.47
CA LEU C 76 20.92 15.87 -10.80
C LEU C 76 19.77 15.46 -9.89
N ASP C 77 18.73 16.28 -9.91
CA ASP C 77 17.48 15.98 -9.21
C ASP C 77 16.60 15.09 -10.07
N LEU C 78 16.26 13.90 -9.57
CA LEU C 78 15.44 12.98 -10.33
C LEU C 78 13.96 13.32 -10.28
N SER C 79 13.53 14.10 -9.30
CA SER C 79 12.18 14.64 -9.22
C SER C 79 12.25 16.16 -9.30
N THR C 80 11.08 16.81 -9.35
CA THR C 80 11.02 18.26 -9.49
C THR C 80 10.96 19.00 -8.17
N VAL C 81 11.10 18.29 -7.05
CA VAL C 81 11.29 18.95 -5.76
C VAL C 81 12.77 19.32 -5.62
N GLU C 82 13.04 20.60 -5.41
CA GLU C 82 14.40 21.12 -5.53
C GLU C 82 15.29 20.58 -4.41
N ASP C 83 16.38 19.92 -4.80
CA ASP C 83 17.44 19.51 -3.89
C ASP C 83 16.92 18.61 -2.76
N HIS C 84 15.87 17.84 -3.04
CA HIS C 84 15.38 16.88 -2.05
C HIS C 84 16.36 15.71 -1.97
N ASN C 85 16.92 15.49 -0.78
CA ASN C 85 18.04 14.56 -0.62
C ASN C 85 17.63 13.08 -0.66
N THR C 86 16.38 12.78 -1.02
CA THR C 86 15.97 11.40 -1.30
C THR C 86 15.53 11.21 -2.74
N GLN C 87 15.76 12.21 -3.60
CA GLN C 87 15.34 12.15 -5.01
C GLN C 87 16.51 12.45 -5.94
N TYR C 88 17.73 12.12 -5.52
CA TYR C 88 18.91 12.38 -6.33
C TYR C 88 19.13 11.27 -7.35
N PHE C 89 19.79 11.62 -8.44
CA PHE C 89 20.27 10.64 -9.41
C PHE C 89 21.79 10.61 -9.38
N ASN C 90 22.35 9.41 -9.52
CA ASN C 90 23.79 9.24 -9.69
C ASN C 90 24.04 7.83 -10.22
N PHE C 91 25.28 7.58 -10.62
CA PHE C 91 25.70 6.28 -11.11
C PHE C 91 27.00 5.89 -10.43
N VAL C 92 27.35 4.62 -10.57
CA VAL C 92 28.67 4.12 -10.19
C VAL C 92 29.45 3.85 -11.46
N GLU C 93 30.78 3.92 -11.35
CA GLU C 93 31.65 3.79 -12.51
C GLU C 93 32.36 2.45 -12.51
N LEU C 94 32.59 1.92 -13.71
CA LEU C 94 33.39 0.73 -13.93
C LEU C 94 34.07 0.89 -15.28
N PRO C 95 35.21 0.21 -15.50
CA PRO C 95 35.73 0.11 -16.85
C PRO C 95 34.86 -0.82 -17.67
N ALA C 96 34.76 -0.52 -18.96
CA ALA C 96 33.93 -1.35 -19.84
C ALA C 96 34.43 -2.79 -19.88
N ALA C 97 35.72 -3.01 -19.61
CA ALA C 97 36.25 -4.36 -19.57
C ALA C 97 35.66 -5.18 -18.43
N ALA C 98 35.12 -4.52 -17.39
CA ALA C 98 34.53 -5.24 -16.27
C ALA C 98 33.31 -6.06 -16.67
N LEU C 99 32.75 -5.84 -17.86
CA LEU C 99 31.62 -6.62 -18.31
C LEU C 99 31.95 -8.11 -18.44
N ARG C 100 33.24 -8.45 -18.50
CA ARG C 100 33.62 -9.87 -18.58
C ARG C 100 33.26 -10.62 -17.31
N PHE C 101 33.15 -9.93 -16.17
CA PHE C 101 32.78 -10.56 -14.92
C PHE C 101 31.27 -10.55 -14.67
N MET C 102 30.50 -9.91 -15.53
CA MET C 102 29.08 -9.69 -15.30
C MET C 102 28.23 -10.52 -16.24
N PRO C 103 26.97 -10.75 -15.91
CA PRO C 103 26.06 -11.43 -16.86
C PRO C 103 25.93 -10.63 -18.14
N LYS C 104 25.49 -11.32 -19.19
CA LYS C 104 25.28 -10.67 -20.47
C LYS C 104 24.17 -9.64 -20.34
N PRO C 105 24.35 -8.42 -20.85
CA PRO C 105 23.34 -7.38 -20.64
C PRO C 105 22.10 -7.61 -21.49
N VAL C 106 20.99 -7.07 -21.02
CA VAL C 106 19.75 -6.99 -21.78
C VAL C 106 19.55 -5.54 -22.19
N PHE C 107 19.47 -5.28 -23.49
CA PHE C 107 19.40 -3.92 -24.00
C PHE C 107 17.96 -3.44 -24.07
N VAL C 108 17.76 -2.17 -23.70
CA VAL C 108 16.48 -1.50 -23.84
C VAL C 108 16.52 -0.71 -25.15
N PRO C 109 15.80 -1.14 -26.19
CA PRO C 109 15.92 -0.47 -27.49
C PRO C 109 15.21 0.89 -27.55
N ASP C 110 14.11 1.02 -26.82
CA ASP C 110 13.39 2.29 -26.80
C ASP C 110 14.25 3.39 -26.20
N VAL C 111 14.08 4.61 -26.72
CA VAL C 111 14.62 5.78 -26.04
C VAL C 111 13.82 6.00 -24.75
N ALA C 112 14.53 6.25 -23.65
CA ALA C 112 13.92 6.25 -22.33
C ALA C 112 14.02 7.64 -21.69
N LEU C 113 13.01 7.96 -20.89
CA LEU C 113 13.04 9.12 -20.01
C LEU C 113 12.93 8.61 -18.59
N ILE C 114 13.95 8.87 -17.77
CA ILE C 114 14.06 8.34 -16.43
C ILE C 114 13.81 9.46 -15.43
N ALA C 115 12.87 9.24 -14.51
CA ALA C 115 12.48 10.27 -13.57
C ALA C 115 11.87 9.62 -12.34
N ASN C 116 11.68 10.44 -11.30
CA ASN C 116 11.05 10.01 -10.06
C ASN C 116 9.73 10.74 -9.89
N ARG C 117 8.69 10.00 -9.53
CA ARG C 117 7.41 10.59 -9.13
C ARG C 117 7.45 10.87 -7.64
N PHE C 118 7.04 12.08 -7.26
CA PHE C 118 7.15 12.46 -5.86
C PHE C 118 6.10 11.78 -4.99
N ASN C 119 4.82 11.98 -5.32
CA ASN C 119 3.72 11.37 -4.59
C ASN C 119 2.63 11.00 -5.58
N PRO C 120 2.73 9.82 -6.20
CA PRO C 120 1.74 9.41 -7.20
C PRO C 120 0.37 9.07 -6.62
N ASP C 121 0.16 9.21 -5.31
CA ASP C 121 -1.15 8.99 -4.70
C ASP C 121 -1.93 10.28 -4.48
N ASN C 122 -1.31 11.44 -4.72
CA ASN C 122 -1.94 12.73 -4.51
C ASN C 122 -2.08 13.43 -5.86
N LEU C 123 -3.32 13.82 -6.19
CA LEU C 123 -3.60 14.36 -7.51
C LEU C 123 -2.84 15.67 -7.78
N MET C 124 -2.65 16.49 -6.74
CA MET C 124 -1.91 17.73 -6.93
C MET C 124 -0.44 17.45 -7.25
N HIS C 125 0.19 16.56 -6.47
CA HIS C 125 1.58 16.20 -6.75
C HIS C 125 1.72 15.56 -8.13
N VAL C 126 0.75 14.75 -8.54
CA VAL C 126 0.81 14.10 -9.84
C VAL C 126 0.86 15.14 -10.96
N PHE C 127 -0.06 16.10 -10.93
CA PHE C 127 -0.11 17.10 -11.99
C PHE C 127 1.05 18.09 -11.89
N HIS C 128 1.34 18.56 -10.68
CA HIS C 128 2.31 19.64 -10.53
C HIS C 128 3.74 19.14 -10.59
N ASP C 129 4.05 18.03 -9.91
CA ASP C 129 5.42 17.54 -9.85
C ASP C 129 5.80 16.65 -11.01
N ASP C 130 4.83 15.97 -11.64
CA ASP C 130 5.13 14.92 -12.60
C ASP C 130 4.58 15.22 -13.99
N LEU C 131 3.26 15.33 -14.14
CA LEU C 131 2.66 15.35 -15.48
C LEU C 131 3.08 16.58 -16.27
N LEU C 132 2.95 17.77 -15.66
CA LEU C 132 3.36 18.99 -16.36
C LEU C 132 4.86 19.03 -16.64
N PRO C 133 5.75 18.69 -15.69
CA PRO C 133 7.18 18.62 -16.06
C PRO C 133 7.50 17.58 -17.10
N LEU C 134 6.87 16.40 -17.03
CA LEU C 134 7.10 15.37 -18.05
C LEU C 134 6.70 15.87 -19.43
N PHE C 135 5.55 16.55 -19.53
CA PHE C 135 5.04 17.01 -20.81
C PHE C 135 6.05 17.88 -21.54
N TYR C 136 6.65 18.84 -20.84
CA TYR C 136 7.54 19.79 -21.49
C TYR C 136 9.00 19.34 -21.47
N THR C 137 9.39 18.43 -20.58
CA THR C 137 10.71 17.83 -20.68
C THR C 137 10.81 16.95 -21.92
N LEU C 138 9.76 16.18 -22.22
CA LEU C 138 9.73 15.38 -23.43
C LEU C 138 9.87 16.26 -24.67
N ARG C 139 9.26 17.44 -24.65
CA ARG C 139 9.30 18.34 -25.80
C ARG C 139 10.55 19.22 -25.81
N GLN C 140 11.47 19.02 -24.87
CA GLN C 140 12.76 19.73 -24.92
C GLN C 140 13.71 19.09 -25.92
N PHE C 141 13.56 17.80 -26.19
CA PHE C 141 14.46 17.06 -27.05
C PHE C 141 13.70 16.46 -28.23
N PRO C 142 14.20 16.61 -29.46
CA PRO C 142 13.45 16.11 -30.61
C PRO C 142 13.22 14.60 -30.55
N GLY C 143 12.02 14.18 -30.94
CA GLY C 143 11.66 12.78 -31.00
C GLY C 143 11.12 12.20 -29.71
N LEU C 144 11.41 12.81 -28.56
CA LEU C 144 11.05 12.21 -27.28
C LEU C 144 9.54 12.11 -27.11
N ALA C 145 8.80 13.17 -27.45
CA ALA C 145 7.37 13.17 -27.22
C ALA C 145 6.64 12.07 -27.99
N ARG C 146 7.24 11.56 -29.06
CA ARG C 146 6.60 10.54 -29.88
C ARG C 146 7.07 9.13 -29.58
N GLU C 147 8.32 8.95 -29.14
CA GLU C 147 8.91 7.62 -29.02
C GLU C 147 9.26 7.20 -27.59
N ALA C 148 9.32 8.13 -26.63
CA ALA C 148 9.91 7.82 -25.34
C ALA C 148 9.05 6.84 -24.54
N ARG C 149 9.73 6.00 -23.77
CA ARG C 149 9.12 5.17 -22.74
C ARG C 149 9.59 5.66 -21.38
N LEU C 150 8.64 5.87 -20.48
CA LEU C 150 8.96 6.43 -19.16
C LEU C 150 9.38 5.33 -18.20
N PHE C 151 10.44 5.60 -17.44
CA PHE C 151 10.93 4.71 -16.40
C PHE C 151 10.87 5.44 -15.06
N PHE C 152 9.90 5.09 -14.24
CA PHE C 152 9.70 5.72 -12.93
C PHE C 152 10.49 4.93 -11.89
N MET C 153 11.52 5.55 -11.32
CA MET C 153 12.50 4.85 -10.51
C MET C 153 12.36 5.13 -9.01
N GLU C 154 11.34 5.87 -8.59
CA GLU C 154 11.25 6.27 -7.19
C GLU C 154 10.93 5.09 -6.25
N GLY C 155 10.35 4.01 -6.77
CA GLY C 155 10.09 2.84 -5.97
C GLY C 155 8.65 2.65 -5.54
N TRP C 156 7.75 3.56 -5.89
CA TRP C 156 6.35 3.38 -5.58
C TRP C 156 5.69 2.46 -6.60
N GLY C 157 4.49 1.99 -6.25
CA GLY C 157 3.67 1.25 -7.18
C GLY C 157 3.01 2.17 -8.19
N GLU C 158 2.05 1.60 -8.93
CA GLU C 158 1.35 2.37 -9.95
C GLU C 158 0.68 3.60 -9.37
N GLY C 159 0.09 3.47 -8.19
CA GLY C 159 -0.62 4.58 -7.59
C GLY C 159 -2.04 4.69 -8.10
N ALA C 160 -2.77 5.64 -7.52
CA ALA C 160 -4.19 5.80 -7.82
C ALA C 160 -4.44 6.51 -9.15
N HIS C 161 -3.41 7.06 -9.80
CA HIS C 161 -3.60 7.87 -11.00
C HIS C 161 -2.70 7.41 -12.13
N PHE C 162 -2.36 6.12 -12.16
CA PHE C 162 -1.43 5.62 -13.16
C PHE C 162 -1.97 5.77 -14.57
N ASP C 163 -3.29 5.80 -14.74
CA ASP C 163 -3.86 5.99 -16.07
C ASP C 163 -3.53 7.37 -16.63
N LEU C 164 -3.26 8.35 -15.76
CA LEU C 164 -2.86 9.66 -16.23
C LEU C 164 -1.42 9.67 -16.72
N TYR C 165 -0.52 8.96 -16.02
CA TYR C 165 0.85 8.83 -16.50
C TYR C 165 0.89 8.15 -17.87
N LYS C 166 -0.01 7.19 -18.10
CA LYS C 166 -0.04 6.50 -19.39
C LYS C 166 -0.39 7.44 -20.53
N LEU C 167 -1.11 8.52 -20.24
CA LEU C 167 -1.51 9.46 -21.30
C LEU C 167 -0.31 10.24 -21.83
N LEU C 168 0.68 10.50 -20.98
CA LEU C 168 1.86 11.27 -21.34
C LEU C 168 2.86 10.49 -22.17
N SER C 169 2.52 9.27 -22.59
CA SER C 169 3.45 8.38 -23.26
C SER C 169 2.71 7.46 -24.20
N PRO C 170 3.29 7.14 -25.36
CA PRO C 170 2.68 6.12 -26.22
C PRO C 170 3.00 4.72 -25.72
N LYS C 171 4.24 4.53 -25.25
CA LYS C 171 4.66 3.25 -24.71
C LYS C 171 4.22 3.11 -23.27
N GLN C 172 4.06 1.86 -22.84
CA GLN C 172 3.68 1.59 -21.46
C GLN C 172 4.83 1.95 -20.53
N PRO C 173 4.61 2.79 -19.52
CA PRO C 173 5.69 3.12 -18.59
C PRO C 173 6.04 1.94 -17.70
N LEU C 174 7.30 1.90 -17.28
CA LEU C 174 7.81 0.83 -16.44
C LEU C 174 8.20 1.39 -15.07
N LEU C 175 8.04 0.56 -14.05
CA LEU C 175 8.42 0.91 -12.68
C LEU C 175 9.73 0.21 -12.32
N ARG C 176 10.39 0.72 -11.27
CA ARG C 176 11.67 0.18 -10.86
C ARG C 176 11.55 -1.30 -10.49
N ALA C 177 10.50 -1.66 -9.75
CA ALA C 177 10.32 -3.05 -9.33
C ALA C 177 10.19 -4.01 -10.50
N GLN C 178 9.80 -3.51 -11.68
CA GLN C 178 9.62 -4.36 -12.85
C GLN C 178 10.92 -4.63 -13.60
N LEU C 179 12.02 -3.99 -13.22
CA LEU C 179 13.26 -4.14 -13.98
C LEU C 179 14.02 -5.40 -13.60
N LYS C 180 13.86 -5.88 -12.37
CA LYS C 180 14.54 -7.11 -11.97
C LYS C 180 14.08 -8.30 -12.80
N ALA C 181 12.85 -8.25 -13.30
CA ALA C 181 12.33 -9.34 -14.12
C ALA C 181 12.88 -9.28 -15.55
N LEU C 182 13.25 -8.09 -16.03
CA LEU C 182 13.78 -7.98 -17.38
C LEU C 182 15.19 -8.56 -17.48
N GLY C 183 15.98 -8.41 -16.43
CA GLY C 183 17.32 -8.96 -16.45
C GLY C 183 18.10 -8.46 -15.25
N ARG C 184 19.27 -9.09 -15.06
CA ARG C 184 20.17 -8.68 -13.98
C ARG C 184 20.97 -7.44 -14.36
N LEU C 185 21.30 -7.28 -15.63
CA LEU C 185 22.03 -6.11 -16.13
C LEU C 185 21.27 -5.57 -17.33
N LEU C 186 20.69 -4.39 -17.19
CA LEU C 186 20.00 -3.70 -18.27
C LEU C 186 20.84 -2.51 -18.73
N CYS C 187 20.92 -2.32 -20.04
CA CYS C 187 21.66 -1.22 -20.63
C CYS C 187 20.75 -0.45 -21.58
N PHE C 188 20.66 0.85 -21.37
CA PHE C 188 19.83 1.72 -22.20
C PHE C 188 20.66 2.22 -23.38
N SER C 189 20.23 1.91 -24.60
CA SER C 189 20.92 2.43 -25.78
C SER C 189 20.81 3.94 -25.87
N HIS C 190 19.69 4.50 -25.42
CA HIS C 190 19.45 5.94 -25.50
C HIS C 190 18.51 6.32 -24.37
N ALA C 191 18.98 7.13 -23.43
CA ALA C 191 18.20 7.46 -22.25
C ALA C 191 18.41 8.92 -21.85
N PHE C 192 17.33 9.59 -21.50
CA PHE C 192 17.36 10.93 -20.92
C PHE C 192 16.95 10.84 -19.46
N VAL C 193 17.61 11.62 -18.61
CA VAL C 193 17.42 11.56 -17.17
C VAL C 193 17.13 12.96 -16.65
N GLY C 194 16.09 13.08 -15.84
CA GLY C 194 15.75 14.33 -15.18
C GLY C 194 14.42 14.87 -15.66
N LEU C 195 13.94 15.87 -14.90
CA LEU C 195 12.72 16.59 -15.22
C LEU C 195 12.97 18.08 -15.06
N SER C 196 12.45 18.86 -16.01
CA SER C 196 12.55 20.31 -15.92
C SER C 196 11.67 20.83 -14.78
N LYS C 197 12.14 21.88 -14.12
CA LYS C 197 11.39 22.55 -13.07
C LYS C 197 10.66 23.79 -13.57
N VAL C 198 10.61 24.00 -14.88
CA VAL C 198 10.15 25.28 -15.42
C VAL C 198 8.66 25.49 -15.21
N THR C 199 7.88 24.42 -15.05
CA THR C 199 6.43 24.54 -14.91
C THR C 199 5.96 24.57 -13.46
N THR C 200 6.86 24.38 -12.49
CA THR C 200 6.46 24.38 -11.10
C THR C 200 6.16 25.79 -10.60
N TRP C 201 5.26 25.87 -9.64
CA TRP C 201 4.88 27.16 -9.06
C TRP C 201 4.75 27.13 -7.54
N TYR C 202 4.98 25.98 -6.90
CA TYR C 202 4.76 25.83 -5.47
C TYR C 202 5.87 24.97 -4.88
N GLN C 203 6.20 25.24 -3.61
CA GLN C 203 7.12 24.42 -2.84
C GLN C 203 6.45 24.05 -1.53
N TYR C 204 6.70 22.82 -1.08
CA TYR C 204 5.85 22.18 -0.07
C TYR C 204 6.35 22.37 1.37
N GLY C 205 7.33 23.23 1.59
CA GLY C 205 7.72 23.61 2.93
C GLY C 205 8.84 22.82 3.58
N PHE C 206 9.83 22.38 2.80
CA PHE C 206 10.91 21.58 3.38
C PHE C 206 11.96 22.42 4.08
N VAL C 207 12.17 23.66 3.64
CA VAL C 207 13.27 24.48 4.13
C VAL C 207 12.71 25.77 4.74
N GLN C 208 11.63 26.27 4.17
CA GLN C 208 10.85 27.38 4.72
C GLN C 208 9.38 27.02 4.54
N PRO C 209 8.48 27.66 5.30
CA PRO C 209 7.06 27.30 5.21
C PRO C 209 6.56 27.26 3.77
N GLN C 210 5.64 26.35 3.50
CA GLN C 210 5.16 26.13 2.14
C GLN C 210 4.57 27.42 1.56
N GLY C 211 4.71 27.56 0.25
CA GLY C 211 4.23 28.73 -0.44
C GLY C 211 4.64 28.76 -1.90
N PRO C 212 4.35 29.87 -2.57
CA PRO C 212 4.70 29.98 -3.99
C PRO C 212 6.20 30.02 -4.19
N LYS C 213 6.65 29.49 -5.33
CA LYS C 213 8.04 29.59 -5.69
C LYS C 213 8.41 31.05 -5.96
N ALA C 214 9.64 31.41 -5.62
CA ALA C 214 10.03 32.81 -5.63
C ALA C 214 9.97 33.41 -7.03
N ASN C 215 10.41 32.66 -8.04
CA ASN C 215 10.41 33.12 -9.43
CA ASN C 215 10.41 33.12 -9.43
C ASN C 215 9.70 32.07 -10.28
N ILE C 216 8.42 32.28 -10.52
CA ILE C 216 7.63 31.36 -11.34
C ILE C 216 7.92 31.64 -12.81
N LEU C 217 8.25 30.60 -13.57
CA LEU C 217 8.65 30.74 -14.97
C LEU C 217 7.61 30.20 -15.93
N VAL C 218 6.41 29.86 -15.44
CA VAL C 218 5.34 29.33 -16.29
C VAL C 218 4.16 30.29 -16.22
N SER C 219 3.44 30.40 -17.33
CA SER C 219 2.25 31.23 -17.40
C SER C 219 1.04 30.35 -17.71
N GLY C 220 -0.14 30.97 -17.65
CA GLY C 220 -1.38 30.23 -17.86
C GLY C 220 -1.50 29.62 -19.23
N ASN C 221 -0.89 30.24 -20.25
CA ASN C 221 -0.98 29.71 -21.59
C ASN C 221 -0.29 28.36 -21.71
N GLU C 222 0.88 28.21 -21.09
CA GLU C 222 1.56 26.92 -21.12
C GLU C 222 0.79 25.86 -20.33
N ILE C 223 0.14 26.26 -19.23
CA ILE C 223 -0.73 25.35 -18.51
C ILE C 223 -1.85 24.85 -19.41
N ARG C 224 -2.46 25.77 -20.17
CA ARG C 224 -3.63 25.42 -20.97
C ARG C 224 -3.29 24.63 -22.22
N GLN C 225 -2.10 24.85 -22.80
CA GLN C 225 -1.65 23.97 -23.87
C GLN C 225 -1.53 22.54 -23.39
N PHE C 226 -1.01 22.36 -22.16
CA PHE C 226 -0.95 21.04 -21.55
C PHE C 226 -2.35 20.49 -21.31
N ALA C 227 -3.24 21.33 -20.76
CA ALA C 227 -4.62 20.90 -20.52
C ALA C 227 -5.30 20.51 -21.83
N HIS C 228 -5.07 21.27 -22.90
CA HIS C 228 -5.63 20.93 -24.20
C HIS C 228 -5.18 19.55 -24.65
N PHE C 229 -3.89 19.24 -24.48
CA PHE C 229 -3.39 17.92 -24.85
C PHE C 229 -4.08 16.82 -24.04
N LEU C 230 -4.18 17.01 -22.73
CA LEU C 230 -4.77 15.97 -21.88
C LEU C 230 -6.24 15.77 -22.20
N MET C 231 -6.96 16.84 -22.52
CA MET C 231 -8.36 16.71 -22.87
C MET C 231 -8.54 15.90 -24.14
N GLU C 232 -7.66 16.12 -25.13
CA GLU C 232 -7.70 15.30 -26.34
C GLU C 232 -7.38 13.85 -26.04
N LYS C 233 -6.39 13.61 -25.17
CA LYS C 233 -6.05 12.24 -24.80
C LYS C 233 -7.17 11.56 -24.04
N LEU C 234 -7.97 12.34 -23.30
CA LEU C 234 -9.10 11.82 -22.55
C LEU C 234 -10.41 11.82 -23.35
N ASN C 235 -10.35 12.17 -24.63
CA ASN C 235 -11.53 12.22 -25.49
C ASN C 235 -12.58 13.19 -24.95
N VAL C 236 -12.12 14.39 -24.59
CA VAL C 236 -12.99 15.46 -24.11
C VAL C 236 -12.99 16.56 -25.15
N SER C 237 -14.15 16.79 -25.77
CA SER C 237 -14.28 17.80 -26.81
C SER C 237 -14.11 19.21 -26.25
N GLU C 245 -28.03 26.44 -18.95
CA GLU C 245 -27.07 25.39 -19.28
C GLU C 245 -25.70 25.70 -18.70
N GLU C 246 -25.43 26.99 -18.49
CA GLU C 246 -24.26 27.37 -17.70
C GLU C 246 -24.46 26.92 -16.26
N TYR C 247 -23.38 26.46 -15.63
CA TYR C 247 -23.53 25.82 -14.33
C TYR C 247 -22.37 26.17 -13.41
N ILE C 248 -22.65 26.06 -12.11
CA ILE C 248 -21.67 26.13 -11.05
C ILE C 248 -21.33 24.71 -10.62
N LEU C 249 -20.05 24.43 -10.40
CA LEU C 249 -19.59 23.08 -10.08
C LEU C 249 -19.00 23.07 -8.68
N VAL C 250 -19.52 22.19 -7.82
CA VAL C 250 -18.98 21.99 -6.48
C VAL C 250 -18.22 20.67 -6.48
N PHE C 251 -16.91 20.76 -6.22
CA PHE C 251 -16.05 19.58 -6.21
C PHE C 251 -16.04 19.01 -4.79
N SER C 252 -16.69 17.87 -4.61
CA SER C 252 -16.92 17.30 -3.30
C SER C 252 -15.86 16.25 -2.93
N ARG C 253 -15.70 16.05 -1.63
CA ARG C 253 -14.95 14.95 -1.06
C ARG C 253 -15.90 14.09 -0.25
N THR C 254 -15.70 12.77 -0.29
CA THR C 254 -16.63 11.84 0.33
C THR C 254 -16.10 11.17 1.59
N GLN C 255 -14.79 11.21 1.84
CA GLN C 255 -14.19 10.43 2.93
C GLN C 255 -13.64 11.28 4.07
N ASN C 256 -13.03 12.43 3.78
CA ASN C 256 -12.58 13.32 4.85
C ASN C 256 -12.56 14.75 4.32
N ARG C 257 -12.37 15.69 5.25
CA ARG C 257 -12.44 17.13 4.97
C ARG C 257 -13.72 17.47 4.21
N LEU C 258 -14.84 17.15 4.85
CA LEU C 258 -16.14 17.19 4.21
C LEU C 258 -16.78 18.57 4.34
N ILE C 259 -17.70 18.85 3.42
CA ILE C 259 -18.66 19.93 3.57
C ILE C 259 -19.93 19.32 4.15
N LEU C 260 -20.24 19.69 5.40
CA LEU C 260 -21.32 19.01 6.10
C LEU C 260 -22.70 19.40 5.58
N ASN C 261 -22.83 20.61 5.04
CA ASN C 261 -24.12 21.05 4.52
C ASN C 261 -24.06 21.24 3.01
N GLU C 262 -23.68 20.18 2.29
CA GLU C 262 -23.54 20.27 0.84
C GLU C 262 -24.86 20.58 0.16
N ALA C 263 -25.94 19.92 0.59
CA ALA C 263 -27.24 20.13 -0.03
C ALA C 263 -27.71 21.58 0.17
N GLU C 264 -27.51 22.12 1.37
CA GLU C 264 -27.85 23.52 1.61
C GLU C 264 -26.98 24.45 0.76
N LEU C 265 -25.70 24.10 0.61
CA LEU C 265 -24.80 24.93 -0.19
C LEU C 265 -25.21 24.96 -1.65
N LEU C 266 -25.61 23.79 -2.19
CA LEU C 266 -25.98 23.72 -3.60
C LEU C 266 -27.19 24.60 -3.91
N LEU C 267 -28.22 24.51 -3.06
CA LEU C 267 -29.41 25.34 -3.26
C LEU C 267 -29.08 26.82 -3.14
N ALA C 268 -28.27 27.18 -2.14
CA ALA C 268 -27.96 28.59 -1.91
C ALA C 268 -27.17 29.18 -3.07
N LEU C 269 -26.21 28.42 -3.60
CA LEU C 269 -25.46 28.89 -4.77
C LEU C 269 -26.37 29.03 -5.97
N ALA C 270 -27.29 28.08 -6.16
CA ALA C 270 -28.18 28.13 -7.31
C ALA C 270 -29.09 29.37 -7.26
N GLN C 271 -29.62 29.68 -6.08
CA GLN C 271 -30.52 30.83 -5.97
C GLN C 271 -29.77 32.15 -6.06
N GLU C 272 -28.62 32.25 -5.40
CA GLU C 272 -27.89 33.52 -5.36
C GLU C 272 -27.43 33.94 -6.74
N PHE C 273 -27.01 32.98 -7.57
CA PHE C 273 -26.46 33.28 -8.88
C PHE C 273 -27.42 32.93 -10.02
N GLN C 274 -28.58 32.35 -9.72
CA GLN C 274 -29.57 31.97 -10.73
C GLN C 274 -28.92 31.08 -11.80
N MET C 275 -28.27 30.01 -11.34
CA MET C 275 -27.58 29.09 -12.21
C MET C 275 -27.78 27.67 -11.69
N LYS C 276 -27.76 26.72 -12.62
CA LYS C 276 -27.69 25.31 -12.25
C LYS C 276 -26.39 25.04 -11.50
N THR C 277 -26.46 24.21 -10.45
CA THR C 277 -25.28 23.79 -9.71
C THR C 277 -25.19 22.28 -9.72
N VAL C 278 -23.97 21.77 -9.91
CA VAL C 278 -23.71 20.34 -10.11
C VAL C 278 -22.60 19.92 -9.17
N THR C 279 -22.68 18.68 -8.68
CA THR C 279 -21.66 18.09 -7.83
C THR C 279 -20.78 17.16 -8.64
N VAL C 280 -19.47 17.21 -8.36
CA VAL C 280 -18.50 16.29 -8.94
C VAL C 280 -17.59 15.80 -7.83
N SER C 281 -17.00 14.62 -8.05
CA SER C 281 -16.07 14.05 -7.10
C SER C 281 -15.14 13.10 -7.84
N LEU C 282 -13.95 12.89 -7.25
CA LEU C 282 -13.03 11.92 -7.81
C LEU C 282 -13.49 10.48 -7.56
N GLU C 283 -14.17 10.24 -6.44
CA GLU C 283 -14.53 8.88 -6.06
C GLU C 283 -15.67 8.34 -6.91
N ASP C 284 -16.60 9.19 -7.36
CA ASP C 284 -17.81 8.74 -8.02
C ASP C 284 -17.82 8.97 -9.51
N HIS C 285 -16.79 9.58 -10.08
CA HIS C 285 -16.74 9.91 -11.49
C HIS C 285 -15.45 9.40 -12.12
N ALA C 286 -15.55 8.90 -13.35
CA ALA C 286 -14.35 8.65 -14.13
C ALA C 286 -13.68 9.98 -14.43
N PHE C 287 -12.33 9.96 -14.45
CA PHE C 287 -11.59 11.22 -14.54
C PHE C 287 -11.91 11.98 -15.81
N ALA C 288 -12.20 11.26 -16.91
CA ALA C 288 -12.59 11.94 -18.15
C ALA C 288 -13.85 12.76 -17.94
N ASP C 289 -14.80 12.26 -17.15
CA ASP C 289 -16.03 13.00 -16.88
C ASP C 289 -15.79 14.14 -15.90
N VAL C 290 -14.83 13.98 -14.98
CA VAL C 290 -14.47 15.08 -14.09
C VAL C 290 -13.92 16.26 -14.90
N VAL C 291 -13.02 15.96 -15.85
CA VAL C 291 -12.46 17.01 -16.70
C VAL C 291 -13.55 17.62 -17.57
N ARG C 292 -14.43 16.79 -18.13
CA ARG C 292 -15.51 17.30 -18.97
C ARG C 292 -16.40 18.28 -18.21
N LEU C 293 -16.66 17.99 -16.94
CA LEU C 293 -17.51 18.88 -16.14
C LEU C 293 -16.76 20.17 -15.78
N VAL C 294 -15.49 20.06 -15.40
CA VAL C 294 -14.73 21.25 -15.01
C VAL C 294 -14.52 22.16 -16.21
N SER C 295 -14.30 21.57 -17.40
CA SER C 295 -13.87 22.35 -18.55
C SER C 295 -14.91 23.34 -19.05
N ASN C 296 -16.18 23.17 -18.67
CA ASN C 296 -17.21 24.14 -19.04
C ASN C 296 -17.97 24.64 -17.82
N ALA C 297 -17.39 24.52 -16.64
CA ALA C 297 -17.98 25.12 -15.44
C ALA C 297 -17.64 26.60 -15.40
N SER C 298 -18.61 27.41 -14.97
CA SER C 298 -18.38 28.84 -14.83
C SER C 298 -17.81 29.21 -13.47
N MET C 299 -17.95 28.34 -12.48
CA MET C 299 -17.41 28.56 -11.16
C MET C 299 -17.09 27.20 -10.53
N LEU C 300 -15.99 27.14 -9.80
CA LEU C 300 -15.57 25.92 -9.12
C LEU C 300 -15.49 26.21 -7.62
N VAL C 301 -16.28 25.47 -6.84
CA VAL C 301 -16.29 25.60 -5.38
C VAL C 301 -15.82 24.28 -4.80
N SER C 302 -14.86 24.35 -3.87
CA SER C 302 -14.32 23.14 -3.28
C SER C 302 -13.51 23.49 -2.04
N MET C 303 -13.48 22.55 -1.10
CA MET C 303 -12.55 22.65 0.02
C MET C 303 -11.11 22.63 -0.51
N HIS C 304 -10.22 23.23 0.26
CA HIS C 304 -8.80 23.11 -0.03
C HIS C 304 -8.40 21.64 -0.08
N GLY C 305 -7.75 21.25 -1.16
CA GLY C 305 -7.39 19.85 -1.34
C GLY C 305 -6.92 19.57 -2.74
N ALA C 306 -6.43 18.35 -2.92
CA ALA C 306 -5.78 17.97 -4.17
C ALA C 306 -6.73 18.09 -5.37
N GLN C 307 -8.03 17.89 -5.16
CA GLN C 307 -8.98 17.94 -6.27
C GLN C 307 -9.02 19.31 -6.93
N LEU C 308 -8.62 20.36 -6.22
CA LEU C 308 -8.64 21.71 -6.80
C LEU C 308 -7.58 21.92 -7.87
N VAL C 309 -6.64 20.99 -8.04
CA VAL C 309 -5.68 21.13 -9.12
C VAL C 309 -6.35 21.01 -10.48
N THR C 310 -7.53 20.39 -10.54
CA THR C 310 -8.28 20.32 -11.79
C THR C 310 -8.78 21.69 -12.25
N ALA C 311 -8.61 22.72 -11.43
CA ALA C 311 -8.96 24.08 -11.86
C ALA C 311 -8.16 24.52 -13.09
N LEU C 312 -7.06 23.85 -13.40
CA LEU C 312 -6.32 24.17 -14.61
C LEU C 312 -7.11 23.83 -15.86
N PHE C 313 -8.16 23.02 -15.75
CA PHE C 313 -9.05 22.71 -16.86
C PHE C 313 -10.20 23.70 -16.99
N LEU C 314 -10.32 24.65 -16.06
CA LEU C 314 -11.42 25.60 -16.12
C LEU C 314 -11.28 26.51 -17.32
N PRO C 315 -12.39 26.95 -17.91
CA PRO C 315 -12.31 27.93 -19.00
C PRO C 315 -11.85 29.28 -18.49
N ARG C 316 -11.20 30.03 -19.38
CA ARG C 316 -10.73 31.37 -19.03
C ARG C 316 -11.89 32.23 -18.54
N GLY C 317 -11.69 32.92 -17.43
CA GLY C 317 -12.71 33.78 -16.86
C GLY C 317 -13.58 33.14 -15.80
N ALA C 318 -13.48 31.83 -15.59
CA ALA C 318 -14.25 31.19 -14.55
C ALA C 318 -13.69 31.57 -13.18
N ALA C 319 -14.48 31.28 -12.14
CA ALA C 319 -14.14 31.65 -10.77
C ALA C 319 -13.79 30.41 -9.96
N VAL C 320 -12.74 30.53 -9.14
CA VAL C 320 -12.35 29.49 -8.20
C VAL C 320 -12.68 29.97 -6.80
N VAL C 321 -13.47 29.18 -6.07
CA VAL C 321 -13.88 29.49 -4.71
C VAL C 321 -13.33 28.38 -3.83
N GLU C 322 -12.31 28.68 -3.04
CA GLU C 322 -11.64 27.70 -2.19
C GLU C 322 -12.03 27.93 -0.74
N LEU C 323 -12.50 26.86 -0.09
CA LEU C 323 -12.94 26.91 1.30
C LEU C 323 -11.87 26.32 2.21
N PHE C 324 -11.63 26.99 3.34
CA PHE C 324 -10.63 26.54 4.29
C PHE C 324 -11.26 26.23 5.63
N PRO C 325 -10.82 25.17 6.31
CA PRO C 325 -11.40 24.82 7.61
C PRO C 325 -11.02 25.81 8.69
N TYR C 326 -11.61 25.60 9.86
CA TYR C 326 -11.36 26.46 11.02
C TYR C 326 -9.88 26.45 11.39
N ALA C 327 -9.37 27.63 11.72
CA ALA C 327 -7.99 27.85 12.17
C ALA C 327 -6.95 27.64 11.07
N VAL C 328 -7.37 27.63 9.80
CA VAL C 328 -6.45 27.47 8.68
C VAL C 328 -6.49 28.75 7.85
N ASN C 329 -5.43 29.54 7.96
CA ASN C 329 -5.36 30.83 7.27
C ASN C 329 -5.19 30.61 5.77
N PRO C 330 -6.10 31.10 4.93
CA PRO C 330 -5.96 30.90 3.48
C PRO C 330 -4.66 31.45 2.92
N ASP C 331 -4.13 32.54 3.49
CA ASP C 331 -2.92 33.15 2.96
C ASP C 331 -1.67 32.30 3.16
N HIS C 332 -1.73 31.28 4.01
CA HIS C 332 -0.57 30.44 4.28
C HIS C 332 -0.52 29.18 3.43
N TYR C 333 -1.60 28.87 2.72
CA TYR C 333 -1.71 27.62 1.95
C TYR C 333 -2.31 27.97 0.60
N THR C 334 -1.44 28.34 -0.34
CA THR C 334 -1.88 28.92 -1.61
C THR C 334 -1.43 28.16 -2.86
N PRO C 335 -1.45 26.82 -2.90
CA PRO C 335 -1.09 26.16 -4.17
C PRO C 335 -2.12 26.39 -5.26
N TYR C 336 -3.40 26.50 -4.91
CA TYR C 336 -4.44 26.71 -5.90
C TYR C 336 -4.75 28.19 -6.11
N LYS C 337 -4.50 29.04 -5.11
CA LYS C 337 -4.50 30.47 -5.36
C LYS C 337 -3.40 30.84 -6.35
N THR C 338 -2.20 30.28 -6.18
CA THR C 338 -1.10 30.58 -7.08
C THR C 338 -1.42 30.11 -8.51
N LEU C 339 -1.99 28.91 -8.64
CA LEU C 339 -2.39 28.43 -9.95
C LEU C 339 -3.45 29.33 -10.58
N ALA C 340 -4.48 29.68 -9.79
CA ALA C 340 -5.59 30.46 -10.34
C ALA C 340 -5.16 31.86 -10.75
N THR C 341 -4.20 32.46 -10.04
CA THR C 341 -3.79 33.83 -10.28
C THR C 341 -2.50 33.93 -11.10
N LEU C 342 -2.07 32.85 -11.72
CA LEU C 342 -0.91 32.91 -12.60
C LEU C 342 -1.20 33.87 -13.76
N PRO C 343 -0.19 34.61 -14.23
CA PRO C 343 -0.40 35.43 -15.43
C PRO C 343 -0.81 34.57 -16.60
N GLY C 344 -1.89 35.00 -17.27
CA GLY C 344 -2.43 34.28 -18.40
C GLY C 344 -3.46 33.22 -18.06
N MET C 345 -3.57 32.82 -16.79
CA MET C 345 -4.58 31.83 -16.41
C MET C 345 -5.98 32.42 -16.52
N ASP C 346 -6.15 33.68 -16.09
CA ASP C 346 -7.41 34.41 -16.22
C ASP C 346 -8.54 33.70 -15.47
N LEU C 347 -8.32 33.49 -14.17
CA LEU C 347 -9.31 32.89 -13.29
C LEU C 347 -9.48 33.78 -12.07
N GLN C 348 -10.73 34.04 -11.70
CA GLN C 348 -10.99 34.75 -10.45
C GLN C 348 -10.83 33.80 -9.28
N TYR C 349 -10.16 34.25 -8.23
CA TYR C 349 -9.90 33.43 -7.05
C TYR C 349 -10.56 34.08 -5.83
N ILE C 350 -11.30 33.27 -5.09
CA ILE C 350 -11.94 33.70 -3.85
C ILE C 350 -11.63 32.66 -2.78
N ALA C 351 -11.17 33.13 -1.62
CA ALA C 351 -10.91 32.27 -0.47
C ALA C 351 -11.91 32.57 0.63
N TRP C 352 -12.42 31.52 1.26
CA TRP C 352 -13.34 31.64 2.38
C TRP C 352 -12.86 30.73 3.50
N GLN C 353 -12.80 31.26 4.72
CA GLN C 353 -12.31 30.52 5.88
C GLN C 353 -13.41 30.45 6.93
N ASN C 354 -13.60 29.26 7.49
CA ASN C 354 -14.55 29.07 8.58
C ASN C 354 -13.98 29.69 9.85
N THR C 355 -14.68 30.69 10.40
CA THR C 355 -14.28 31.33 11.63
C THR C 355 -15.24 31.04 12.77
N MET C 356 -16.20 30.14 12.58
CA MET C 356 -17.18 29.82 13.60
C MET C 356 -16.84 28.47 14.21
N PRO C 357 -16.47 28.40 15.50
CA PRO C 357 -16.10 27.11 16.08
C PRO C 357 -17.25 26.12 16.14
N GLU C 358 -18.49 26.58 16.22
CA GLU C 358 -19.64 25.68 16.23
C GLU C 358 -19.92 25.08 14.86
N ASN C 359 -19.19 25.48 13.82
CA ASN C 359 -19.38 24.96 12.48
C ASN C 359 -18.26 24.03 12.05
N THR C 360 -17.31 23.71 12.94
CA THR C 360 -16.24 22.77 12.65
C THR C 360 -16.42 21.50 13.47
N VAL C 361 -15.98 20.39 12.92
CA VAL C 361 -16.00 19.10 13.61
C VAL C 361 -14.58 18.54 13.57
N THR C 362 -14.02 18.29 14.75
CA THR C 362 -12.67 17.78 14.88
C THR C 362 -12.70 16.26 15.06
N HIS C 363 -11.56 15.63 14.74
CA HIS C 363 -11.42 14.18 14.85
C HIS C 363 -10.08 13.85 15.50
N PRO C 364 -9.96 14.05 16.82
CA PRO C 364 -8.66 13.83 17.49
C PRO C 364 -8.31 12.36 17.69
N GLU C 365 -9.23 11.43 17.47
CA GLU C 365 -8.97 10.02 17.72
C GLU C 365 -8.46 9.27 16.48
N ARG C 366 -8.41 9.93 15.33
CA ARG C 366 -7.94 9.29 14.11
C ARG C 366 -6.43 9.06 14.19
N PRO C 367 -5.89 8.20 13.32
CA PRO C 367 -4.43 8.03 13.28
C PRO C 367 -3.72 9.34 12.96
N TRP C 368 -2.40 9.34 13.22
CA TRP C 368 -1.64 10.57 13.08
C TRP C 368 -1.67 11.10 11.65
N ASP C 369 -1.62 10.21 10.67
CA ASP C 369 -1.64 10.64 9.27
C ASP C 369 -2.99 11.19 8.85
N GLN C 370 -4.03 11.02 9.66
CA GLN C 370 -5.36 11.55 9.38
C GLN C 370 -5.73 12.72 10.29
N GLY C 371 -4.75 13.31 10.96
CA GLY C 371 -4.98 14.48 11.77
C GLY C 371 -5.27 14.23 13.24
N GLY C 372 -5.15 12.99 13.71
CA GLY C 372 -5.36 12.73 15.12
C GLY C 372 -4.26 13.29 15.99
N ILE C 373 -4.62 13.56 17.25
CA ILE C 373 -3.67 14.13 18.19
C ILE C 373 -3.67 13.31 19.48
N ALA C 374 -4.39 12.18 19.48
CA ALA C 374 -4.51 11.38 20.68
C ALA C 374 -3.20 10.71 21.08
N HIS C 375 -2.24 10.63 20.16
CA HIS C 375 -0.95 10.01 20.46
C HIS C 375 0.02 10.93 21.18
N LEU C 376 -0.25 12.23 21.21
CA LEU C 376 0.63 13.18 21.88
C LEU C 376 0.25 13.30 23.35
N ASP C 377 1.15 13.90 24.12
CA ASP C 377 0.92 14.07 25.55
C ASP C 377 -0.31 14.93 25.79
N ARG C 378 -0.88 14.80 27.00
CA ARG C 378 -2.08 15.54 27.34
C ARG C 378 -1.85 17.05 27.34
N ALA C 379 -0.60 17.49 27.44
CA ALA C 379 -0.31 18.92 27.44
C ALA C 379 -0.31 19.48 26.02
N GLU C 380 0.36 18.80 25.08
CA GLU C 380 0.41 19.28 23.71
C GLU C 380 -0.96 19.27 23.05
N GLN C 381 -1.82 18.33 23.44
CA GLN C 381 -3.19 18.35 22.94
C GLN C 381 -3.92 19.60 23.42
N ALA C 382 -3.69 19.99 24.68
CA ALA C 382 -4.39 21.15 25.24
C ALA C 382 -4.04 22.42 24.50
N ARG C 383 -2.78 22.59 24.11
CA ARG C 383 -2.39 23.80 23.39
C ARG C 383 -2.81 23.75 21.92
N ILE C 384 -2.98 22.56 21.36
CA ILE C 384 -3.50 22.47 19.99
C ILE C 384 -4.96 22.88 19.96
N LEU C 385 -5.76 22.38 20.91
CA LEU C 385 -7.18 22.72 20.93
C LEU C 385 -7.45 24.15 21.35
N GLN C 386 -6.53 24.78 22.09
CA GLN C 386 -6.69 26.16 22.53
C GLN C 386 -6.16 27.17 21.52
N SER C 387 -5.62 26.71 20.39
CA SER C 387 -5.09 27.60 19.36
C SER C 387 -6.12 27.76 18.25
N ARG C 388 -6.36 29.01 17.85
CA ARG C 388 -7.36 29.32 16.84
C ARG C 388 -6.76 29.60 15.47
N GLU C 389 -5.47 29.35 15.28
CA GLU C 389 -4.84 29.47 13.98
C GLU C 389 -3.58 28.62 13.97
N VAL C 390 -3.43 27.79 12.93
CA VAL C 390 -2.26 26.93 12.79
C VAL C 390 -1.03 27.80 12.60
N PRO C 391 -0.04 27.71 13.49
CA PRO C 391 1.18 28.50 13.32
C PRO C 391 1.97 28.03 12.10
N ARG C 392 2.78 28.94 11.56
CA ARG C 392 3.65 28.60 10.45
C ARG C 392 4.58 27.45 10.84
N HIS C 393 4.81 26.55 9.89
CA HIS C 393 5.50 25.31 10.18
C HIS C 393 6.20 24.81 8.93
N LEU C 394 7.03 23.79 9.12
CA LEU C 394 7.71 23.11 8.03
C LEU C 394 7.08 21.74 7.79
N CYS C 395 7.30 21.25 6.57
CA CYS C 395 6.91 19.90 6.19
C CYS C 395 7.57 18.87 7.12
N CYS C 396 6.89 17.75 7.36
CA CYS C 396 5.66 17.33 6.69
C CYS C 396 4.52 16.90 7.61
N ARG C 397 4.84 16.63 8.87
CA ARG C 397 3.94 15.94 9.77
C ARG C 397 3.63 16.78 11.01
N ASN C 398 3.42 18.08 10.80
CA ASN C 398 3.05 18.96 11.90
C ASN C 398 1.68 18.54 12.44
N PRO C 399 1.58 18.20 13.73
CA PRO C 399 0.30 17.66 14.24
C PRO C 399 -0.85 18.66 14.19
N GLU C 400 -0.62 19.93 14.53
CA GLU C 400 -1.70 20.90 14.53
C GLU C 400 -2.21 21.16 13.11
N TRP C 401 -1.30 21.20 12.12
CA TRP C 401 -1.71 21.40 10.74
C TRP C 401 -2.60 20.26 10.26
N LEU C 402 -2.16 19.02 10.47
CA LEU C 402 -2.97 17.87 10.07
C LEU C 402 -4.29 17.83 10.83
N PHE C 403 -4.26 18.21 12.12
CA PHE C 403 -5.47 18.17 12.94
C PHE C 403 -6.54 19.12 12.40
N ARG C 404 -6.12 20.30 11.94
CA ARG C 404 -7.10 21.29 11.49
C ARG C 404 -7.49 21.09 10.03
N ILE C 405 -6.58 20.59 9.20
CA ILE C 405 -6.88 20.46 7.77
C ILE C 405 -7.82 19.29 7.52
N TYR C 406 -7.95 18.36 8.46
CA TYR C 406 -8.87 17.24 8.32
C TYR C 406 -10.13 17.41 9.16
N GLN C 407 -10.43 18.64 9.57
CA GLN C 407 -11.72 18.93 10.16
C GLN C 407 -12.82 18.86 9.10
N ASP C 408 -14.04 18.58 9.55
CA ASP C 408 -15.21 18.75 8.72
C ASP C 408 -15.81 20.13 8.97
N THR C 409 -16.47 20.68 7.95
CA THR C 409 -16.89 22.07 7.97
C THR C 409 -18.35 22.20 7.59
N LYS C 410 -19.11 22.89 8.45
CA LYS C 410 -20.43 23.40 8.08
C LYS C 410 -20.25 24.81 7.54
N VAL C 411 -20.58 25.02 6.27
CA VAL C 411 -20.30 26.29 5.60
C VAL C 411 -21.41 27.28 5.97
N ASP C 412 -21.02 28.39 6.58
CA ASP C 412 -21.96 29.49 6.84
C ASP C 412 -22.36 30.10 5.51
N ILE C 413 -23.61 29.90 5.11
CA ILE C 413 -24.05 30.32 3.78
C ILE C 413 -23.98 31.84 3.60
N PRO C 414 -24.50 32.66 4.52
CA PRO C 414 -24.41 34.12 4.28
C PRO C 414 -22.99 34.63 4.16
N SER C 415 -22.07 34.18 5.01
CA SER C 415 -20.70 34.69 4.96
C SER C 415 -20.00 34.28 3.67
N LEU C 416 -20.27 33.07 3.17
CA LEU C 416 -19.67 32.64 1.92
C LEU C 416 -20.18 33.47 0.75
N ILE C 417 -21.50 33.69 0.69
CA ILE C 417 -22.08 34.48 -0.39
C ILE C 417 -21.52 35.90 -0.38
N GLN C 418 -21.45 36.51 0.80
CA GLN C 418 -20.88 37.85 0.91
C GLN C 418 -19.41 37.85 0.47
N THR C 419 -18.67 36.79 0.78
CA THR C 419 -17.27 36.72 0.38
C THR C 419 -17.13 36.61 -1.13
N ILE C 420 -17.94 35.76 -1.76
CA ILE C 420 -17.90 35.63 -3.23
C ILE C 420 -18.32 36.94 -3.87
N ARG C 421 -19.33 37.60 -3.31
CA ARG C 421 -19.86 38.81 -3.93
C ARG C 421 -18.88 39.97 -3.89
N ARG C 422 -17.84 39.91 -3.06
CA ARG C 422 -16.82 40.95 -3.09
C ARG C 422 -15.96 40.88 -4.33
N VAL C 423 -15.96 39.75 -5.03
CA VAL C 423 -15.16 39.54 -6.24
C VAL C 423 -16.05 39.38 -7.46
N VAL C 424 -17.00 38.46 -7.40
CA VAL C 424 -17.93 38.22 -8.51
C VAL C 424 -19.19 39.02 -8.19
N LYS C 425 -19.22 40.26 -8.70
CA LYS C 425 -20.34 41.16 -8.41
C LYS C 425 -21.54 40.89 -9.30
N GLY C 426 -21.31 40.38 -10.51
CA GLY C 426 -22.41 40.07 -11.41
C GLY C 426 -22.55 38.58 -11.66
N HIS C 427 -22.73 38.20 -12.92
CA HIS C 427 -22.78 36.77 -13.25
C HIS C 427 -21.36 36.21 -13.31
N PRO C 428 -21.13 35.03 -12.77
CA PRO C 428 -19.79 34.43 -12.79
C PRO C 428 -19.47 33.82 -14.14
N GLY C 429 -18.17 33.66 -14.39
CA GLY C 429 -17.69 33.05 -15.60
C GLY C 429 -17.25 34.07 -16.64
N PRO C 430 -16.83 33.59 -17.82
CA PRO C 430 -16.38 34.45 -18.91
C PRO C 430 -17.45 35.45 -19.34
N LYS C 432 -18.83 36.18 -22.13
CA LYS C 432 -17.54 35.79 -22.70
C LYS C 432 -16.63 37.01 -22.86
N GLN C 433 -15.72 37.19 -21.90
CA GLN C 433 -14.80 38.31 -21.95
C GLN C 433 -13.75 38.11 -23.04
N LYS C 434 -13.02 39.18 -23.34
CA LYS C 434 -12.03 39.18 -24.41
C LYS C 434 -10.64 39.39 -23.81
N TRP C 435 -9.81 38.36 -23.91
CA TRP C 435 -8.43 38.42 -23.44
C TRP C 435 -7.49 38.50 -24.64
N THR C 436 -6.58 39.47 -24.61
CA THR C 436 -5.58 39.63 -25.64
C THR C 436 -4.20 39.29 -25.09
N VAL C 437 -3.27 39.01 -26.01
CA VAL C 437 -1.96 38.54 -25.61
C VAL C 437 -1.15 39.67 -24.98
N SER C 438 -0.49 39.37 -23.87
CA SER C 438 0.42 40.30 -23.23
C SER C 438 1.81 40.10 -23.83
N LEU C 439 2.28 41.08 -24.59
CA LEU C 439 3.63 41.06 -25.14
C LEU C 439 4.31 42.39 -24.88
N TYR C 440 5.62 42.43 -25.11
CA TYR C 440 6.42 43.52 -24.63
C TYR C 440 6.99 44.35 -25.79
N PRO C 441 7.30 45.62 -25.55
CA PRO C 441 7.90 46.43 -26.61
C PRO C 441 9.34 46.03 -26.88
N GLY C 442 9.79 46.34 -28.08
CA GLY C 442 11.20 46.29 -28.40
C GLY C 442 11.89 47.56 -27.91
N LYS C 443 13.15 47.68 -28.27
CA LYS C 443 13.89 48.89 -27.94
C LYS C 443 13.47 50.04 -28.86
N VAL C 444 13.46 51.25 -28.30
CA VAL C 444 13.34 52.42 -29.15
C VAL C 444 14.58 52.53 -30.03
N ARG C 445 14.43 53.12 -31.21
CA ARG C 445 15.48 53.10 -32.22
C ARG C 445 15.97 54.50 -32.55
N GLU C 446 17.25 54.57 -32.91
CA GLU C 446 17.87 55.79 -33.44
C GLU C 446 17.67 56.98 -32.51
N ALA C 447 17.87 56.75 -31.22
CA ALA C 447 17.78 57.82 -30.24
C ALA C 447 18.93 58.80 -30.43
N ARG C 448 18.60 60.09 -30.40
CA ARG C 448 19.58 61.15 -30.58
C ARG C 448 19.24 62.29 -29.63
N CYS C 449 20.19 63.22 -29.47
CA CYS C 449 19.96 64.37 -28.61
C CYS C 449 20.66 65.59 -29.18
N GLN C 450 20.27 66.75 -28.66
CA GLN C 450 20.75 68.04 -29.14
C GLN C 450 20.82 69.00 -27.95
N ALA C 451 21.86 69.82 -27.93
CA ALA C 451 22.08 70.74 -26.83
C ALA C 451 21.15 71.96 -26.91
N SER C 452 21.54 73.05 -26.27
CA SER C 452 20.70 74.24 -26.18
C SER C 452 20.51 74.91 -27.54
N ALA C 456 22.61 82.30 -26.21
CA ALA C 456 21.31 82.95 -26.09
C ALA C 456 20.50 82.37 -24.94
N SER C 457 20.01 81.15 -25.15
CA SER C 457 19.00 80.56 -24.29
C SER C 457 19.59 80.08 -22.97
N GLU C 458 18.73 79.47 -22.16
CA GLU C 458 19.12 78.77 -20.95
C GLU C 458 19.62 77.39 -21.32
N ALA C 459 19.90 76.55 -20.33
CA ALA C 459 20.30 75.17 -20.60
C ALA C 459 19.11 74.37 -21.10
N ARG C 460 19.30 73.68 -22.22
CA ARG C 460 18.22 72.89 -22.83
C ARG C 460 18.79 71.56 -23.30
N LEU C 461 17.97 70.50 -23.19
CA LEU C 461 18.36 69.16 -23.60
C LEU C 461 17.20 68.55 -24.37
N SER C 462 17.36 68.39 -25.68
CA SER C 462 16.33 67.82 -26.53
C SER C 462 16.71 66.39 -26.91
N VAL C 463 15.79 65.45 -26.67
CA VAL C 463 16.00 64.04 -26.95
C VAL C 463 14.86 63.55 -27.83
N SER C 464 15.18 62.70 -28.80
CA SER C 464 14.18 62.13 -29.69
C SER C 464 14.56 60.68 -30.01
N TRP C 465 13.60 59.94 -30.55
CA TRP C 465 13.78 58.53 -30.88
C TRP C 465 12.63 58.05 -31.73
N GLN C 466 12.84 56.92 -32.40
CA GLN C 466 11.80 56.25 -33.15
C GLN C 466 11.14 55.17 -32.30
N ILE C 467 9.93 54.77 -32.70
CA ILE C 467 9.17 53.76 -31.97
C ILE C 467 9.89 52.42 -32.06
N PRO C 468 9.68 51.51 -31.11
CA PRO C 468 10.21 50.15 -31.27
C PRO C 468 9.69 49.52 -32.55
N TRP C 469 10.51 48.63 -33.14
CA TRP C 469 10.20 48.11 -34.45
C TRP C 469 8.89 47.33 -34.47
N ASN C 470 8.63 46.54 -33.42
CA ASN C 470 7.42 45.73 -33.40
C ASN C 470 6.16 46.57 -33.20
N LEU C 471 6.30 47.80 -32.67
CA LEU C 471 5.14 48.68 -32.53
C LEU C 471 4.55 49.06 -33.88
N LYS C 472 5.34 48.99 -34.95
CA LYS C 472 4.81 49.27 -36.28
C LYS C 472 3.64 48.37 -36.62
N TYR C 473 3.65 47.13 -36.13
CA TYR C 473 2.62 46.14 -36.45
C TYR C 473 1.72 45.85 -35.26
N LEU C 474 1.85 46.62 -34.19
CA LEU C 474 1.08 46.40 -32.97
C LEU C 474 -0.08 47.40 -32.88
N LYS C 475 -0.96 47.14 -31.90
CA LYS C 475 -2.13 47.99 -31.61
C LYS C 475 -2.32 47.96 -30.10
N VAL C 476 -1.90 49.02 -29.43
CA VAL C 476 -1.80 49.06 -27.97
C VAL C 476 -2.64 50.21 -27.45
N ARG C 477 -3.27 50.00 -26.28
CA ARG C 477 -4.12 51.04 -25.70
C ARG C 477 -3.28 52.23 -25.23
N GLU C 478 -2.23 51.96 -24.45
CA GLU C 478 -1.41 53.01 -23.87
C GLU C 478 0.06 52.72 -24.16
N VAL C 479 0.72 53.65 -24.84
CA VAL C 479 2.14 53.56 -25.14
C VAL C 479 2.83 54.77 -24.50
N LYS C 480 3.73 54.51 -23.56
CA LYS C 480 4.50 55.55 -22.91
C LYS C 480 5.99 55.25 -23.07
N TYR C 481 6.81 56.25 -22.77
CA TYR C 481 8.27 56.11 -22.80
C TYR C 481 8.83 56.64 -21.48
N GLU C 482 9.53 55.78 -20.76
CA GLU C 482 10.21 56.17 -19.53
C GLU C 482 11.62 56.63 -19.86
N VAL C 483 11.97 57.83 -19.39
CA VAL C 483 13.28 58.42 -19.66
C VAL C 483 13.98 58.68 -18.34
N TRP C 484 15.21 58.20 -18.22
CA TRP C 484 16.06 58.43 -17.07
C TRP C 484 17.18 59.39 -17.45
N LEU C 485 17.28 60.51 -16.75
CA LEU C 485 18.38 61.45 -16.92
C LEU C 485 19.36 61.27 -15.77
N GLN C 486 20.60 60.94 -16.09
CA GLN C 486 21.64 60.69 -15.10
C GLN C 486 22.79 61.66 -15.36
N GLU C 487 23.01 62.59 -14.44
CA GLU C 487 24.10 63.54 -14.57
C GLU C 487 25.44 62.82 -14.51
N GLN C 488 26.36 63.23 -15.38
CA GLN C 488 27.69 62.62 -15.44
C GLN C 488 28.38 62.73 -14.09
N GLY C 489 28.92 61.61 -13.61
CA GLY C 489 29.56 61.56 -12.33
C GLY C 489 28.65 61.21 -11.17
N GLU C 490 27.34 61.20 -11.38
CA GLU C 490 26.37 60.88 -10.34
C GLU C 490 25.83 59.47 -10.53
N ASN C 491 25.49 58.83 -9.41
CA ASN C 491 24.92 57.49 -9.42
C ASN C 491 23.41 57.50 -9.22
N THR C 492 22.77 58.65 -9.41
CA THR C 492 21.33 58.78 -9.30
C THR C 492 20.75 59.27 -10.62
N TYR C 493 19.46 59.01 -10.84
CA TYR C 493 18.77 59.43 -12.05
C TYR C 493 17.42 60.04 -11.69
N VAL C 494 16.88 60.79 -12.64
CA VAL C 494 15.58 61.44 -12.52
C VAL C 494 14.66 60.85 -13.57
N PRO C 495 13.53 60.24 -13.20
CA PRO C 495 12.66 59.60 -14.20
C PRO C 495 11.58 60.51 -14.73
N TYR C 496 11.20 60.25 -15.98
CA TYR C 496 10.11 60.95 -16.65
C TYR C 496 9.23 59.95 -17.39
N MET C 497 7.93 60.19 -17.39
CA MET C 497 6.98 59.43 -18.20
C MET C 497 6.48 60.33 -19.32
N LEU C 498 6.72 59.93 -20.57
CA LEU C 498 6.41 60.76 -21.72
C LEU C 498 5.54 59.99 -22.70
N ALA C 499 4.63 60.72 -23.35
CA ALA C 499 3.80 60.14 -24.41
C ALA C 499 4.38 60.37 -25.79
N LEU C 500 5.05 61.48 -26.02
CA LEU C 500 5.63 61.80 -27.31
C LEU C 500 7.03 61.18 -27.43
N GLN C 501 7.58 61.25 -28.64
CA GLN C 501 8.90 60.69 -28.94
C GLN C 501 9.97 61.76 -29.10
N ASN C 502 9.66 63.01 -28.74
CA ASN C 502 10.62 64.11 -28.82
C ASN C 502 10.31 65.06 -27.67
N HIS C 503 11.31 65.34 -26.84
CA HIS C 503 11.11 66.14 -25.65
C HIS C 503 12.33 67.00 -25.38
N THR C 504 12.10 68.21 -24.88
CA THR C 504 13.16 69.15 -24.51
C THR C 504 13.07 69.41 -23.02
N PHE C 505 14.10 68.99 -22.27
CA PHE C 505 14.15 69.18 -20.84
C PHE C 505 14.76 70.55 -20.52
N THR C 506 14.14 71.27 -19.60
CA THR C 506 14.66 72.57 -19.16
C THR C 506 14.73 72.69 -17.64
N GLU C 507 13.75 72.15 -16.92
CA GLU C 507 13.72 72.31 -15.47
C GLU C 507 14.85 71.51 -14.83
N ASN C 508 15.60 72.17 -13.95
CA ASN C 508 16.74 71.61 -13.24
C ASN C 508 17.87 71.16 -14.17
N ILE C 509 17.81 71.54 -15.45
CA ILE C 509 18.87 71.22 -16.39
C ILE C 509 19.97 72.27 -16.27
N LYS C 510 21.19 71.82 -16.01
CA LYS C 510 22.32 72.71 -15.77
C LYS C 510 23.12 72.94 -17.04
N PRO C 511 23.63 74.15 -17.24
CA PRO C 511 24.53 74.39 -18.37
C PRO C 511 25.90 73.77 -18.13
N PHE C 512 26.61 73.52 -19.24
CA PHE C 512 27.95 72.95 -19.21
C PHE C 512 27.99 71.64 -18.43
N THR C 513 26.98 70.80 -18.64
CA THR C 513 26.87 69.54 -17.92
C THR C 513 26.48 68.43 -18.90
N THR C 514 27.04 67.25 -18.68
CA THR C 514 26.78 66.08 -19.51
C THR C 514 25.79 65.16 -18.81
N TYR C 515 24.82 64.65 -19.56
CA TYR C 515 23.78 63.78 -19.03
C TYR C 515 23.77 62.44 -19.78
N LEU C 516 23.57 61.36 -19.02
CA LEU C 516 23.30 60.05 -19.60
C LEU C 516 21.80 59.85 -19.70
N VAL C 517 21.33 59.43 -20.86
CA VAL C 517 19.90 59.36 -21.16
C VAL C 517 19.54 57.92 -21.49
N TRP C 518 18.69 57.32 -20.66
CA TRP C 518 18.17 55.98 -20.88
C TRP C 518 16.69 56.07 -21.24
N ILE C 519 16.27 55.31 -22.25
CA ILE C 519 14.90 55.35 -22.75
C ILE C 519 14.39 53.92 -22.91
N ARG C 520 13.17 53.67 -22.43
CA ARG C 520 12.48 52.41 -22.68
C ARG C 520 11.00 52.67 -22.89
N CYS C 521 10.39 51.85 -23.74
CA CYS C 521 8.97 51.95 -24.03
C CYS C 521 8.17 51.00 -23.14
N ILE C 522 6.93 51.41 -22.83
CA ILE C 522 6.09 50.67 -21.90
C ILE C 522 4.68 50.60 -22.47
N PHE C 523 4.15 49.38 -22.55
CA PHE C 523 2.77 49.15 -22.96
C PHE C 523 1.89 49.00 -21.73
N ASN C 524 0.80 49.77 -21.70
CA ASN C 524 -0.26 49.60 -20.69
C ASN C 524 0.30 49.58 -19.27
N LYS C 525 1.21 50.52 -18.99
CA LYS C 525 1.74 50.79 -17.65
C LYS C 525 2.67 49.71 -17.11
N THR C 526 2.35 48.43 -17.34
CA THR C 526 3.04 47.35 -16.65
C THR C 526 3.96 46.52 -17.54
N LEU C 527 3.90 46.67 -18.86
CA LEU C 527 4.71 45.86 -19.77
C LEU C 527 5.94 46.67 -20.16
N LEU C 528 6.99 46.54 -19.35
CA LEU C 528 8.22 47.29 -19.56
C LEU C 528 9.07 46.66 -20.65
N GLY C 529 9.51 47.48 -21.60
CA GLY C 529 10.42 47.02 -22.62
C GLY C 529 11.87 47.23 -22.21
N PRO C 530 12.80 46.75 -23.02
CA PRO C 530 14.22 46.91 -22.70
C PRO C 530 14.70 48.33 -22.96
N PHE C 531 15.74 48.70 -22.23
CA PHE C 531 16.41 49.98 -22.46
C PHE C 531 17.28 49.88 -23.71
N ALA C 532 17.35 50.99 -24.44
CA ALA C 532 18.26 51.08 -25.58
C ALA C 532 19.66 51.43 -25.09
N ASP C 533 20.59 51.51 -26.03
CA ASP C 533 21.94 51.95 -25.69
C ASP C 533 21.89 53.38 -25.16
N VAL C 534 22.74 53.67 -24.18
CA VAL C 534 22.67 54.92 -23.45
C VAL C 534 23.09 56.09 -24.35
N LEU C 535 22.41 57.22 -24.21
CA LEU C 535 22.77 58.46 -24.87
C LEU C 535 23.60 59.32 -23.94
N VAL C 536 24.69 59.88 -24.46
CA VAL C 536 25.53 60.82 -23.72
C VAL C 536 25.37 62.19 -24.38
N CYS C 537 24.88 63.16 -23.63
CA CYS C 537 24.49 64.46 -24.16
C CYS C 537 24.97 65.54 -23.21
N SER C 538 25.59 66.58 -23.78
CA SER C 538 26.10 67.70 -22.99
C SER C 538 25.35 68.97 -23.37
N THR C 539 25.12 69.82 -22.37
CA THR C 539 24.40 71.08 -22.59
C THR C 539 25.37 72.22 -22.89
N PRO D 6 15.33 20.18 -47.94
CA PRO D 6 15.55 21.46 -48.64
C PRO D 6 16.14 22.52 -47.72
N ALA D 7 17.10 23.29 -48.24
CA ALA D 7 17.70 24.35 -47.44
C ALA D 7 16.84 25.62 -47.43
N LEU D 8 16.12 25.89 -48.52
CA LEU D 8 15.25 27.04 -48.63
C LEU D 8 13.90 26.59 -49.17
N ARG D 9 12.86 27.38 -48.87
CA ARG D 9 11.50 27.02 -49.29
C ARG D 9 10.64 28.27 -49.32
N ILE D 10 10.07 28.57 -50.49
CA ILE D 10 9.09 29.61 -50.66
C ILE D 10 7.83 28.98 -51.26
N ASP D 11 6.72 29.73 -51.20
CA ASP D 11 5.44 29.30 -51.75
C ASP D 11 5.05 27.92 -51.23
N TYR D 12 5.09 27.76 -49.90
CA TYR D 12 4.78 26.51 -49.22
C TYR D 12 3.63 26.77 -48.26
N PRO D 13 2.38 26.51 -48.67
CA PRO D 13 1.23 26.93 -47.84
C PRO D 13 1.05 26.12 -46.58
N LYS D 14 1.52 24.87 -46.53
CA LYS D 14 1.37 24.08 -45.31
C LYS D 14 2.14 24.68 -44.16
N ALA D 15 3.33 25.23 -44.44
CA ALA D 15 4.13 25.86 -43.40
C ALA D 15 3.53 27.21 -42.99
N LEU D 16 3.09 28.01 -43.96
CA LEU D 16 2.53 29.32 -43.64
C LEU D 16 1.27 29.19 -42.79
N GLN D 17 0.46 28.16 -43.04
CA GLN D 17 -0.74 27.95 -42.24
C GLN D 17 -0.39 27.61 -40.79
N ILE D 18 0.56 26.68 -40.59
CA ILE D 18 0.98 26.31 -39.25
C ILE D 18 1.54 27.53 -38.51
N LEU D 19 2.31 28.36 -39.22
CA LEU D 19 2.91 29.53 -38.59
C LEU D 19 1.85 30.57 -38.24
N THR D 20 0.99 30.92 -39.20
CA THR D 20 0.02 31.99 -38.97
C THR D 20 -1.02 31.61 -37.93
N GLU D 21 -1.34 30.33 -37.80
CA GLU D 21 -2.34 29.89 -36.83
C GLU D 21 -1.72 29.59 -35.46
N GLY D 22 -0.65 28.79 -35.44
CA GLY D 22 -0.09 28.31 -34.18
C GLY D 22 0.96 29.22 -33.56
N GLY D 23 1.74 29.90 -34.38
CA GLY D 23 2.76 30.79 -33.87
C GLY D 23 4.03 30.08 -33.47
N THR D 24 4.85 30.80 -32.71
CA THR D 24 6.17 30.32 -32.32
C THR D 24 6.10 29.49 -31.03
N HIS D 25 6.98 28.49 -30.95
CA HIS D 25 7.04 27.55 -29.85
C HIS D 25 8.45 27.57 -29.27
N MET D 26 8.58 27.76 -27.95
CA MET D 26 9.89 27.87 -27.34
C MET D 26 9.95 27.09 -26.03
N VAL D 27 10.99 26.27 -25.89
CA VAL D 27 11.25 25.50 -24.67
C VAL D 27 12.75 25.55 -24.41
N CYS D 28 13.14 26.03 -23.21
CA CYS D 28 14.54 26.28 -22.89
C CYS D 28 14.96 25.52 -21.64
N THR D 29 16.25 25.23 -21.56
CA THR D 29 16.87 24.65 -20.37
C THR D 29 17.48 25.76 -19.51
N GLY D 30 17.88 25.37 -18.30
CA GLY D 30 18.57 26.29 -17.40
C GLY D 30 17.67 27.32 -16.75
N ARG D 31 18.10 27.86 -15.61
CA ARG D 31 17.31 28.83 -14.86
C ARG D 31 17.80 30.27 -15.02
N THR D 32 19.00 30.48 -15.56
CA THR D 32 19.50 31.82 -15.83
C THR D 32 19.92 31.91 -17.29
N HIS D 33 20.10 33.14 -17.76
CA HIS D 33 20.47 33.36 -19.15
C HIS D 33 21.89 32.90 -19.45
N THR D 34 22.72 32.68 -18.43
CA THR D 34 24.11 32.30 -18.66
C THR D 34 24.30 30.81 -18.87
N ASP D 35 23.27 29.98 -18.63
CA ASP D 35 23.36 28.55 -18.89
C ASP D 35 22.05 28.05 -19.49
N ARG D 36 21.55 28.78 -20.50
CA ARG D 36 20.27 28.49 -21.12
C ARG D 36 20.47 28.13 -22.59
N LEU D 37 19.90 26.99 -22.99
CA LEU D 37 19.79 26.60 -24.39
C LEU D 37 18.31 26.43 -24.72
N CYS D 38 17.91 26.90 -25.90
CA CYS D 38 16.50 27.00 -26.28
C CYS D 38 16.22 26.22 -27.56
N ARG D 39 15.10 25.49 -27.56
CA ARG D 39 14.60 24.84 -28.75
C ARG D 39 13.39 25.62 -29.26
N PHE D 40 13.49 26.13 -30.49
CA PHE D 40 12.44 26.93 -31.10
C PHE D 40 11.78 26.17 -32.24
N LYS D 41 10.49 26.45 -32.46
CA LYS D 41 9.78 26.06 -33.65
C LYS D 41 9.05 27.29 -34.19
N TRP D 42 9.23 27.56 -35.47
CA TRP D 42 8.60 28.71 -36.15
C TRP D 42 9.08 30.03 -35.55
N LEU D 43 10.36 30.08 -35.19
CA LEU D 43 11.02 31.33 -34.87
C LEU D 43 11.45 32.01 -36.17
N CYS D 44 11.17 33.31 -36.28
CA CYS D 44 11.40 34.08 -37.50
C CYS D 44 12.36 35.23 -37.24
N TYR D 45 12.78 35.86 -38.33
CA TYR D 45 13.84 36.85 -38.28
C TYR D 45 13.61 37.88 -39.37
N SER D 46 13.62 39.15 -38.98
CA SER D 46 13.49 40.25 -39.93
C SER D 46 14.87 40.72 -40.34
N SER D 47 15.18 40.60 -41.64
CA SER D 47 16.51 40.97 -42.12
C SER D 47 16.74 42.47 -42.00
N GLU D 48 15.74 43.28 -42.32
CA GLU D 48 15.92 44.73 -42.27
C GLU D 48 16.12 45.21 -40.83
N ALA D 49 15.31 44.71 -39.90
CA ALA D 49 15.40 45.12 -38.50
C ALA D 49 16.48 44.37 -37.73
N GLU D 50 17.02 43.28 -38.28
CA GLU D 50 17.97 42.43 -37.60
C GLU D 50 17.44 42.00 -36.23
N GLU D 51 16.19 41.54 -36.22
CA GLU D 51 15.51 41.13 -35.01
C GLU D 51 14.87 39.77 -35.22
N PHE D 52 15.09 38.87 -34.26
CA PHE D 52 14.32 37.64 -34.22
C PHE D 52 12.92 37.93 -33.70
N ILE D 53 11.94 37.17 -34.18
CA ILE D 53 10.54 37.45 -33.92
C ILE D 53 9.87 36.21 -33.34
N PHE D 54 9.21 36.38 -32.19
CA PHE D 54 8.33 35.37 -31.63
C PHE D 54 6.89 35.75 -31.98
N PHE D 55 6.21 34.88 -32.72
CA PHE D 55 4.84 35.13 -33.14
C PHE D 55 3.89 34.41 -32.18
N HIS D 56 2.98 35.17 -31.57
CA HIS D 56 2.02 34.61 -30.63
C HIS D 56 0.84 34.04 -31.40
N GLY D 57 0.71 32.71 -31.41
CA GLY D 57 -0.41 32.06 -32.05
C GLY D 57 -1.20 31.21 -31.08
N ASN D 58 -2.08 30.35 -31.61
CA ASN D 58 -2.97 29.57 -30.76
C ASN D 58 -2.33 28.28 -30.25
N ALA D 59 -1.11 27.96 -30.69
CA ALA D 59 -0.36 26.82 -30.17
C ALA D 59 0.98 27.27 -29.58
N SER D 60 1.12 28.56 -29.28
CA SER D 60 2.40 29.10 -28.86
C SER D 60 2.73 28.71 -27.42
N VAL D 61 4.02 28.48 -27.19
CA VAL D 61 4.55 28.13 -25.88
C VAL D 61 5.83 28.93 -25.65
N MET D 62 5.96 29.52 -24.48
CA MET D 62 7.16 30.27 -24.11
C MET D 62 7.62 29.79 -22.73
N LEU D 63 8.63 28.93 -22.72
CA LEU D 63 9.19 28.39 -21.48
C LEU D 63 10.69 28.59 -21.50
N PRO D 64 11.26 29.39 -20.57
CA PRO D 64 10.53 30.05 -19.49
C PRO D 64 9.75 31.29 -19.94
N SER D 65 8.68 31.61 -19.22
CA SER D 65 7.92 32.84 -19.44
C SER D 65 8.42 33.84 -18.41
N LEU D 66 9.30 34.75 -18.85
CA LEU D 66 10.05 35.61 -17.94
C LEU D 66 9.39 36.97 -17.70
N GLY D 67 8.34 37.31 -18.44
CA GLY D 67 7.78 38.64 -18.31
C GLY D 67 8.80 39.70 -18.70
N SER D 68 8.85 40.77 -17.91
CA SER D 68 9.78 41.86 -18.19
C SER D 68 11.22 41.52 -17.81
N ARG D 69 11.45 40.41 -17.09
CA ARG D 69 12.79 39.97 -16.78
C ARG D 69 13.49 39.33 -17.97
N ARG D 70 12.80 39.16 -19.10
CA ARG D 70 13.46 38.75 -20.33
C ARG D 70 14.47 39.80 -20.80
N PHE D 71 14.39 41.01 -20.26
CA PHE D 71 15.32 42.09 -20.60
C PHE D 71 16.25 42.43 -19.44
N GLN D 72 16.46 41.48 -18.53
CA GLN D 72 17.38 41.66 -17.39
C GLN D 72 18.33 40.48 -17.34
N PRO D 73 19.33 40.42 -18.24
CA PRO D 73 19.54 41.38 -19.34
C PRO D 73 18.99 40.90 -20.67
N ALA D 74 18.78 39.60 -20.82
CA ALA D 74 18.37 39.01 -22.10
C ALA D 74 17.88 37.59 -21.84
N LEU D 75 17.56 36.89 -22.93
CA LEU D 75 17.08 35.52 -22.80
C LEU D 75 18.23 34.54 -22.59
N LEU D 76 19.33 34.71 -23.32
CA LEU D 76 20.46 33.79 -23.19
C LEU D 76 21.70 34.44 -23.79
N ASP D 77 22.85 33.84 -23.49
CA ASP D 77 24.12 34.21 -24.11
C ASP D 77 24.25 33.53 -25.47
N LEU D 78 24.57 34.31 -26.50
CA LEU D 78 24.77 33.73 -27.83
C LEU D 78 26.19 33.21 -28.03
N SER D 79 27.16 33.71 -27.28
CA SER D 79 28.51 33.18 -27.27
C SER D 79 28.78 32.50 -25.93
N THR D 80 29.94 31.86 -25.83
CA THR D 80 30.33 31.19 -24.60
C THR D 80 31.05 32.10 -23.63
N VAL D 81 31.30 33.34 -24.01
CA VAL D 81 31.82 34.34 -23.08
C VAL D 81 30.67 34.78 -22.18
N GLU D 82 30.80 34.52 -20.89
CA GLU D 82 29.67 34.60 -19.96
C GLU D 82 29.21 36.05 -19.79
N ASP D 83 27.93 36.29 -20.06
CA ASP D 83 27.27 37.57 -19.77
C ASP D 83 27.92 38.73 -20.51
N HIS D 84 28.45 38.48 -21.70
CA HIS D 84 29.03 39.54 -22.51
C HIS D 84 27.90 40.39 -23.11
N ASN D 85 27.94 41.71 -22.85
CA ASN D 85 26.78 42.55 -23.13
C ASN D 85 26.57 42.82 -24.62
N THR D 86 27.49 42.41 -25.49
CA THR D 86 27.28 42.52 -26.93
C THR D 86 26.93 41.19 -27.58
N GLN D 87 26.81 40.11 -26.79
CA GLN D 87 26.57 38.78 -27.32
C GLN D 87 25.24 38.20 -26.83
N TYR D 88 24.28 39.04 -26.48
CA TYR D 88 23.01 38.56 -25.99
C TYR D 88 22.09 38.14 -27.13
N PHE D 89 21.20 37.19 -26.84
CA PHE D 89 20.12 36.83 -27.75
C PHE D 89 18.79 37.25 -27.13
N ASN D 90 17.93 37.83 -27.97
CA ASN D 90 16.56 38.10 -27.58
C ASN D 90 15.73 38.19 -28.84
N PHE D 91 14.41 38.29 -28.64
CA PHE D 91 13.48 38.44 -29.74
C PHE D 91 12.47 39.52 -29.40
N VAL D 92 11.77 39.99 -30.43
CA VAL D 92 10.62 40.87 -30.24
C VAL D 92 9.37 40.04 -30.52
N GLU D 93 8.25 40.47 -29.94
CA GLU D 93 7.01 39.72 -29.99
C GLU D 93 5.99 40.42 -30.88
N LEU D 94 5.21 39.63 -31.60
CA LEU D 94 4.09 40.09 -32.40
C LEU D 94 3.02 39.02 -32.36
N PRO D 95 1.76 39.39 -32.56
CA PRO D 95 0.73 38.37 -32.80
C PRO D 95 0.95 37.73 -34.16
N ALA D 96 0.58 36.45 -34.26
CA ALA D 96 0.76 35.74 -35.52
C ALA D 96 -0.03 36.38 -36.64
N ALA D 97 -1.13 37.08 -36.31
CA ALA D 97 -1.94 37.73 -37.33
C ALA D 97 -1.21 38.90 -37.98
N ALA D 98 -0.17 39.44 -37.34
CA ALA D 98 0.60 40.52 -37.94
C ALA D 98 1.31 40.11 -39.22
N LEU D 99 1.40 38.82 -39.50
CA LEU D 99 2.04 38.35 -40.73
C LEU D 99 1.29 38.82 -41.97
N ARG D 100 0.03 39.25 -41.83
CA ARG D 100 -0.71 39.78 -42.96
C ARG D 100 -0.06 41.05 -43.51
N PHE D 101 0.58 41.84 -42.64
CA PHE D 101 1.20 43.09 -43.02
C PHE D 101 2.69 42.96 -43.29
N MET D 102 3.16 41.76 -43.60
CA MET D 102 4.56 41.46 -43.80
C MET D 102 4.71 40.65 -45.08
N PRO D 103 5.92 40.59 -45.64
CA PRO D 103 6.12 39.76 -46.84
C PRO D 103 5.88 38.29 -46.56
N LYS D 104 5.65 37.55 -47.63
CA LYS D 104 5.59 36.10 -47.53
C LYS D 104 6.93 35.59 -47.02
N PRO D 105 6.95 34.81 -45.94
CA PRO D 105 8.23 34.43 -45.35
C PRO D 105 8.99 33.43 -46.22
N VAL D 106 10.31 33.45 -46.08
CA VAL D 106 11.19 32.44 -46.64
C VAL D 106 11.52 31.45 -45.53
N PHE D 107 11.14 30.19 -45.71
CA PHE D 107 11.28 29.19 -44.67
C PHE D 107 12.64 28.50 -44.75
N VAL D 108 13.20 28.19 -43.59
CA VAL D 108 14.40 27.38 -43.48
C VAL D 108 13.98 26.00 -42.98
N PRO D 109 13.85 25.00 -43.85
CA PRO D 109 13.36 23.69 -43.40
C PRO D 109 14.39 22.91 -42.61
N ASP D 110 15.67 23.12 -42.90
CA ASP D 110 16.73 22.46 -42.14
C ASP D 110 16.70 22.93 -40.69
N VAL D 111 16.95 21.99 -39.77
CA VAL D 111 17.06 22.36 -38.37
C VAL D 111 18.36 23.15 -38.17
N ALA D 112 18.27 24.26 -37.45
CA ALA D 112 19.37 25.19 -37.32
C ALA D 112 19.92 25.18 -35.90
N LEU D 113 21.20 25.54 -35.78
CA LEU D 113 21.82 25.90 -34.51
C LEU D 113 22.35 27.31 -34.64
N ILE D 114 21.84 28.22 -33.81
CA ILE D 114 22.12 29.65 -33.91
C ILE D 114 23.07 30.01 -32.77
N ALA D 115 24.18 30.67 -33.12
CA ALA D 115 25.21 30.99 -32.14
C ALA D 115 26.07 32.13 -32.66
N ASN D 116 26.85 32.71 -31.75
CA ASN D 116 27.78 33.78 -32.05
C ASN D 116 29.21 33.28 -31.87
N ARG D 117 30.05 33.50 -32.87
CA ARG D 117 31.48 33.28 -32.72
C ARG D 117 32.11 34.52 -32.07
N PHE D 118 33.00 34.29 -31.10
CA PHE D 118 33.52 35.40 -30.33
C PHE D 118 34.60 36.16 -31.09
N ASN D 119 35.60 35.45 -31.62
CA ASN D 119 36.67 36.07 -32.39
C ASN D 119 37.18 35.05 -33.40
N PRO D 120 36.50 34.94 -34.55
CA PRO D 120 36.89 33.93 -35.55
C PRO D 120 38.27 34.16 -36.18
N ASP D 121 39.00 35.20 -35.81
CA ASP D 121 40.32 35.46 -36.34
C ASP D 121 41.44 35.01 -35.42
N ASN D 122 41.11 34.51 -34.22
CA ASN D 122 42.11 34.04 -33.26
C ASN D 122 41.89 32.54 -33.05
N LEU D 123 42.96 31.76 -33.27
CA LEU D 123 42.82 30.30 -33.24
C LEU D 123 42.41 29.81 -31.85
N MET D 124 42.90 30.45 -30.79
CA MET D 124 42.52 30.05 -29.44
C MET D 124 41.06 30.33 -29.17
N HIS D 125 40.56 31.50 -29.58
CA HIS D 125 39.15 31.80 -29.42
C HIS D 125 38.29 30.85 -30.27
N VAL D 126 38.77 30.50 -31.46
CA VAL D 126 38.03 29.61 -32.34
C VAL D 126 37.81 28.26 -31.68
N PHE D 127 38.87 27.68 -31.12
CA PHE D 127 38.75 26.35 -30.52
C PHE D 127 38.03 26.39 -29.19
N HIS D 128 38.40 27.34 -28.33
CA HIS D 128 37.87 27.35 -26.97
C HIS D 128 36.45 27.90 -26.91
N ASP D 129 36.18 29.01 -27.62
CA ASP D 129 34.87 29.63 -27.50
C ASP D 129 33.84 29.01 -28.44
N ASP D 130 34.27 28.45 -29.58
CA ASP D 130 33.34 28.05 -30.63
C ASP D 130 33.39 26.56 -30.92
N LEU D 131 34.53 26.03 -31.39
CA LEU D 131 34.55 24.68 -31.93
C LEU D 131 34.17 23.64 -30.89
N LEU D 132 34.79 23.69 -29.70
CA LEU D 132 34.47 22.71 -28.67
C LEU D 132 33.04 22.88 -28.16
N PRO D 133 32.54 24.08 -27.83
CA PRO D 133 31.13 24.18 -27.44
C PRO D 133 30.17 23.76 -28.55
N LEU D 134 30.49 24.05 -29.81
CA LEU D 134 29.64 23.62 -30.91
C LEU D 134 29.56 22.09 -30.98
N PHE D 135 30.71 21.43 -30.82
CA PHE D 135 30.77 19.98 -30.95
C PHE D 135 29.83 19.29 -29.98
N TYR D 136 29.81 19.73 -28.72
CA TYR D 136 29.04 19.06 -27.69
C TYR D 136 27.65 19.65 -27.50
N THR D 137 27.41 20.89 -27.95
CA THR D 137 26.04 21.38 -28.00
C THR D 137 25.23 20.62 -29.04
N LEU D 138 25.84 20.33 -30.18
CA LEU D 138 25.17 19.54 -31.22
C LEU D 138 24.80 18.17 -30.69
N ARG D 139 25.63 17.58 -29.83
CA ARG D 139 25.37 16.26 -29.28
C ARG D 139 24.46 16.29 -28.07
N GLN D 140 24.03 17.47 -27.61
CA GLN D 140 23.07 17.56 -26.53
C GLN D 140 21.66 17.16 -26.98
N PHE D 141 21.36 17.30 -28.27
CA PHE D 141 20.02 17.06 -28.78
C PHE D 141 20.08 16.06 -29.93
N PRO D 142 19.18 15.08 -29.95
CA PRO D 142 19.23 14.05 -31.01
C PRO D 142 19.01 14.66 -32.39
N GLY D 143 19.77 14.17 -33.37
CA GLY D 143 19.64 14.58 -34.74
C GLY D 143 20.48 15.77 -35.15
N LEU D 144 20.89 16.62 -34.19
CA LEU D 144 21.58 17.86 -34.53
C LEU D 144 22.94 17.58 -35.16
N ALA D 145 23.73 16.69 -34.55
CA ALA D 145 25.11 16.48 -34.97
C ALA D 145 25.23 16.03 -36.42
N ARG D 146 24.18 15.45 -36.99
CA ARG D 146 24.21 14.99 -38.37
C ARG D 146 23.39 15.85 -39.32
N GLU D 147 22.48 16.69 -38.82
CA GLU D 147 21.55 17.40 -39.68
C GLU D 147 21.53 18.91 -39.50
N ALA D 148 22.18 19.46 -38.49
CA ALA D 148 22.06 20.88 -38.20
C ALA D 148 22.89 21.72 -39.17
N ARG D 149 22.33 22.86 -39.57
CA ARG D 149 23.09 23.90 -40.25
C ARG D 149 23.37 25.01 -39.25
N LEU D 150 24.62 25.45 -39.20
CA LEU D 150 25.02 26.48 -38.24
C LEU D 150 24.74 27.86 -38.81
N PHE D 151 24.23 28.75 -37.95
CA PHE D 151 23.96 30.13 -38.31
C PHE D 151 24.73 31.03 -37.35
N PHE D 152 25.76 31.70 -37.87
CA PHE D 152 26.64 32.55 -37.07
C PHE D 152 26.13 33.98 -37.17
N MET D 153 25.62 34.51 -36.06
CA MET D 153 24.90 35.77 -36.05
C MET D 153 25.71 36.94 -35.50
N GLU D 154 27.00 36.73 -35.20
CA GLU D 154 27.78 37.79 -34.58
C GLU D 154 28.13 38.90 -35.56
N GLY D 155 28.05 38.65 -36.86
CA GLY D 155 28.25 39.69 -37.86
C GLY D 155 29.62 39.71 -38.51
N TRP D 156 30.55 38.86 -38.08
CA TRP D 156 31.86 38.82 -38.69
C TRP D 156 31.80 38.07 -40.02
N GLY D 157 32.87 38.23 -40.81
CA GLY D 157 33.02 37.48 -42.04
C GLY D 157 33.42 36.05 -41.78
N GLU D 158 33.85 35.38 -42.84
CA GLU D 158 34.28 33.99 -42.73
C GLU D 158 35.44 33.86 -41.74
N GLY D 159 36.43 34.73 -41.84
CA GLY D 159 37.58 34.66 -40.96
C GLY D 159 38.63 33.70 -41.47
N ALA D 160 39.76 33.69 -40.76
CA ALA D 160 40.92 32.93 -41.20
C ALA D 160 40.75 31.42 -41.02
N HIS D 161 39.83 30.99 -40.16
CA HIS D 161 39.71 29.59 -39.79
C HIS D 161 38.32 29.03 -40.09
N PHE D 162 37.66 29.56 -41.12
CA PHE D 162 36.32 29.09 -41.47
C PHE D 162 36.35 27.64 -41.93
N ASP D 163 37.47 27.19 -42.48
CA ASP D 163 37.65 25.77 -42.77
C ASP D 163 37.29 24.89 -41.59
N LEU D 164 37.64 25.31 -40.36
CA LEU D 164 37.47 24.45 -39.21
C LEU D 164 36.02 24.38 -38.77
N TYR D 165 35.29 25.50 -38.90
CA TYR D 165 33.86 25.48 -38.60
C TYR D 165 33.12 24.50 -39.51
N LYS D 166 33.55 24.39 -40.77
CA LYS D 166 32.87 23.54 -41.73
C LYS D 166 33.04 22.05 -41.43
N LEU D 167 34.02 21.69 -40.60
CA LEU D 167 34.22 20.28 -40.28
C LEU D 167 33.27 19.77 -39.22
N LEU D 168 32.56 20.66 -38.53
CA LEU D 168 31.63 20.23 -37.49
C LEU D 168 30.27 19.80 -38.05
N SER D 169 29.84 20.41 -39.15
CA SER D 169 28.55 20.06 -39.74
C SER D 169 28.72 19.64 -41.19
N PRO D 170 27.91 18.70 -41.67
CA PRO D 170 27.93 18.35 -43.10
C PRO D 170 27.29 19.41 -43.99
N LYS D 171 26.62 20.40 -43.41
CA LYS D 171 26.01 21.49 -44.15
C LYS D 171 26.82 22.77 -43.98
N GLN D 172 26.84 23.58 -45.02
CA GLN D 172 27.64 24.81 -45.00
C GLN D 172 27.03 25.81 -44.03
N PRO D 173 27.82 26.43 -43.16
CA PRO D 173 27.27 27.45 -42.25
C PRO D 173 26.87 28.70 -43.01
N LEU D 174 25.98 29.47 -42.40
CA LEU D 174 25.50 30.72 -42.96
C LEU D 174 25.85 31.87 -42.03
N LEU D 175 26.38 32.94 -42.59
CA LEU D 175 26.66 34.16 -41.83
C LEU D 175 25.45 35.09 -41.87
N ARG D 176 25.43 36.03 -40.92
CA ARG D 176 24.29 36.94 -40.80
C ARG D 176 24.10 37.75 -42.07
N ALA D 177 25.19 38.16 -42.72
CA ALA D 177 25.08 38.92 -43.96
C ALA D 177 24.45 38.10 -45.06
N GLN D 178 24.73 36.79 -45.10
CA GLN D 178 24.10 35.92 -46.09
C GLN D 178 22.63 35.65 -45.77
N LEU D 179 22.23 35.78 -44.49
CA LEU D 179 20.83 35.63 -44.14
C LEU D 179 19.98 36.67 -44.84
N LYS D 180 20.41 37.94 -44.80
CA LYS D 180 19.61 39.03 -45.34
C LYS D 180 19.36 38.87 -46.83
N ALA D 181 20.32 38.30 -47.56
CA ALA D 181 20.14 38.11 -49.00
C ALA D 181 19.08 37.08 -49.33
N LEU D 182 18.68 36.25 -48.36
CA LEU D 182 17.69 35.22 -48.63
C LEU D 182 16.29 35.79 -48.73
N GLY D 183 16.02 36.90 -48.06
CA GLY D 183 14.71 37.51 -48.08
C GLY D 183 14.54 38.48 -46.95
N ARG D 184 13.41 39.19 -46.99
CA ARG D 184 13.12 40.21 -45.99
C ARG D 184 12.66 39.60 -44.67
N LEU D 185 11.92 38.49 -44.72
CA LEU D 185 11.44 37.81 -43.52
C LEU D 185 11.75 36.33 -43.65
N LEU D 186 12.56 35.81 -42.74
CA LEU D 186 12.95 34.40 -42.74
C LEU D 186 12.41 33.73 -41.49
N CYS D 187 11.95 32.49 -41.66
CA CYS D 187 11.29 31.71 -40.61
C CYS D 187 11.94 30.35 -40.48
N PHE D 188 12.41 30.04 -39.28
CA PHE D 188 13.02 28.74 -39.02
C PHE D 188 11.95 27.77 -38.53
N SER D 189 11.76 26.68 -39.26
CA SER D 189 10.80 25.67 -38.81
C SER D 189 11.28 24.98 -37.54
N HIS D 190 12.59 24.89 -37.34
CA HIS D 190 13.15 24.18 -36.20
C HIS D 190 14.54 24.74 -35.95
N ALA D 191 14.72 25.43 -34.83
CA ALA D 191 16.00 26.08 -34.53
C ALA D 191 16.36 25.89 -33.07
N PHE D 192 17.64 25.62 -32.82
CA PHE D 192 18.22 25.62 -31.48
C PHE D 192 19.12 26.84 -31.34
N VAL D 193 19.09 27.47 -30.18
CA VAL D 193 19.80 28.72 -29.94
C VAL D 193 20.64 28.59 -28.69
N GLY D 194 21.91 28.98 -28.79
CA GLY D 194 22.80 29.00 -27.64
C GLY D 194 23.90 27.95 -27.77
N LEU D 195 24.94 28.14 -26.95
CA LEU D 195 26.04 27.21 -26.84
C LEU D 195 26.28 26.88 -25.38
N SER D 196 26.51 25.60 -25.09
CA SER D 196 26.86 25.21 -23.73
C SER D 196 28.25 25.72 -23.37
N LYS D 197 28.41 26.08 -22.09
CA LYS D 197 29.69 26.54 -21.58
C LYS D 197 30.49 25.43 -20.90
N VAL D 198 30.04 24.17 -21.03
CA VAL D 198 30.58 23.10 -20.20
C VAL D 198 32.04 22.81 -20.56
N THR D 199 32.46 23.10 -21.78
CA THR D 199 33.82 22.76 -22.21
C THR D 199 34.82 23.90 -22.02
N THR D 200 34.37 25.07 -21.54
CA THR D 200 35.28 26.19 -21.36
C THR D 200 36.13 26.01 -20.11
N TRP D 201 37.34 26.58 -20.14
CA TRP D 201 38.24 26.51 -19.01
C TRP D 201 38.93 27.82 -18.70
N TYR D 202 38.65 28.89 -19.45
CA TYR D 202 39.35 30.16 -19.29
C TYR D 202 38.38 31.32 -19.46
N GLN D 203 38.64 32.40 -18.73
CA GLN D 203 37.93 33.65 -18.87
C GLN D 203 38.93 34.77 -19.17
N TYR D 204 38.52 35.72 -20.02
CA TYR D 204 39.44 36.64 -20.66
C TYR D 204 39.60 37.97 -19.92
N GLY D 205 39.07 38.08 -18.72
CA GLY D 205 39.38 39.24 -17.89
C GLY D 205 38.47 40.44 -18.03
N PHE D 206 37.16 40.20 -18.11
CA PHE D 206 36.23 41.30 -18.31
C PHE D 206 35.84 41.97 -16.99
N VAL D 207 35.73 41.20 -15.92
CA VAL D 207 35.38 41.73 -14.61
C VAL D 207 36.54 41.61 -13.62
N GLN D 208 37.23 40.47 -13.62
CA GLN D 208 38.42 40.17 -12.86
C GLN D 208 39.54 39.80 -13.82
N PRO D 209 40.80 40.01 -13.46
CA PRO D 209 41.91 39.70 -14.37
C PRO D 209 41.80 38.29 -14.94
N GLN D 210 42.26 38.14 -16.18
CA GLN D 210 42.10 36.88 -16.90
C GLN D 210 42.75 35.74 -16.14
N GLY D 211 42.19 34.55 -16.30
CA GLY D 211 42.64 33.38 -15.59
C GLY D 211 41.71 32.19 -15.81
N PRO D 212 42.00 31.09 -15.13
CA PRO D 212 41.16 29.89 -15.31
C PRO D 212 39.76 30.10 -14.78
N LYS D 213 38.81 29.39 -15.38
CA LYS D 213 37.43 29.43 -14.90
C LYS D 213 37.36 28.90 -13.47
N ALA D 214 36.41 29.43 -12.71
CA ALA D 214 36.33 29.13 -11.28
C ALA D 214 36.11 27.64 -11.04
N ASN D 215 35.14 27.04 -11.75
CA ASN D 215 34.86 25.62 -11.64
C ASN D 215 34.78 25.04 -13.05
N ILE D 216 35.84 24.36 -13.47
CA ILE D 216 35.92 23.77 -14.81
C ILE D 216 35.18 22.44 -14.81
N LEU D 217 34.31 22.25 -15.81
CA LEU D 217 33.46 21.07 -15.90
C LEU D 217 33.87 20.13 -17.02
N VAL D 218 35.08 20.29 -17.56
CA VAL D 218 35.56 19.46 -18.65
C VAL D 218 36.89 18.83 -18.25
N SER D 219 37.12 17.62 -18.73
CA SER D 219 38.36 16.90 -18.50
C SER D 219 39.08 16.66 -19.82
N GLY D 220 40.31 16.14 -19.72
CA GLY D 220 41.09 15.88 -20.92
C GLY D 220 40.48 14.82 -21.81
N ASN D 221 39.73 13.88 -21.22
CA ASN D 221 39.09 12.84 -22.01
C ASN D 221 38.11 13.44 -23.02
N GLU D 222 37.33 14.43 -22.61
CA GLU D 222 36.38 15.06 -23.52
C GLU D 222 37.10 15.94 -24.55
N ILE D 223 38.22 16.55 -24.17
CA ILE D 223 39.01 17.31 -25.12
C ILE D 223 39.56 16.39 -26.22
N ARG D 224 40.01 15.20 -25.82
CA ARG D 224 40.66 14.30 -26.76
C ARG D 224 39.67 13.57 -27.66
N GLN D 225 38.45 13.31 -27.18
CA GLN D 225 37.41 12.79 -28.06
C GLN D 225 37.09 13.79 -29.16
N PHE D 226 37.07 15.08 -28.81
CA PHE D 226 36.86 16.12 -29.80
C PHE D 226 38.01 16.16 -30.81
N ALA D 227 39.24 16.11 -30.30
CA ALA D 227 40.41 16.15 -31.19
C ALA D 227 40.43 14.94 -32.12
N HIS D 228 40.04 13.76 -31.61
CA HIS D 228 39.98 12.58 -32.45
C HIS D 228 39.00 12.76 -33.59
N PHE D 229 37.83 13.35 -33.31
CA PHE D 229 36.85 13.62 -34.36
C PHE D 229 37.41 14.55 -35.42
N LEU D 230 38.10 15.62 -34.99
CA LEU D 230 38.65 16.58 -35.95
C LEU D 230 39.78 15.95 -36.76
N MET D 231 40.57 15.07 -36.14
CA MET D 231 41.69 14.47 -36.85
C MET D 231 41.21 13.58 -37.99
N GLU D 232 40.08 12.89 -37.79
CA GLU D 232 39.53 12.07 -38.86
C GLU D 232 38.92 12.93 -39.96
N LYS D 233 38.23 14.01 -39.59
CA LYS D 233 37.72 14.94 -40.58
C LYS D 233 38.84 15.63 -41.36
N LEU D 234 40.04 15.68 -40.80
CA LEU D 234 41.21 16.28 -41.46
C LEU D 234 42.07 15.23 -42.15
N ASN D 235 41.67 13.97 -42.13
CA ASN D 235 42.42 12.88 -42.76
C ASN D 235 43.81 12.72 -42.16
N VAL D 236 43.87 12.77 -40.83
CA VAL D 236 45.09 12.58 -40.06
C VAL D 236 44.90 11.33 -39.20
N SER D 237 45.70 10.30 -39.46
CA SER D 237 45.61 9.06 -38.71
C SER D 237 46.47 9.11 -37.45
N GLU D 245 62.59 8.29 -34.72
CA GLU D 245 61.55 9.01 -35.45
C GLU D 245 60.73 9.90 -34.51
N GLU D 246 60.97 9.76 -33.22
CA GLU D 246 60.39 10.70 -32.26
C GLU D 246 61.05 12.06 -32.42
N TYR D 247 60.29 13.11 -32.13
CA TYR D 247 60.80 14.45 -32.40
C TYR D 247 60.21 15.47 -31.45
N ILE D 248 60.92 16.57 -31.28
CA ILE D 248 60.46 17.76 -30.57
C ILE D 248 59.96 18.77 -31.60
N LEU D 249 58.82 19.38 -31.33
CA LEU D 249 58.17 20.29 -32.27
C LEU D 249 58.20 21.70 -31.71
N VAL D 250 58.77 22.63 -32.48
CA VAL D 250 58.79 24.04 -32.14
C VAL D 250 57.75 24.74 -33.00
N PHE D 251 56.75 25.35 -32.36
CA PHE D 251 55.68 26.05 -33.05
C PHE D 251 56.08 27.52 -33.18
N SER D 252 56.48 27.93 -34.37
CA SER D 252 57.03 29.25 -34.62
C SER D 252 55.97 30.22 -35.12
N ARG D 253 56.23 31.50 -34.91
CA ARG D 253 55.47 32.59 -35.50
C ARG D 253 56.37 33.36 -36.45
N THR D 254 55.78 33.85 -37.55
CA THR D 254 56.55 34.49 -38.60
C THR D 254 56.33 35.99 -38.72
N GLN D 255 55.29 36.54 -38.09
CA GLN D 255 54.98 37.96 -38.24
C GLN D 255 55.36 38.78 -37.01
N ASN D 256 54.99 38.33 -35.82
CA ASN D 256 55.33 39.06 -34.60
C ASN D 256 55.51 38.07 -33.46
N ARG D 257 55.96 38.60 -32.32
CA ARG D 257 56.27 37.79 -31.14
C ARG D 257 57.22 36.66 -31.50
N LEU D 258 58.36 37.05 -32.08
CA LEU D 258 59.28 36.09 -32.69
C LEU D 258 60.22 35.50 -31.65
N ILE D 259 60.75 34.32 -31.99
CA ILE D 259 61.92 33.77 -31.33
C ILE D 259 63.12 34.17 -32.17
N LEU D 260 63.95 35.06 -31.63
CA LEU D 260 65.02 35.65 -32.44
C LEU D 260 66.12 34.66 -32.77
N ASN D 261 66.35 33.68 -31.90
CA ASN D 261 67.41 32.69 -32.13
C ASN D 261 66.83 31.30 -32.32
N GLU D 262 65.88 31.16 -33.25
CA GLU D 262 65.23 29.87 -33.47
C GLU D 262 66.21 28.82 -33.98
N ALA D 263 67.20 29.23 -34.78
CA ALA D 263 68.17 28.27 -35.30
C ALA D 263 68.98 27.64 -34.18
N GLU D 264 69.50 28.46 -33.27
CA GLU D 264 70.25 27.94 -32.13
C GLU D 264 69.35 27.14 -31.20
N LEU D 265 68.08 27.51 -31.10
CA LEU D 265 67.15 26.78 -30.24
C LEU D 265 66.92 25.36 -30.74
N LEU D 266 66.80 25.20 -32.07
CA LEU D 266 66.59 23.87 -32.63
C LEU D 266 67.79 22.97 -32.39
N LEU D 267 68.99 23.49 -32.58
CA LEU D 267 70.20 22.69 -32.40
C LEU D 267 70.41 22.32 -30.94
N ALA D 268 70.10 23.24 -30.03
CA ALA D 268 70.35 22.97 -28.61
C ALA D 268 69.32 22.01 -28.04
N LEU D 269 68.06 22.14 -28.45
CA LEU D 269 67.04 21.18 -28.01
C LEU D 269 67.36 19.78 -28.53
N ALA D 270 67.74 19.68 -29.80
CA ALA D 270 68.07 18.38 -30.38
C ALA D 270 69.27 17.75 -29.70
N GLN D 271 70.21 18.56 -29.21
CA GLN D 271 71.38 18.00 -28.54
C GLN D 271 71.08 17.65 -27.09
N GLU D 272 70.31 18.49 -26.39
CA GLU D 272 70.05 18.26 -24.97
C GLU D 272 69.18 17.03 -24.76
N PHE D 273 68.16 16.85 -25.59
CA PHE D 273 67.30 15.69 -25.50
C PHE D 273 67.63 14.61 -26.51
N GLN D 274 68.61 14.83 -27.39
CA GLN D 274 69.13 13.79 -28.27
C GLN D 274 68.00 13.16 -29.10
N MET D 275 67.37 14.00 -29.92
CA MET D 275 66.12 13.69 -30.58
C MET D 275 65.89 14.75 -31.66
N LYS D 276 65.34 14.35 -32.80
CA LYS D 276 65.13 15.29 -33.89
C LYS D 276 64.23 16.44 -33.46
N THR D 277 64.48 17.63 -34.00
CA THR D 277 63.63 18.80 -33.76
C THR D 277 63.07 19.30 -35.07
N VAL D 278 61.82 19.76 -35.04
CA VAL D 278 61.07 20.17 -36.21
C VAL D 278 60.40 21.51 -35.91
N THR D 279 60.27 22.33 -36.96
CA THR D 279 59.52 23.58 -36.86
C THR D 279 58.17 23.43 -37.54
N VAL D 280 57.20 24.18 -37.04
CA VAL D 280 55.87 24.24 -37.64
C VAL D 280 55.35 25.66 -37.46
N SER D 281 54.47 26.07 -38.37
CA SER D 281 53.84 27.39 -38.28
C SER D 281 52.49 27.32 -38.96
N LEU D 282 51.58 28.21 -38.54
CA LEU D 282 50.28 28.28 -39.18
C LEU D 282 50.38 28.89 -40.58
N GLU D 283 51.39 29.73 -40.81
CA GLU D 283 51.47 30.46 -42.07
C GLU D 283 51.91 29.57 -43.23
N ASP D 284 52.83 28.63 -42.98
CA ASP D 284 53.47 27.88 -44.04
C ASP D 284 53.03 26.42 -44.12
N HIS D 285 52.07 26.00 -43.28
CA HIS D 285 51.58 24.63 -43.31
C HIS D 285 50.06 24.64 -43.37
N ALA D 286 49.51 23.76 -44.21
CA ALA D 286 48.07 23.51 -44.14
C ALA D 286 47.73 22.98 -42.76
N PHE D 287 46.55 23.37 -42.25
CA PHE D 287 46.21 23.03 -40.87
C PHE D 287 46.18 21.52 -40.65
N ALA D 288 45.78 20.76 -41.66
CA ALA D 288 45.82 19.31 -41.54
C ALA D 288 47.25 18.82 -41.33
N ASP D 289 48.22 19.49 -41.97
CA ASP D 289 49.62 19.14 -41.75
C ASP D 289 50.10 19.60 -40.38
N VAL D 290 49.56 20.70 -39.86
CA VAL D 290 49.90 21.15 -38.51
C VAL D 290 49.44 20.11 -37.49
N VAL D 291 48.20 19.64 -37.62
CA VAL D 291 47.67 18.66 -36.69
C VAL D 291 48.47 17.36 -36.77
N ARG D 292 48.84 16.96 -37.99
CA ARG D 292 49.60 15.73 -38.18
C ARG D 292 50.93 15.79 -37.43
N LEU D 293 51.57 16.96 -37.44
CA LEU D 293 52.87 17.10 -36.79
C LEU D 293 52.74 17.16 -35.27
N VAL D 294 51.75 17.89 -34.76
CA VAL D 294 51.56 17.99 -33.31
C VAL D 294 51.10 16.65 -32.73
N SER D 295 50.36 15.86 -33.52
CA SER D 295 49.70 14.68 -32.96
C SER D 295 50.67 13.57 -32.59
N ASN D 296 51.84 13.51 -33.23
CA ASN D 296 52.84 12.50 -32.91
C ASN D 296 54.14 13.14 -32.43
N ALA D 297 54.04 14.30 -31.77
CA ALA D 297 55.21 14.99 -31.23
C ALA D 297 55.36 14.68 -29.75
N SER D 298 56.61 14.60 -29.30
CA SER D 298 56.91 14.30 -27.91
C SER D 298 57.00 15.54 -27.03
N MET D 299 57.20 16.71 -27.63
CA MET D 299 57.33 17.95 -26.88
C MET D 299 56.97 19.10 -27.82
N LEU D 300 56.25 20.09 -27.28
CA LEU D 300 55.82 21.26 -28.04
C LEU D 300 56.39 22.50 -27.38
N VAL D 301 57.23 23.23 -28.11
CA VAL D 301 57.86 24.46 -27.63
C VAL D 301 57.33 25.62 -28.46
N SER D 302 56.88 26.67 -27.80
CA SER D 302 56.36 27.83 -28.52
C SER D 302 56.17 29.00 -27.56
N MET D 303 56.31 30.20 -28.10
CA MET D 303 55.94 31.40 -27.37
C MET D 303 54.47 31.36 -26.99
N HIS D 304 54.13 32.04 -25.89
CA HIS D 304 52.73 32.24 -25.53
C HIS D 304 51.98 32.85 -26.70
N GLY D 305 50.90 32.18 -27.12
CA GLY D 305 50.16 32.66 -28.27
C GLY D 305 49.08 31.68 -28.67
N ALA D 306 48.26 32.12 -29.61
CA ALA D 306 47.08 31.35 -30.01
C ALA D 306 47.44 29.99 -30.58
N GLN D 307 48.60 29.87 -31.23
CA GLN D 307 48.99 28.60 -31.82
C GLN D 307 49.13 27.49 -30.80
N LEU D 308 49.37 27.84 -29.53
CA LEU D 308 49.54 26.82 -28.49
C LEU D 308 48.26 26.08 -28.16
N VAL D 309 47.10 26.56 -28.63
CA VAL D 309 45.86 25.83 -28.40
C VAL D 309 45.88 24.48 -29.10
N THR D 310 46.73 24.31 -30.11
CA THR D 310 46.88 23.02 -30.77
C THR D 310 47.51 21.96 -29.85
N ALA D 311 47.91 22.34 -28.63
CA ALA D 311 48.40 21.35 -27.68
C ALA D 311 47.37 20.29 -27.36
N LEU D 312 46.08 20.56 -27.57
CA LEU D 312 45.06 19.56 -27.34
C LEU D 312 45.17 18.39 -28.29
N PHE D 313 45.94 18.53 -29.37
CA PHE D 313 46.20 17.44 -30.29
C PHE D 313 47.43 16.62 -29.90
N LEU D 314 48.19 17.05 -28.89
CA LEU D 314 49.38 16.32 -28.48
C LEU D 314 49.01 14.93 -27.96
N PRO D 315 49.87 13.95 -28.14
CA PRO D 315 49.64 12.64 -27.54
C PRO D 315 49.82 12.69 -26.02
N ARG D 316 49.17 11.76 -25.34
CA ARG D 316 49.28 11.69 -23.89
C ARG D 316 50.74 11.47 -23.48
N GLY D 317 51.17 12.18 -22.44
CA GLY D 317 52.52 12.08 -21.96
C GLY D 317 53.49 13.08 -22.54
N ALA D 318 53.10 13.83 -23.56
CA ALA D 318 53.98 14.83 -24.14
C ALA D 318 54.14 16.02 -23.19
N ALA D 319 55.11 16.88 -23.50
CA ALA D 319 55.41 18.04 -22.69
C ALA D 319 55.12 19.32 -23.46
N VAL D 320 54.58 20.31 -22.75
CA VAL D 320 54.34 21.64 -23.31
C VAL D 320 55.33 22.61 -22.69
N VAL D 321 56.11 23.28 -23.53
CA VAL D 321 57.05 24.29 -23.09
C VAL D 321 56.57 25.63 -23.66
N GLU D 322 56.04 26.49 -22.79
CA GLU D 322 55.52 27.79 -23.19
C GLU D 322 56.50 28.87 -22.75
N LEU D 323 56.94 29.69 -23.70
CA LEU D 323 57.90 30.75 -23.45
C LEU D 323 57.18 32.09 -23.34
N PHE D 324 57.59 32.89 -22.36
CA PHE D 324 56.97 34.17 -22.09
C PHE D 324 57.97 35.31 -22.26
N PRO D 325 57.58 36.40 -22.91
CA PRO D 325 58.51 37.51 -23.14
C PRO D 325 58.83 38.24 -21.84
N TYR D 326 59.78 39.17 -21.96
CA TYR D 326 60.22 39.96 -20.81
C TYR D 326 59.05 40.72 -20.19
N ALA D 327 59.04 40.76 -18.86
CA ALA D 327 58.05 41.46 -18.03
C ALA D 327 56.67 40.79 -18.03
N VAL D 328 56.54 39.61 -18.60
CA VAL D 328 55.27 38.90 -18.66
C VAL D 328 55.36 37.71 -17.71
N ASN D 329 54.67 37.81 -16.57
CA ASN D 329 54.68 36.74 -15.58
C ASN D 329 53.83 35.57 -16.09
N PRO D 330 54.40 34.37 -16.20
CA PRO D 330 53.62 33.22 -16.69
C PRO D 330 52.41 32.89 -15.82
N ASP D 331 52.47 33.21 -14.52
CA ASP D 331 51.37 32.88 -13.62
C ASP D 331 50.13 33.73 -13.86
N HIS D 332 50.25 34.84 -14.58
CA HIS D 332 49.13 35.73 -14.84
C HIS D 332 48.38 35.40 -16.12
N TYR D 333 48.96 34.60 -17.00
CA TYR D 333 48.40 34.34 -18.34
C TYR D 333 48.49 32.84 -18.59
N THR D 334 47.45 32.12 -18.17
CA THR D 334 47.52 30.66 -18.10
C THR D 334 46.45 29.93 -18.92
N PRO D 335 46.08 30.37 -20.12
CA PRO D 335 45.08 29.59 -20.87
C PRO D 335 45.60 28.26 -21.37
N TYR D 336 46.89 28.18 -21.72
CA TYR D 336 47.49 26.94 -22.18
C TYR D 336 48.06 26.12 -21.04
N LYS D 337 48.50 26.78 -19.96
CA LYS D 337 48.80 26.05 -18.74
C LYS D 337 47.56 25.33 -18.20
N THR D 338 46.41 26.02 -18.21
CA THR D 338 45.18 25.39 -17.76
C THR D 338 44.81 24.20 -18.64
N LEU D 339 44.93 24.35 -19.96
CA LEU D 339 44.62 23.25 -20.86
C LEU D 339 45.56 22.07 -20.66
N ALA D 340 46.87 22.35 -20.54
CA ALA D 340 47.84 21.27 -20.45
C ALA D 340 47.69 20.48 -19.15
N THR D 341 47.29 21.13 -18.06
CA THR D 341 47.21 20.48 -16.75
C THR D 341 45.81 20.08 -16.36
N LEU D 342 44.87 20.08 -17.30
CA LEU D 342 43.52 19.61 -17.00
C LEU D 342 43.58 18.14 -16.59
N PRO D 343 42.76 17.71 -15.63
CA PRO D 343 42.72 16.29 -15.27
C PRO D 343 42.35 15.45 -16.47
N GLY D 344 43.17 14.42 -16.73
CA GLY D 344 42.97 13.55 -17.87
C GLY D 344 43.67 13.98 -19.15
N MET D 345 44.20 15.20 -19.20
CA MET D 345 44.96 15.62 -20.38
C MET D 345 46.30 14.91 -20.45
N ASP D 346 46.92 14.66 -19.29
CA ASP D 346 48.17 13.91 -19.18
C ASP D 346 49.28 14.56 -20.00
N LEU D 347 49.46 15.86 -19.80
CA LEU D 347 50.53 16.62 -20.43
C LEU D 347 51.38 17.28 -19.36
N GLN D 348 52.69 17.28 -19.57
CA GLN D 348 53.60 18.04 -18.71
C GLN D 348 53.68 19.47 -19.22
N TYR D 349 53.67 20.42 -18.29
CA TYR D 349 53.69 21.83 -18.62
C TYR D 349 54.92 22.49 -18.02
N ILE D 350 55.63 23.26 -18.84
CA ILE D 350 56.82 24.00 -18.42
C ILE D 350 56.69 25.43 -18.93
N ALA D 351 56.81 26.39 -18.02
CA ALA D 351 56.81 27.80 -18.37
C ALA D 351 58.20 28.37 -18.19
N TRP D 352 58.65 29.17 -19.17
CA TRP D 352 59.92 29.86 -19.11
C TRP D 352 59.69 31.34 -19.42
N GLN D 353 60.29 32.21 -18.63
CA GLN D 353 60.13 33.65 -18.78
C GLN D 353 61.48 34.29 -19.03
N ASN D 354 61.56 35.11 -20.08
CA ASN D 354 62.76 35.88 -20.35
C ASN D 354 62.93 36.95 -19.28
N THR D 355 64.03 36.88 -18.52
CA THR D 355 64.28 37.81 -17.44
C THR D 355 65.49 38.71 -17.71
N MET D 356 65.93 38.79 -18.96
CA MET D 356 67.13 39.55 -19.31
C MET D 356 66.78 40.63 -20.33
N PRO D 357 66.90 41.92 -19.96
CA PRO D 357 66.48 42.98 -20.89
C PRO D 357 67.28 43.04 -22.17
N GLU D 358 68.55 42.60 -22.14
CA GLU D 358 69.36 42.61 -23.34
C GLU D 358 68.93 41.57 -24.36
N ASN D 359 68.02 40.66 -24.01
CA ASN D 359 67.53 39.63 -24.91
C ASN D 359 66.12 39.90 -25.41
N THR D 360 65.57 41.08 -25.13
CA THR D 360 64.24 41.44 -25.60
C THR D 360 64.34 42.62 -26.57
N VAL D 361 63.43 42.63 -27.54
CA VAL D 361 63.34 43.70 -28.53
C VAL D 361 61.92 44.25 -28.48
N THR D 362 61.81 45.54 -28.16
CA THR D 362 60.52 46.21 -28.12
C THR D 362 60.24 46.89 -29.45
N HIS D 363 58.96 47.19 -29.68
CA HIS D 363 58.52 47.88 -30.89
C HIS D 363 57.60 49.03 -30.47
N PRO D 364 58.17 50.12 -29.95
CA PRO D 364 57.31 51.21 -29.42
C PRO D 364 56.64 52.03 -30.50
N GLU D 365 57.10 51.97 -31.75
CA GLU D 365 56.54 52.78 -32.82
C GLU D 365 55.46 52.06 -33.62
N ARG D 366 55.15 50.80 -33.28
CA ARG D 366 54.14 50.06 -33.99
C ARG D 366 52.76 50.61 -33.69
N PRO D 367 51.75 50.25 -34.47
CA PRO D 367 50.37 50.64 -34.12
C PRO D 367 49.96 50.08 -32.77
N TRP D 368 48.85 50.62 -32.24
CA TRP D 368 48.42 50.28 -30.90
C TRP D 368 48.12 48.79 -30.76
N ASP D 369 47.46 48.21 -31.77
CA ASP D 369 47.03 46.81 -31.69
C ASP D 369 48.18 45.83 -31.82
N GLN D 370 49.41 46.32 -32.02
CA GLN D 370 50.58 45.45 -32.11
C GLN D 370 51.66 45.86 -31.11
N GLY D 371 51.31 46.65 -30.10
CA GLY D 371 52.19 46.89 -28.97
C GLY D 371 52.92 48.21 -28.96
N GLY D 372 52.68 49.10 -29.93
CA GLY D 372 53.33 50.39 -29.91
C GLY D 372 52.79 51.28 -28.80
N ILE D 373 53.66 52.17 -28.32
CA ILE D 373 53.30 53.10 -27.25
C ILE D 373 53.53 54.55 -27.65
N ALA D 374 53.88 54.81 -28.91
CA ALA D 374 54.16 56.16 -29.36
C ALA D 374 52.92 57.06 -29.32
N HIS D 375 51.73 56.46 -29.23
CA HIS D 375 50.48 57.20 -29.21
C HIS D 375 50.05 57.63 -27.80
N LEU D 376 50.95 57.51 -26.83
CA LEU D 376 50.62 57.83 -25.44
C LEU D 376 51.42 59.04 -24.98
N ASP D 377 50.92 59.67 -23.90
CA ASP D 377 51.63 60.78 -23.29
C ASP D 377 53.02 60.34 -22.85
N ARG D 378 53.96 61.28 -22.88
CA ARG D 378 55.37 60.95 -22.64
C ARG D 378 55.57 60.36 -21.25
N ALA D 379 54.87 60.89 -20.25
CA ALA D 379 55.01 60.36 -18.90
C ALA D 379 54.41 58.96 -18.78
N GLU D 380 53.42 58.64 -19.61
CA GLU D 380 52.86 57.29 -19.61
C GLU D 380 53.78 56.31 -20.34
N GLN D 381 54.46 56.79 -21.39
CA GLN D 381 55.47 55.94 -22.03
C GLN D 381 56.62 55.63 -21.08
N ALA D 382 56.98 56.61 -20.25
CA ALA D 382 58.11 56.43 -19.34
C ALA D 382 57.82 55.37 -18.28
N ARG D 383 56.61 55.39 -17.69
CA ARG D 383 56.29 54.39 -16.67
C ARG D 383 56.22 52.99 -17.26
N ILE D 384 55.79 52.86 -18.52
CA ILE D 384 55.78 51.56 -19.17
C ILE D 384 57.21 51.08 -19.39
N LEU D 385 58.07 51.94 -19.93
CA LEU D 385 59.44 51.57 -20.23
C LEU D 385 60.22 51.22 -18.97
N GLN D 386 59.92 51.87 -17.86
CA GLN D 386 60.61 51.63 -16.60
C GLN D 386 59.99 50.52 -15.77
N SER D 387 58.87 49.95 -16.23
CA SER D 387 58.21 48.87 -15.52
C SER D 387 58.80 47.53 -15.95
N ARG D 388 59.00 46.63 -14.97
CA ARG D 388 59.60 45.33 -15.23
C ARG D 388 58.63 44.17 -15.10
N GLU D 389 57.36 44.44 -14.75
CA GLU D 389 56.33 43.41 -14.81
C GLU D 389 55.00 44.08 -15.13
N VAL D 390 54.29 43.52 -16.11
CA VAL D 390 52.97 44.00 -16.49
C VAL D 390 52.04 43.81 -15.29
N PRO D 391 51.42 44.88 -14.79
CA PRO D 391 50.50 44.73 -13.66
C PRO D 391 49.23 44.00 -14.06
N ARG D 392 48.56 43.44 -13.06
CA ARG D 392 47.25 42.84 -13.29
C ARG D 392 46.32 43.88 -13.86
N HIS D 393 45.45 43.45 -14.78
CA HIS D 393 44.61 44.38 -15.50
C HIS D 393 43.37 43.67 -16.01
N LEU D 394 42.37 44.46 -16.38
CA LEU D 394 41.15 43.94 -17.00
C LEU D 394 41.22 44.11 -18.51
N CYS D 395 40.46 43.26 -19.20
CA CYS D 395 40.24 43.42 -20.63
C CYS D 395 39.58 44.77 -20.92
N CYS D 396 39.94 45.39 -22.04
CA CYS D 396 40.94 44.90 -22.98
C CYS D 396 41.89 46.01 -23.42
N ARG D 397 42.86 45.64 -24.26
CA ARG D 397 43.73 46.60 -24.94
C ARG D 397 44.57 47.42 -23.97
N ASN D 398 45.00 46.79 -22.88
CA ASN D 398 45.88 47.48 -21.95
C ASN D 398 47.22 47.77 -22.63
N PRO D 399 47.68 49.02 -22.63
CA PRO D 399 48.85 49.37 -23.45
C PRO D 399 50.13 48.67 -23.01
N GLU D 400 50.38 48.57 -21.70
CA GLU D 400 51.61 47.92 -21.25
C GLU D 400 51.59 46.43 -21.57
N TRP D 401 50.43 45.77 -21.44
CA TRP D 401 50.33 44.36 -21.77
C TRP D 401 50.62 44.12 -23.25
N LEU D 402 50.01 44.93 -24.13
CA LEU D 402 50.27 44.80 -25.56
C LEU D 402 51.70 45.14 -25.91
N PHE D 403 52.31 46.08 -25.18
CA PHE D 403 53.69 46.46 -25.47
C PHE D 403 54.65 45.30 -25.19
N ARG D 404 54.43 44.59 -24.08
CA ARG D 404 55.36 43.52 -23.71
C ARG D 404 55.04 42.21 -24.41
N ILE D 405 53.76 41.91 -24.66
CA ILE D 405 53.41 40.63 -25.26
C ILE D 405 53.76 40.58 -26.74
N TYR D 406 54.01 41.72 -27.37
CA TYR D 406 54.44 41.74 -28.77
C TYR D 406 55.92 42.08 -28.91
N GLN D 407 56.69 41.92 -27.83
CA GLN D 407 58.14 41.94 -27.95
C GLN D 407 58.61 40.71 -28.71
N ASP D 408 59.82 40.81 -29.26
CA ASP D 408 60.55 39.65 -29.74
C ASP D 408 61.55 39.22 -28.67
N THR D 409 61.93 37.95 -28.71
CA THR D 409 62.71 37.38 -27.61
C THR D 409 63.83 36.50 -28.16
N LYS D 410 65.04 36.74 -27.65
CA LYS D 410 66.14 35.79 -27.81
C LYS D 410 66.17 34.89 -26.57
N VAL D 411 65.96 33.60 -26.78
CA VAL D 411 65.83 32.67 -25.66
C VAL D 411 67.22 32.34 -25.12
N ASP D 412 67.41 32.58 -23.83
CA ASP D 412 68.62 32.13 -23.15
C ASP D 412 68.58 30.61 -23.02
N ILE D 413 69.41 29.93 -23.80
CA ILE D 413 69.32 28.49 -23.94
C ILE D 413 69.66 27.74 -22.65
N PRO D 414 70.76 28.07 -21.94
CA PRO D 414 71.01 27.36 -20.68
C PRO D 414 69.92 27.55 -19.64
N SER D 415 69.28 28.72 -19.62
CA SER D 415 68.19 28.92 -18.66
C SER D 415 66.96 28.09 -19.03
N LEU D 416 66.65 27.98 -20.32
CA LEU D 416 65.49 27.20 -20.75
C LEU D 416 65.71 25.72 -20.50
N ILE D 417 66.89 25.21 -20.85
CA ILE D 417 67.17 23.78 -20.65
C ILE D 417 67.08 23.42 -19.18
N GLN D 418 67.66 24.26 -18.31
CA GLN D 418 67.58 24.03 -16.88
C GLN D 418 66.14 24.04 -16.40
N THR D 419 65.33 24.96 -16.93
CA THR D 419 63.92 25.04 -16.56
C THR D 419 63.18 23.78 -16.98
N ILE D 420 63.42 23.32 -18.22
CA ILE D 420 62.75 22.11 -18.70
C ILE D 420 63.16 20.91 -17.87
N ARG D 421 64.44 20.81 -17.52
CA ARG D 421 64.96 19.63 -16.84
C ARG D 421 64.41 19.48 -15.42
N ARG D 422 63.86 20.54 -14.83
CA ARG D 422 63.23 20.42 -13.52
C ARG D 422 61.92 19.65 -13.59
N VAL D 423 61.29 19.58 -14.76
CA VAL D 423 60.06 18.83 -14.95
C VAL D 423 60.28 17.61 -15.83
N VAL D 424 61.11 17.74 -16.87
CA VAL D 424 61.36 16.63 -17.79
C VAL D 424 62.75 16.06 -17.53
N LYS D 425 62.82 15.05 -16.66
CA LYS D 425 64.05 14.30 -16.45
C LYS D 425 64.04 13.10 -17.40
N GLY D 426 65.16 12.89 -18.08
CA GLY D 426 65.25 11.79 -19.02
C GLY D 426 64.56 12.09 -20.34
N HIS D 427 63.86 11.12 -20.88
CA HIS D 427 63.29 11.32 -22.21
C HIS D 427 61.88 11.88 -22.13
N PRO D 428 61.56 12.88 -22.94
CA PRO D 428 60.21 13.44 -22.93
C PRO D 428 59.25 12.60 -23.74
N GLY D 429 57.96 12.82 -23.49
CA GLY D 429 56.91 12.10 -24.16
C GLY D 429 56.52 10.83 -23.44
N PRO D 430 55.57 10.08 -24.01
CA PRO D 430 55.06 8.82 -23.46
C PRO D 430 56.16 7.80 -23.18
N LYS D 432 56.78 4.77 -23.63
CA LYS D 432 55.59 3.95 -23.85
C LYS D 432 54.81 3.76 -22.55
N GLN D 433 54.21 4.84 -22.06
CA GLN D 433 53.41 4.80 -20.85
C GLN D 433 51.97 4.42 -21.16
N LYS D 434 51.25 4.03 -20.12
CA LYS D 434 49.84 3.67 -20.22
C LYS D 434 49.09 4.34 -19.09
N TRP D 435 47.93 4.93 -19.41
CA TRP D 435 47.17 5.74 -18.46
C TRP D 435 45.89 5.02 -18.07
N THR D 436 45.76 4.73 -16.79
CA THR D 436 44.54 4.13 -16.29
C THR D 436 43.43 5.18 -16.20
N VAL D 437 42.22 4.68 -16.12
CA VAL D 437 41.03 5.51 -15.96
C VAL D 437 40.82 5.75 -14.47
N SER D 438 40.45 6.98 -14.11
CA SER D 438 40.33 7.39 -12.71
C SER D 438 38.87 7.35 -12.29
N LEU D 439 38.54 6.39 -11.43
CA LEU D 439 37.16 6.08 -11.05
C LEU D 439 36.91 6.45 -9.59
N TYR D 440 35.65 6.64 -9.27
CA TYR D 440 35.28 6.98 -7.91
C TYR D 440 34.51 5.84 -7.27
N PRO D 441 34.67 5.64 -5.96
CA PRO D 441 33.92 4.59 -5.28
C PRO D 441 32.43 4.87 -5.29
N GLY D 442 31.65 3.81 -5.20
CA GLY D 442 30.25 3.93 -4.85
C GLY D 442 30.10 4.09 -3.36
N LYS D 443 28.84 4.09 -2.92
CA LYS D 443 28.58 4.13 -1.49
C LYS D 443 28.92 2.79 -0.86
N VAL D 444 29.42 2.83 0.39
CA VAL D 444 29.52 1.61 1.15
C VAL D 444 28.11 1.07 1.39
N ARG D 445 28.03 -0.24 1.60
CA ARG D 445 26.75 -0.93 1.68
C ARG D 445 26.60 -1.63 3.02
N GLU D 446 25.35 -1.77 3.46
CA GLU D 446 25.01 -2.59 4.62
C GLU D 446 25.72 -2.10 5.89
N ALA D 447 25.76 -0.78 6.08
CA ALA D 447 26.35 -0.22 7.28
C ALA D 447 25.49 -0.59 8.49
N ARG D 448 26.13 -1.08 9.55
CA ARG D 448 25.43 -1.57 10.72
C ARG D 448 26.20 -1.22 11.99
N CYS D 449 25.45 -0.99 13.06
CA CYS D 449 26.01 -0.97 14.40
C CYS D 449 26.25 -2.40 14.87
N GLN D 450 27.42 -2.65 15.44
CA GLN D 450 27.76 -3.97 15.96
C GLN D 450 27.82 -3.94 17.47
N ALA D 451 27.81 -5.13 18.06
CA ALA D 451 27.86 -5.25 19.51
C ALA D 451 29.29 -5.08 20.01
N SER D 452 29.41 -4.65 21.27
CA SER D 452 30.71 -4.49 21.91
C SER D 452 30.51 -4.37 23.40
N VAL D 453 31.59 -4.59 24.15
CA VAL D 453 31.55 -4.46 25.60
C VAL D 453 31.36 -3.00 25.98
N GLN D 454 30.48 -2.76 26.94
CA GLN D 454 30.24 -1.40 27.44
C GLN D 454 30.96 -1.17 28.76
N SER D 457 31.65 2.49 34.28
CA SER D 457 32.50 1.81 33.31
C SER D 457 33.11 2.80 32.33
N GLU D 458 32.85 2.57 31.04
CA GLU D 458 33.18 3.49 29.96
C GLU D 458 32.59 2.93 28.66
N ALA D 459 32.24 3.80 27.72
CA ALA D 459 31.41 3.43 26.58
C ALA D 459 32.24 3.03 25.37
N ARG D 460 31.62 2.22 24.52
CA ARG D 460 32.22 1.77 23.27
C ARG D 460 31.15 1.74 22.19
N LEU D 461 31.59 1.92 20.94
CA LEU D 461 30.69 1.92 19.79
C LEU D 461 31.38 1.23 18.63
N SER D 462 30.75 0.18 18.11
CA SER D 462 31.32 -0.60 17.01
C SER D 462 30.39 -0.55 15.81
N VAL D 463 30.99 -0.44 14.62
CA VAL D 463 30.25 -0.36 13.36
C VAL D 463 30.97 -1.20 12.32
N SER D 464 30.24 -1.57 11.27
CA SER D 464 30.82 -2.31 10.16
C SER D 464 30.06 -1.95 8.88
N TRP D 465 30.67 -2.28 7.75
CA TRP D 465 30.07 -1.99 6.46
C TRP D 465 30.69 -2.90 5.41
N GLN D 466 29.98 -3.03 4.29
CA GLN D 466 30.47 -3.78 3.14
C GLN D 466 31.06 -2.83 2.10
N ILE D 467 31.92 -3.37 1.25
CA ILE D 467 32.60 -2.58 0.23
C ILE D 467 31.57 -1.99 -0.73
N PRO D 468 31.89 -0.88 -1.40
CA PRO D 468 31.00 -0.38 -2.45
C PRO D 468 30.81 -1.43 -3.54
N TRP D 469 29.65 -1.37 -4.20
CA TRP D 469 29.29 -2.41 -5.15
C TRP D 469 30.29 -2.50 -6.30
N ASN D 470 30.72 -1.35 -6.82
CA ASN D 470 31.61 -1.37 -7.97
C ASN D 470 33.02 -1.83 -7.60
N LEU D 471 33.39 -1.76 -6.32
CA LEU D 471 34.70 -2.28 -5.90
C LEU D 471 34.79 -3.80 -6.09
N LYS D 472 33.66 -4.48 -6.20
CA LYS D 472 33.68 -5.93 -6.45
C LYS D 472 34.36 -6.25 -7.78
N TYR D 473 34.31 -5.33 -8.73
CA TYR D 473 34.87 -5.56 -10.06
C TYR D 473 36.10 -4.69 -10.34
N LEU D 474 36.68 -4.10 -9.31
CA LEU D 474 37.81 -3.19 -9.47
C LEU D 474 39.05 -3.73 -8.78
N LYS D 475 40.21 -3.27 -9.24
CA LYS D 475 41.48 -3.46 -8.57
C LYS D 475 42.07 -2.10 -8.28
N VAL D 476 42.25 -1.78 -7.01
CA VAL D 476 42.66 -0.44 -6.58
C VAL D 476 43.87 -0.58 -5.67
N ARG D 477 44.85 0.31 -5.86
CA ARG D 477 46.08 0.24 -5.05
C ARG D 477 45.78 0.50 -3.58
N GLU D 478 45.04 1.57 -3.29
CA GLU D 478 44.77 1.97 -1.91
C GLU D 478 43.28 2.20 -1.74
N VAL D 479 42.67 1.50 -0.80
CA VAL D 479 41.27 1.66 -0.45
C VAL D 479 41.19 2.04 1.02
N LYS D 480 40.66 3.23 1.30
CA LYS D 480 40.47 3.71 2.66
C LYS D 480 39.02 4.13 2.84
N TYR D 481 38.63 4.32 4.10
CA TYR D 481 37.29 4.74 4.45
C TYR D 481 37.38 5.92 5.42
N GLU D 482 36.77 7.04 5.05
CA GLU D 482 36.68 8.19 5.94
C GLU D 482 35.38 8.11 6.73
N VAL D 483 35.48 8.21 8.05
CA VAL D 483 34.33 8.11 8.94
C VAL D 483 34.23 9.39 9.74
N TRP D 484 33.04 9.98 9.76
CA TRP D 484 32.75 11.17 10.56
C TRP D 484 31.86 10.76 11.72
N LEU D 485 32.35 10.93 12.94
CA LEU D 485 31.62 10.58 14.15
C LEU D 485 30.95 11.83 14.71
N GLN D 486 29.62 11.88 14.63
CA GLN D 486 28.85 13.03 15.08
C GLN D 486 27.92 12.60 16.21
N GLU D 487 27.93 13.34 17.31
CA GLU D 487 26.98 13.12 18.38
C GLU D 487 25.67 13.83 18.03
N GLN D 488 24.56 13.10 18.15
CA GLN D 488 23.26 13.68 17.87
C GLN D 488 23.03 14.91 18.75
N GLY D 489 22.51 15.97 18.14
CA GLY D 489 22.36 17.24 18.81
C GLY D 489 23.56 18.16 18.71
N GLU D 490 24.61 17.75 18.00
CA GLU D 490 25.79 18.58 17.77
C GLU D 490 25.98 18.79 16.28
N ASN D 491 26.49 19.97 15.92
CA ASN D 491 26.73 20.33 14.53
C ASN D 491 28.21 20.22 14.18
N THR D 492 28.90 19.21 14.71
CA THR D 492 30.30 18.99 14.40
C THR D 492 30.57 17.49 14.43
N TYR D 493 31.79 17.11 14.04
CA TYR D 493 32.15 15.71 13.94
C TYR D 493 33.64 15.55 14.20
N VAL D 494 34.03 14.31 14.47
CA VAL D 494 35.43 13.91 14.57
C VAL D 494 35.74 12.99 13.39
N PRO D 495 36.71 13.31 12.55
CA PRO D 495 37.00 12.48 11.38
C PRO D 495 38.02 11.39 11.67
N TYR D 496 37.84 10.26 10.98
CA TYR D 496 38.76 9.13 11.06
C TYR D 496 39.04 8.62 9.66
N MET D 497 40.27 8.15 9.46
CA MET D 497 40.67 7.48 8.23
C MET D 497 41.05 6.04 8.58
N LEU D 498 40.36 5.08 7.97
CA LEU D 498 40.49 3.68 8.35
C LEU D 498 40.77 2.82 7.14
N ALA D 499 41.49 1.72 7.37
CA ALA D 499 41.75 0.72 6.34
C ALA D 499 40.82 -0.49 6.43
N LEU D 500 40.34 -0.81 7.62
CA LEU D 500 39.43 -1.93 7.78
C LEU D 500 37.99 -1.48 7.52
N GLN D 501 37.13 -2.47 7.25
CA GLN D 501 35.71 -2.22 7.01
C GLN D 501 34.89 -2.22 8.30
N ASN D 502 35.53 -1.90 9.43
CA ASN D 502 34.87 -1.92 10.73
C ASN D 502 35.74 -1.15 11.71
N HIS D 503 35.15 -0.77 12.83
CA HIS D 503 35.88 0.00 13.84
C HIS D 503 35.10 -0.03 15.14
N THR D 504 35.85 0.09 16.24
CA THR D 504 35.28 0.25 17.58
C THR D 504 35.81 1.56 18.14
N PHE D 505 34.92 2.54 18.28
CA PHE D 505 35.30 3.82 18.87
C PHE D 505 35.30 3.69 20.39
N THR D 506 36.34 4.22 21.02
CA THR D 506 36.45 4.20 22.48
C THR D 506 36.63 5.58 23.08
N GLU D 507 37.37 6.46 22.42
CA GLU D 507 37.76 7.74 23.01
C GLU D 507 36.59 8.71 22.96
N ASN D 508 36.24 9.25 24.13
CA ASN D 508 35.19 10.26 24.27
C ASN D 508 33.83 9.77 23.79
N ILE D 509 33.61 8.46 23.91
CA ILE D 509 32.29 7.89 23.68
C ILE D 509 31.53 7.90 25.01
N LYS D 510 30.30 8.37 24.98
CA LYS D 510 29.54 8.52 26.21
C LYS D 510 28.39 7.51 26.25
N PRO D 511 28.06 6.99 27.43
CA PRO D 511 26.97 6.02 27.53
C PRO D 511 25.61 6.67 27.32
N PHE D 512 24.66 5.84 26.87
CA PHE D 512 23.27 6.27 26.63
C PHE D 512 23.23 7.48 25.72
N THR D 513 23.99 7.42 24.64
CA THR D 513 24.12 8.51 23.69
C THR D 513 23.96 7.97 22.28
N THR D 514 23.25 8.73 21.44
CA THR D 514 23.05 8.39 20.05
C THR D 514 24.11 9.11 19.20
N TYR D 515 24.76 8.36 18.31
CA TYR D 515 25.77 8.91 17.43
C TYR D 515 25.35 8.71 15.98
N LEU D 516 25.76 9.65 15.13
CA LEU D 516 25.53 9.58 13.69
C LEU D 516 26.86 9.29 13.01
N VAL D 517 26.91 8.21 12.24
CA VAL D 517 28.13 7.73 11.61
C VAL D 517 28.02 7.90 10.11
N TRP D 518 28.88 8.73 9.54
CA TRP D 518 28.95 8.96 8.10
C TRP D 518 30.20 8.27 7.55
N ILE D 519 30.02 7.47 6.50
CA ILE D 519 31.10 6.65 5.94
C ILE D 519 31.18 6.90 4.45
N ARG D 520 32.39 7.12 3.95
CA ARG D 520 32.64 7.17 2.52
C ARG D 520 33.98 6.50 2.22
N CYS D 521 34.07 5.92 1.03
CA CYS D 521 35.26 5.22 0.59
C CYS D 521 36.10 6.10 -0.32
N ILE D 522 37.41 5.96 -0.22
CA ILE D 522 38.35 6.81 -0.95
C ILE D 522 39.35 5.92 -1.69
N PHE D 523 39.45 6.10 -3.00
CA PHE D 523 40.45 5.41 -3.81
C PHE D 523 41.69 6.29 -3.94
N ASN D 524 42.85 5.73 -3.60
CA ASN D 524 44.15 6.38 -3.85
C ASN D 524 44.18 7.81 -3.31
N LYS D 525 43.71 7.97 -2.07
CA LYS D 525 43.82 9.20 -1.31
C LYS D 525 42.95 10.35 -1.82
N THR D 526 42.84 10.50 -3.15
CA THR D 526 42.23 11.70 -3.72
C THR D 526 40.87 11.46 -4.37
N LEU D 527 40.48 10.22 -4.63
CA LEU D 527 39.21 9.95 -5.31
C LEU D 527 38.15 9.68 -4.25
N LEU D 528 37.47 10.76 -3.85
CA LEU D 528 36.49 10.70 -2.76
C LEU D 528 35.15 10.19 -3.28
N GLY D 529 34.65 9.11 -2.68
CA GLY D 529 33.35 8.60 -3.01
C GLY D 529 32.26 9.29 -2.22
N PRO D 530 31.00 8.95 -2.51
CA PRO D 530 29.89 9.57 -1.79
C PRO D 530 29.68 8.98 -0.41
N PHE D 531 29.14 9.80 0.48
CA PHE D 531 28.71 9.31 1.78
C PHE D 531 27.46 8.47 1.62
N ALA D 532 27.38 7.38 2.40
CA ALA D 532 26.18 6.58 2.43
C ALA D 532 25.12 7.28 3.28
N ASP D 533 23.94 6.68 3.36
CA ASP D 533 22.94 7.15 4.31
C ASP D 533 23.51 7.04 5.72
N VAL D 534 23.16 8.01 6.56
CA VAL D 534 23.75 8.08 7.90
C VAL D 534 23.41 6.82 8.68
N LEU D 535 24.37 6.35 9.47
CA LEU D 535 24.20 5.20 10.33
C LEU D 535 23.95 5.69 11.75
N VAL D 536 22.79 5.37 12.30
CA VAL D 536 22.37 5.83 13.63
C VAL D 536 22.64 4.71 14.63
N CYS D 537 23.50 4.98 15.60
CA CYS D 537 23.90 4.00 16.61
C CYS D 537 23.81 4.64 17.99
N SER D 538 23.14 3.96 18.92
CA SER D 538 23.02 4.41 20.29
C SER D 538 23.82 3.50 21.22
N THR D 539 24.46 4.08 22.20
CA THR D 539 25.19 3.31 23.21
C THR D 539 24.25 2.93 24.35
N ARG E 4 -1.44 -3.38 9.52
CA ARG E 4 -1.16 -3.37 10.95
C ARG E 4 -2.11 -4.30 11.70
N THR E 5 -1.67 -4.73 12.88
CA THR E 5 -2.50 -5.60 13.72
C THR E 5 -3.73 -4.85 14.19
N ARG E 6 -4.90 -5.41 13.90
CA ARG E 6 -6.15 -4.77 14.31
C ARG E 6 -6.32 -4.88 15.83
N GLY E 7 -6.74 -3.77 16.45
CA GLY E 7 -6.92 -3.69 17.89
C GLY E 7 -8.38 -3.52 18.27
N ALA E 8 -8.64 -3.72 19.57
CA ALA E 8 -10.00 -3.66 20.09
C ALA E 8 -10.58 -2.27 19.92
N ILE E 9 -11.91 -2.20 19.86
CA ILE E 9 -12.59 -0.94 19.52
C ILE E 9 -12.91 -0.09 20.75
N ILE E 10 -12.96 -0.70 21.95
CA ILE E 10 -13.47 -0.17 23.23
C ILE E 10 -14.82 -0.83 23.48
N GLN E 11 0.06 -4.58 10.09
N GLN E 11 -15.03 -1.35 24.69
CA GLN E 11 -0.80 -3.71 10.87
CA GLN E 11 -16.17 -2.18 25.02
C GLN E 11 -1.83 -4.53 11.66
C GLN E 11 -17.18 -1.43 25.89
N THR E 12 -1.53 -4.74 12.94
N THR E 12 -18.44 -1.87 25.80
CA THR E 12 -2.39 -5.59 13.77
CA THR E 12 -19.53 -1.24 26.55
C THR E 12 -3.65 -4.83 14.17
C THR E 12 -19.35 -1.47 28.04
N PRO E 13 -4.84 -5.31 13.82
N PRO E 13 -19.91 -0.59 28.89
CA PRO E 13 -6.08 -4.62 14.23
CA PRO E 13 -19.83 -0.81 30.34
C PRO E 13 -6.27 -4.70 15.74
C PRO E 13 -20.50 -2.11 30.74
N THR E 14 -6.31 -3.54 16.38
N THR E 14 -19.90 -2.79 31.72
CA THR E 14 -6.52 -3.48 17.82
CA THR E 14 -20.30 -4.14 32.09
C THR E 14 -8.01 -3.56 18.16
C THR E 14 -21.11 -4.20 33.38
N LEU E 15 -8.29 -3.84 19.43
N LEU E 15 -21.43 -3.06 33.99
CA LEU E 15 -9.66 -3.90 19.89
CA LEU E 15 -22.15 -3.09 35.26
C LEU E 15 -10.21 -2.49 20.16
C LEU E 15 -23.62 -2.73 35.07
N GLY E 16 -11.46 -2.27 19.80
N GLY E 16 -23.92 -1.48 34.73
CA GLY E 16 -12.13 -1.04 20.13
CA GLY E 16 -25.27 -1.09 34.46
C GLY E 16 -12.62 -1.04 21.56
C GLY E 16 -25.54 0.40 34.55
N PRO E 17 -13.03 0.13 22.03
N PRO E 17 -26.82 0.79 34.43
CA PRO E 17 -13.59 0.22 23.39
CA PRO E 17 -27.25 2.19 34.51
C PRO E 17 -14.82 -0.66 23.53
C PRO E 17 -27.25 2.74 35.94
N ILE E 18 -14.94 -1.31 24.68
CA ILE E 18 -16.05 -2.22 24.98
C ILE E 18 -17.06 -1.51 25.87
N GLN E 19 -18.34 -1.74 25.60
CA GLN E 19 -19.40 -1.11 26.37
C GLN E 19 -19.29 -1.48 27.84
N PRO E 20 -19.75 -0.61 28.74
CA PRO E 20 -19.57 -0.86 30.17
C PRO E 20 -20.40 -2.02 30.69
N THR E 21 -19.88 -2.66 31.73
CA THR E 21 -20.54 -3.78 32.38
C THR E 21 -21.49 -3.37 33.50
N ARG E 22 -21.57 -2.07 33.79
CA ARG E 22 -22.42 -1.53 34.86
C ARG E 22 -22.14 -2.23 36.20
N ILE F 3 1.83 5.28 0.82
CA ILE F 3 2.53 6.35 0.12
C ILE F 3 2.43 7.65 0.91
N ARG F 4 3.57 8.17 1.33
CA ARG F 4 3.64 9.41 2.09
C ARG F 4 4.49 10.43 1.33
N THR F 5 4.32 11.70 1.68
CA THR F 5 5.21 12.73 1.17
C THR F 5 6.61 12.52 1.74
N ARG F 6 7.61 12.46 0.86
CA ARG F 6 8.96 12.13 1.29
C ARG F 6 9.57 13.31 2.03
N GLY F 7 9.97 13.08 3.28
CA GLY F 7 10.64 14.10 4.05
C GLY F 7 12.15 14.02 3.91
N ALA F 8 12.80 15.17 4.11
CA ALA F 8 14.25 15.22 4.00
C ALA F 8 14.90 14.41 5.12
N ILE F 9 15.81 13.51 4.75
CA ILE F 9 16.52 12.68 5.71
C ILE F 9 17.65 13.51 6.31
N ILE F 10 1.76 5.26 0.95
N ILE F 10 18.34 12.94 7.31
CA ILE F 10 2.48 6.31 0.23
CA ILE F 10 19.35 13.70 8.03
C ILE F 10 2.40 7.62 0.99
C ILE F 10 20.50 14.10 7.10
N GLN F 11 3.54 8.08 1.50
N GLN F 11 21.06 15.28 7.36
CA GLN F 11 3.63 9.30 2.27
CA GLN F 11 22.14 15.84 6.56
C GLN F 11 4.47 10.33 1.53
C GLN F 11 23.40 15.99 7.42
N THR F 12 4.38 11.57 1.99
N THR F 12 24.54 16.05 6.74
CA THR F 12 5.20 12.64 1.43
CA THR F 12 25.82 16.10 7.43
C THR F 12 6.67 12.36 1.77
C THR F 12 25.98 17.40 8.20
N PRO F 13 7.56 12.25 0.78
N PRO F 13 26.76 17.39 9.28
CA PRO F 13 8.97 12.01 1.08
CA PRO F 13 27.03 18.63 10.02
C PRO F 13 9.59 13.12 1.93
C PRO F 13 27.76 19.64 9.14
N THR F 14 9.94 12.80 3.17
N THR F 14 27.56 20.92 9.44
CA THR F 14 10.58 13.74 4.06
CA THR F 14 28.00 22.00 8.59
C THR F 14 12.10 13.70 3.89
C THR F 14 29.03 22.93 9.22
N LEU F 15 12.73 14.83 4.18
N LEU F 15 29.51 22.63 10.43
CA LEU F 15 14.19 14.92 4.04
CA LEU F 15 30.46 23.51 11.11
C LEU F 15 14.88 14.11 5.14
C LEU F 15 31.84 22.87 11.29
N GLY F 16 15.94 13.41 4.77
N GLY F 16 32.18 21.91 10.43
CA GLY F 16 16.75 12.72 5.72
CA GLY F 16 33.54 21.41 10.36
C GLY F 16 17.73 13.65 6.41
C GLY F 16 33.87 20.36 11.40
N PRO F 17 18.42 13.12 7.41
N PRO F 17 35.08 19.77 11.28
CA PRO F 17 19.45 13.93 8.10
CA PRO F 17 35.58 18.71 12.17
C PRO F 17 20.58 14.28 7.15
C PRO F 17 35.89 19.21 13.58
N ILE F 18 21.07 15.51 7.27
CA ILE F 18 22.11 16.02 6.39
C ILE F 18 23.40 16.14 7.19
N GLN F 19 24.53 16.11 6.47
CA GLN F 19 25.84 16.16 7.09
C GLN F 19 25.95 17.38 8.00
N PRO F 20 26.70 17.28 9.11
CA PRO F 20 26.92 18.48 9.93
C PRO F 20 27.76 19.50 9.18
N THR F 21 27.42 20.76 9.36
CA THR F 21 28.13 21.86 8.71
C THR F 21 29.35 22.32 9.50
N ARG F 22 29.79 21.54 10.48
CA ARG F 22 30.99 21.77 11.30
C ARG F 22 31.30 23.24 11.62
#